data_1YP2
#
_entry.id   1YP2
#
_cell.length_a   79.465
_cell.length_b   137.551
_cell.length_c   91.623
_cell.angle_alpha   90.00
_cell.angle_beta   112.53
_cell.angle_gamma   90.00
#
_symmetry.space_group_name_H-M   'P 1 21 1'
#
loop_
_entity.id
_entity.type
_entity.pdbx_description
1 polymer 'Glucose-1-phosphate adenylyltransferase small subunit'
2 non-polymer 'SULFATE ION'
3 non-polymer 'PARA-MERCURY-BENZENESULFONIC ACID'
4 water water
#
_entity_poly.entity_id   1
_entity_poly.type   'polypeptide(L)'
_entity_poly.pdbx_seq_one_letter_code
;MAVSDSQNSQTCLDPDASRSVLGIILGGGAGTRLYPLTKKRAKPAVPLGANYRLIDIPVSNCLNSNISKIYVLTQFNSAS
LNRHLSRAYASNMGGYKNEGFVEVLAAQQSPENPDWFQGTADAVRQYLWLFEEHTVLEYLILAGDHLYRMDYEKFIQAHR
ETDADITVAALPMDEKRATAFGLMKIDEEGRIIEFAEKPQGEQLQAMKVDTTILGLDDKRAKEMPFIASMGIYVISKDVM
LNLLRDKFPGANDFGSEVIPGATSLGMRVQAYLYDGYWEDIGTIEAFYNANLGITKKPVPDFSFYDRSAPIYTQPRYLPP
SKMLDADVTDSVIGEGCVIKNCKIHHSVVGLRSCISEGAIIEDSLLMGADYYETDADRKLLAAKGSVPIGIGKNCHIKRA
IIDKNARIGDNVKIINKDNVQEAARETDGYFIKSGIVTVIKDALIPSGIII
;
_entity_poly.pdbx_strand_id   A,B,C,D
#
# COMPACT_ATOMS: atom_id res chain seq x y z
N GLN A 10 -3.56 -23.81 17.29
CA GLN A 10 -4.30 -25.02 17.75
C GLN A 10 -5.61 -25.21 16.95
N THR A 11 -6.41 -24.15 16.83
CA THR A 11 -7.68 -24.20 16.09
C THR A 11 -7.66 -23.17 14.93
N CYS A 12 -7.43 -23.65 13.70
CA CYS A 12 -7.33 -22.76 12.53
C CYS A 12 -8.18 -23.15 11.32
N LEU A 13 -8.65 -22.14 10.60
CA LEU A 13 -9.45 -22.33 9.40
C LEU A 13 -8.58 -22.69 8.22
N ASP A 14 -9.05 -23.67 7.45
CA ASP A 14 -8.34 -24.15 6.27
C ASP A 14 -9.39 -24.55 5.26
N PRO A 15 -9.51 -23.79 4.17
CA PRO A 15 -8.76 -22.57 3.83
C PRO A 15 -9.00 -21.38 4.80
N ASP A 16 -8.03 -20.48 4.87
CA ASP A 16 -8.18 -19.33 5.75
C ASP A 16 -9.35 -18.45 5.29
N ALA A 17 -9.87 -17.68 6.23
CA ALA A 17 -11.03 -16.80 5.99
C ALA A 17 -10.82 -15.80 4.88
N SER A 18 -9.60 -15.28 4.79
CA SER A 18 -9.28 -14.28 3.82
C SER A 18 -9.70 -14.63 2.41
N ARG A 19 -9.47 -15.88 2.01
CA ARG A 19 -9.85 -16.23 0.67
C ARG A 19 -11.11 -17.09 0.57
N SER A 20 -11.55 -17.70 1.66
CA SER A 20 -12.72 -18.54 1.57
C SER A 20 -14.02 -17.99 2.16
N VAL A 21 -13.98 -16.77 2.71
CA VAL A 21 -15.17 -16.15 3.28
C VAL A 21 -15.43 -14.78 2.66
N LEU A 22 -16.67 -14.55 2.23
CA LEU A 22 -17.09 -13.25 1.67
C LEU A 22 -17.95 -12.60 2.75
N GLY A 23 -17.61 -11.37 3.15
CA GLY A 23 -18.39 -10.70 4.18
C GLY A 23 -19.44 -9.84 3.50
N ILE A 24 -20.67 -9.86 4.00
CA ILE A 24 -21.77 -9.11 3.42
C ILE A 24 -22.42 -8.32 4.55
N ILE A 25 -22.22 -7.00 4.52
CA ILE A 25 -22.74 -6.12 5.55
C ILE A 25 -24.05 -5.48 5.09
N LEU A 26 -25.11 -5.68 5.87
CA LEU A 26 -26.43 -5.11 5.53
C LEU A 26 -26.87 -4.02 6.49
N ARG A 33 -35.97 5.67 11.42
CA ARG A 33 -35.09 4.84 12.25
C ARG A 33 -34.15 5.76 13.01
N LEU A 34 -33.08 6.12 12.34
CA LEU A 34 -32.06 6.99 12.87
C LEU A 34 -32.19 8.38 12.22
N TYR A 35 -33.39 8.69 11.71
CA TYR A 35 -33.66 9.99 11.07
C TYR A 35 -33.69 10.99 12.22
N PRO A 36 -33.21 12.22 12.01
CA PRO A 36 -32.63 12.90 10.85
C PRO A 36 -31.11 12.72 10.66
N LEU A 37 -30.48 11.83 11.41
CA LEU A 37 -29.04 11.65 11.20
C LEU A 37 -28.83 11.12 9.78
N THR A 38 -29.88 10.51 9.23
CA THR A 38 -29.83 9.94 7.88
C THR A 38 -30.44 10.79 6.79
N LYS A 39 -30.81 12.03 7.11
CA LYS A 39 -31.42 12.91 6.12
C LYS A 39 -30.48 13.34 4.97
N LYS A 40 -29.21 13.58 5.25
CA LYS A 40 -28.28 14.03 4.21
C LYS A 40 -27.03 13.16 4.04
N ARG A 41 -27.16 11.85 4.26
CA ARG A 41 -26.01 10.97 4.09
C ARG A 41 -26.45 9.53 4.08
N ALA A 42 -25.60 8.66 3.57
CA ALA A 42 -25.91 7.24 3.55
C ALA A 42 -25.79 6.72 5.01
N LYS A 43 -26.74 5.87 5.43
CA LYS A 43 -26.77 5.36 6.79
C LYS A 43 -25.45 4.78 7.38
N PRO A 44 -24.64 4.07 6.57
CA PRO A 44 -23.40 3.53 7.14
C PRO A 44 -22.39 4.61 7.56
N ALA A 45 -22.52 5.81 6.98
CA ALA A 45 -21.61 6.92 7.27
C ALA A 45 -21.96 7.72 8.52
N VAL A 46 -23.02 7.34 9.23
CA VAL A 46 -23.39 8.07 10.43
C VAL A 46 -22.27 8.07 11.47
N PRO A 47 -21.85 9.26 11.93
CA PRO A 47 -20.78 9.40 12.93
C PRO A 47 -21.14 8.67 14.22
N LEU A 48 -20.12 8.07 14.84
CA LEU A 48 -20.27 7.27 16.06
C LEU A 48 -19.06 7.46 17.00
N GLY A 49 -19.31 7.61 18.30
CA GLY A 49 -18.23 7.75 19.28
C GLY A 49 -17.05 8.69 19.05
N ALA A 50 -17.32 9.93 18.66
CA ALA A 50 -16.30 10.95 18.41
C ALA A 50 -15.43 10.88 17.17
N ASN A 51 -14.87 9.71 16.87
CA ASN A 51 -13.94 9.60 15.75
C ASN A 51 -14.28 8.53 14.73
N TYR A 52 -15.43 7.88 14.88
CA TYR A 52 -15.83 6.78 14.00
C TYR A 52 -17.12 7.01 13.23
N ARG A 53 -17.49 5.99 12.47
CA ARG A 53 -18.73 5.97 11.71
C ARG A 53 -19.30 4.58 11.93
N LEU A 54 -20.62 4.43 11.81
CA LEU A 54 -21.31 3.17 12.00
C LEU A 54 -20.69 1.99 11.26
N ILE A 55 -20.33 2.22 10.00
CA ILE A 55 -19.78 1.18 9.15
C ILE A 55 -18.44 0.63 9.64
N ASP A 56 -17.71 1.42 10.44
CA ASP A 56 -16.40 0.99 10.98
C ASP A 56 -16.57 -0.22 11.89
N ILE A 57 -17.72 -0.38 12.54
CA ILE A 57 -17.86 -1.51 13.44
C ILE A 57 -17.80 -2.86 12.74
N PRO A 58 -18.73 -3.15 11.79
CA PRO A 58 -18.66 -4.45 11.11
C PRO A 58 -17.42 -4.64 10.24
N VAL A 59 -16.98 -3.58 9.57
CA VAL A 59 -15.79 -3.72 8.75
C VAL A 59 -14.57 -4.10 9.64
N SER A 60 -14.41 -3.43 10.77
CA SER A 60 -13.29 -3.73 11.65
C SER A 60 -13.38 -5.14 12.24
N ASN A 61 -14.60 -5.58 12.59
CA ASN A 61 -14.74 -6.93 13.12
C ASN A 61 -14.30 -7.91 12.06
N CYS A 62 -14.69 -7.68 10.80
CA CYS A 62 -14.27 -8.54 9.69
C CYS A 62 -12.75 -8.56 9.53
N LEU A 63 -12.14 -7.38 9.43
CA LEU A 63 -10.69 -7.28 9.24
C LEU A 63 -9.90 -7.92 10.38
N ASN A 64 -10.39 -7.75 11.61
CA ASN A 64 -9.73 -8.34 12.75
C ASN A 64 -9.94 -9.84 12.72
N SER A 65 -10.96 -10.28 11.99
CA SER A 65 -11.23 -11.71 11.88
C SER A 65 -10.65 -12.29 10.60
N ASN A 66 -9.70 -11.59 9.97
CA ASN A 66 -9.06 -12.09 8.75
C ASN A 66 -9.99 -12.20 7.54
N ILE A 67 -11.06 -11.43 7.52
CA ILE A 67 -11.97 -11.44 6.39
C ILE A 67 -11.68 -10.14 5.67
N SER A 68 -11.27 -10.24 4.41
CA SER A 68 -10.91 -9.07 3.64
C SER A 68 -11.76 -8.77 2.39
N LYS A 69 -12.63 -9.69 2.00
CA LYS A 69 -13.51 -9.50 0.84
C LYS A 69 -14.85 -9.08 1.47
N ILE A 70 -15.14 -7.79 1.42
CA ILE A 70 -16.34 -7.28 2.03
C ILE A 70 -17.24 -6.44 1.14
N TYR A 71 -18.53 -6.78 1.09
CA TYR A 71 -19.48 -5.95 0.37
C TYR A 71 -20.37 -5.24 1.39
N VAL A 72 -20.69 -3.97 1.13
CA VAL A 72 -21.61 -3.26 2.01
C VAL A 72 -22.90 -2.93 1.20
N LEU A 73 -24.03 -3.54 1.56
CA LEU A 73 -25.31 -3.31 0.88
C LEU A 73 -26.11 -2.23 1.61
N THR A 74 -26.36 -1.12 0.91
CA THR A 74 -27.07 0.02 1.50
C THR A 74 -28.01 0.64 0.43
N GLN A 75 -28.97 1.47 0.86
CA GLN A 75 -29.88 2.06 -0.12
C GLN A 75 -29.16 2.83 -1.24
N PHE A 76 -28.31 3.79 -0.88
CA PHE A 76 -27.57 4.54 -1.89
C PHE A 76 -26.14 4.84 -1.45
N ASN A 77 -25.24 5.00 -2.43
CA ASN A 77 -23.85 5.30 -2.15
C ASN A 77 -23.62 6.83 -2.06
N SER A 78 -22.37 7.22 -1.85
CA SER A 78 -21.97 8.63 -1.76
C SER A 78 -20.45 8.72 -1.89
N ALA A 79 -19.96 9.85 -2.37
CA ALA A 79 -18.52 10.03 -2.52
C ALA A 79 -17.85 10.00 -1.15
N SER A 80 -18.50 10.54 -0.13
CA SER A 80 -17.90 10.52 1.20
C SER A 80 -17.86 9.12 1.79
N LEU A 81 -18.91 8.32 1.63
CA LEU A 81 -18.84 6.97 2.17
C LEU A 81 -17.72 6.27 1.44
N ASN A 82 -17.68 6.39 0.13
CA ASN A 82 -16.61 5.73 -0.64
C ASN A 82 -15.24 6.20 -0.16
N ARG A 83 -15.08 7.52 0.02
CA ARG A 83 -13.81 8.08 0.48
C ARG A 83 -13.40 7.38 1.76
N HIS A 84 -14.25 7.51 2.78
CA HIS A 84 -14.01 6.87 4.06
C HIS A 84 -13.58 5.43 3.93
N LEU A 85 -14.36 4.64 3.20
CA LEU A 85 -14.08 3.22 3.02
C LEU A 85 -12.75 2.95 2.33
N SER A 86 -12.50 3.70 1.25
CA SER A 86 -11.27 3.52 0.49
C SER A 86 -10.05 3.98 1.28
N ARG A 87 -10.16 5.15 1.91
CA ARG A 87 -9.04 5.69 2.68
C ARG A 87 -8.80 4.93 3.96
N ALA A 88 -9.86 4.58 4.69
CA ALA A 88 -9.68 3.84 5.95
C ALA A 88 -9.31 2.39 5.71
N TYR A 89 -9.70 1.85 4.58
CA TYR A 89 -9.43 0.46 4.28
C TYR A 89 -8.91 0.25 2.85
N ALA A 90 -7.60 0.12 2.71
CA ALA A 90 -6.99 -0.10 1.39
C ALA A 90 -5.50 -0.38 1.49
N GLU A 99 -5.61 -9.59 -1.03
CA GLU A 99 -6.56 -9.74 -2.13
C GLU A 99 -7.98 -9.36 -1.70
N GLY A 100 -8.08 -8.31 -0.89
CA GLY A 100 -9.38 -7.86 -0.40
C GLY A 100 -9.91 -6.56 -0.99
N PHE A 101 -11.11 -6.20 -0.57
CA PHE A 101 -11.77 -4.97 -1.03
C PHE A 101 -12.94 -4.66 -0.12
N VAL A 102 -13.45 -3.44 -0.22
CA VAL A 102 -14.64 -3.05 0.53
C VAL A 102 -15.43 -2.26 -0.51
N GLU A 103 -16.51 -2.86 -1.00
CA GLU A 103 -17.33 -2.23 -2.04
C GLU A 103 -18.80 -2.06 -1.65
N VAL A 104 -19.34 -0.89 -1.94
CA VAL A 104 -20.72 -0.62 -1.60
C VAL A 104 -21.61 -1.05 -2.78
N LEU A 105 -22.74 -1.70 -2.48
CA LEU A 105 -23.66 -2.10 -3.52
C LEU A 105 -24.95 -1.49 -3.05
N ALA A 106 -25.61 -0.74 -3.93
CA ALA A 106 -26.83 -0.04 -3.60
C ALA A 106 -28.15 -0.49 -4.23
N ALA A 107 -29.24 -0.15 -3.56
CA ALA A 107 -30.59 -0.45 -4.05
C ALA A 107 -30.98 0.62 -5.05
N GLN A 108 -30.51 1.83 -4.84
CA GLN A 108 -30.84 2.96 -5.70
C GLN A 108 -29.57 3.54 -6.35
N GLN A 109 -29.59 3.75 -7.67
CA GLN A 109 -28.42 4.26 -8.39
C GLN A 109 -28.35 5.77 -8.57
N SER A 110 -29.43 6.46 -8.22
CA SER A 110 -29.48 7.91 -8.34
C SER A 110 -30.65 8.38 -7.49
N PRO A 111 -30.48 9.50 -6.77
CA PRO A 111 -31.58 10.00 -5.93
C PRO A 111 -32.85 10.32 -6.73
N GLU A 112 -32.68 10.51 -8.04
CA GLU A 112 -33.79 10.82 -8.95
C GLU A 112 -34.67 9.60 -9.26
N ASN A 113 -34.10 8.41 -9.12
CA ASN A 113 -34.86 7.19 -9.38
C ASN A 113 -34.88 6.40 -8.08
N PRO A 114 -35.66 6.89 -7.11
CA PRO A 114 -35.79 6.26 -5.80
C PRO A 114 -36.05 4.77 -5.89
N ASP A 115 -35.40 4.01 -5.01
CA ASP A 115 -35.58 2.55 -4.97
C ASP A 115 -35.13 2.10 -3.56
N TRP A 116 -35.62 0.93 -3.13
CA TRP A 116 -35.29 0.40 -1.80
C TRP A 116 -35.22 -1.12 -1.80
N PHE A 117 -34.54 -1.66 -0.79
CA PHE A 117 -34.45 -3.11 -0.60
C PHE A 117 -35.67 -3.41 0.26
N GLN A 118 -36.25 -4.59 0.10
CA GLN A 118 -37.42 -4.97 0.87
C GLN A 118 -37.10 -5.68 2.15
N GLY A 119 -35.81 -5.99 2.36
CA GLY A 119 -35.41 -6.71 3.55
C GLY A 119 -34.03 -7.27 3.33
N THR A 120 -33.50 -7.91 4.37
CA THR A 120 -32.17 -8.47 4.31
C THR A 120 -32.02 -9.52 3.21
N ALA A 121 -32.95 -10.47 3.11
CA ALA A 121 -32.85 -11.50 2.08
C ALA A 121 -33.05 -10.88 0.70
N ASP A 122 -33.94 -9.89 0.64
CA ASP A 122 -34.20 -9.23 -0.65
C ASP A 122 -32.92 -8.57 -1.15
N ALA A 123 -32.22 -7.88 -0.24
CA ALA A 123 -30.99 -7.18 -0.64
C ALA A 123 -29.93 -8.18 -1.09
N VAL A 124 -29.77 -9.27 -0.35
CA VAL A 124 -28.78 -10.25 -0.73
C VAL A 124 -29.17 -10.85 -2.08
N ARG A 125 -30.43 -11.18 -2.23
CA ARG A 125 -30.87 -11.76 -3.49
C ARG A 125 -30.59 -10.87 -4.70
N GLN A 126 -30.81 -9.56 -4.57
CA GLN A 126 -30.58 -8.66 -5.70
C GLN A 126 -29.16 -8.67 -6.23
N TYR A 127 -28.20 -9.05 -5.41
CA TYR A 127 -26.81 -9.08 -5.87
C TYR A 127 -26.20 -10.47 -5.79
N LEU A 128 -27.04 -11.49 -5.63
CA LEU A 128 -26.55 -12.86 -5.52
C LEU A 128 -25.66 -13.23 -6.70
N TRP A 129 -26.04 -12.77 -7.88
CA TRP A 129 -25.33 -13.03 -9.13
C TRP A 129 -23.89 -12.54 -9.05
N LEU A 130 -23.64 -11.51 -8.25
CA LEU A 130 -22.29 -11.02 -8.09
C LEU A 130 -21.55 -11.79 -6.98
N PHE A 131 -22.24 -12.07 -5.88
CA PHE A 131 -21.60 -12.84 -4.81
C PHE A 131 -21.21 -14.23 -5.35
N GLU A 132 -21.99 -14.74 -6.30
CA GLU A 132 -21.71 -16.05 -6.90
C GLU A 132 -20.43 -16.08 -7.72
N GLU A 133 -20.01 -14.93 -8.26
CA GLU A 133 -18.79 -14.89 -9.05
C GLU A 133 -17.54 -15.10 -8.18
N HIS A 134 -17.72 -15.08 -6.87
CA HIS A 134 -16.60 -15.25 -5.98
C HIS A 134 -16.43 -16.71 -5.57
N THR A 135 -15.18 -17.15 -5.56
CA THR A 135 -14.86 -18.50 -5.16
C THR A 135 -14.65 -18.55 -3.64
N VAL A 136 -15.73 -18.72 -2.90
CA VAL A 136 -15.63 -18.77 -1.44
C VAL A 136 -16.49 -19.92 -0.95
N LEU A 137 -16.30 -20.31 0.29
CA LEU A 137 -17.04 -21.42 0.87
C LEU A 137 -18.27 -20.97 1.63
N GLU A 138 -18.20 -19.79 2.21
CA GLU A 138 -19.31 -19.29 2.99
C GLU A 138 -19.47 -17.78 2.86
N TYR A 139 -20.67 -17.33 3.15
CA TYR A 139 -21.01 -15.91 3.18
C TYR A 139 -21.21 -15.63 4.67
N LEU A 140 -20.63 -14.54 5.16
CA LEU A 140 -20.79 -14.08 6.54
C LEU A 140 -21.75 -12.91 6.40
N ILE A 141 -22.97 -13.07 6.90
CA ILE A 141 -23.98 -12.02 6.80
C ILE A 141 -24.06 -11.22 8.10
N LEU A 142 -23.85 -9.91 8.05
CA LEU A 142 -23.92 -9.08 9.27
C LEU A 142 -24.95 -8.01 9.04
N ALA A 143 -26.10 -8.19 9.66
CA ALA A 143 -27.21 -7.27 9.46
C ALA A 143 -27.52 -6.35 10.64
N GLY A 144 -27.81 -5.09 10.31
CA GLY A 144 -28.17 -4.12 11.34
C GLY A 144 -27.05 -3.32 11.95
N ASP A 145 -27.40 -2.41 12.85
CA ASP A 145 -26.41 -1.57 13.51
C ASP A 145 -26.37 -1.86 15.00
N HIS A 146 -25.27 -2.45 15.42
CA HIS A 146 -25.08 -2.81 16.82
C HIS A 146 -23.65 -2.52 17.23
N LEU A 147 -23.50 -2.15 18.48
CA LEU A 147 -22.18 -1.85 18.98
C LEU A 147 -21.72 -3.16 19.57
N TYR A 148 -20.60 -3.68 19.07
CA TYR A 148 -20.08 -4.93 19.57
C TYR A 148 -18.79 -5.32 18.85
N ARG A 149 -18.03 -6.22 19.46
CA ARG A 149 -16.79 -6.72 18.91
C ARG A 149 -16.93 -8.24 18.88
N MET A 150 -16.55 -8.86 17.77
CA MET A 150 -16.63 -10.32 17.65
C MET A 150 -15.56 -10.81 16.69
N ASP A 151 -15.03 -11.98 17.01
CA ASP A 151 -14.03 -12.63 16.17
C ASP A 151 -14.80 -13.73 15.45
N TYR A 152 -15.17 -13.47 14.22
CA TYR A 152 -15.91 -14.41 13.41
C TYR A 152 -15.20 -15.71 13.04
N GLU A 153 -13.89 -15.81 13.27
CA GLU A 153 -13.20 -17.04 12.90
C GLU A 153 -13.65 -18.28 13.66
N LYS A 154 -13.80 -18.18 14.97
CA LYS A 154 -14.28 -19.31 15.77
C LYS A 154 -15.71 -19.67 15.35
N PHE A 155 -16.49 -18.63 14.98
CA PHE A 155 -17.88 -18.76 14.52
C PHE A 155 -17.86 -19.62 13.26
N ILE A 156 -17.08 -19.21 12.26
CA ILE A 156 -16.96 -19.94 10.99
C ILE A 156 -16.34 -21.34 11.16
N GLN A 157 -15.33 -21.43 12.02
CA GLN A 157 -14.74 -22.73 12.28
C GLN A 157 -15.86 -23.66 12.80
N ALA A 158 -16.67 -23.17 13.73
CA ALA A 158 -17.78 -23.97 14.26
C ALA A 158 -18.66 -24.44 13.11
N HIS A 159 -18.96 -23.52 12.20
CA HIS A 159 -19.79 -23.83 11.06
C HIS A 159 -19.23 -25.01 10.27
N ARG A 160 -17.93 -24.98 9.98
CA ARG A 160 -17.30 -26.06 9.21
C ARG A 160 -17.21 -27.39 10.02
N GLU A 161 -16.94 -27.28 11.32
CA GLU A 161 -16.85 -28.49 12.12
C GLU A 161 -18.20 -29.18 12.33
N THR A 162 -19.28 -28.42 12.37
CA THR A 162 -20.60 -29.03 12.56
C THR A 162 -21.25 -29.36 11.23
N ASP A 163 -20.52 -29.11 10.14
CA ASP A 163 -21.03 -29.33 8.81
C ASP A 163 -22.39 -28.66 8.70
N ALA A 164 -22.52 -27.49 9.33
CA ALA A 164 -23.76 -26.73 9.28
C ALA A 164 -23.98 -26.14 7.89
N ASP A 165 -25.24 -25.88 7.54
CA ASP A 165 -25.59 -25.24 6.27
C ASP A 165 -25.67 -23.75 6.61
N ILE A 166 -26.19 -23.48 7.81
CA ILE A 166 -26.33 -22.13 8.34
C ILE A 166 -26.01 -22.13 9.83
N THR A 167 -25.15 -21.22 10.27
CA THR A 167 -24.86 -21.09 11.71
C THR A 167 -25.39 -19.70 12.11
N VAL A 168 -26.14 -19.70 13.21
CA VAL A 168 -26.79 -18.52 13.73
C VAL A 168 -26.19 -18.18 15.09
N ALA A 169 -25.74 -16.92 15.24
CA ALA A 169 -25.19 -16.49 16.54
C ALA A 169 -26.41 -16.38 17.45
N ALA A 170 -26.31 -16.94 18.65
CA ALA A 170 -27.44 -16.90 19.58
C ALA A 170 -27.14 -16.06 20.81
N LEU A 171 -28.01 -15.12 21.12
CA LEU A 171 -27.82 -14.24 22.27
C LEU A 171 -28.74 -14.66 23.39
N PRO A 172 -28.17 -15.16 24.51
CA PRO A 172 -29.03 -15.56 25.61
C PRO A 172 -29.63 -14.36 26.33
N MET A 173 -30.90 -14.46 26.69
CA MET A 173 -31.57 -13.37 27.40
C MET A 173 -32.63 -13.90 28.34
N ASP A 174 -33.12 -13.03 29.20
CA ASP A 174 -34.16 -13.41 30.16
C ASP A 174 -35.53 -13.34 29.49
N GLU A 175 -36.57 -13.84 30.17
CA GLU A 175 -37.93 -13.84 29.65
C GLU A 175 -38.47 -12.45 29.32
N LYS A 176 -38.03 -11.45 30.07
CA LYS A 176 -38.50 -10.09 29.85
C LYS A 176 -37.98 -9.46 28.55
N ARG A 177 -36.73 -9.74 28.22
CA ARG A 177 -36.14 -9.19 27.02
C ARG A 177 -36.54 -10.02 25.82
N ALA A 178 -36.73 -11.31 26.05
CA ALA A 178 -37.06 -12.28 25.01
C ALA A 178 -38.23 -11.97 24.08
N THR A 179 -39.33 -11.47 24.63
CA THR A 179 -40.49 -11.18 23.80
C THR A 179 -40.24 -10.23 22.62
N ALA A 180 -39.09 -9.58 22.58
CA ALA A 180 -38.82 -8.61 21.51
C ALA A 180 -38.00 -9.14 20.36
N PHE A 181 -37.50 -10.35 20.49
CA PHE A 181 -36.66 -10.92 19.45
C PHE A 181 -37.19 -12.18 18.80
N GLY A 182 -36.43 -12.66 17.80
CA GLY A 182 -36.77 -13.89 17.13
C GLY A 182 -36.02 -14.92 17.95
N LEU A 183 -36.74 -15.82 18.59
CA LEU A 183 -36.12 -16.84 19.41
C LEU A 183 -35.95 -18.17 18.68
N MET A 184 -35.06 -18.99 19.20
CA MET A 184 -34.75 -20.28 18.61
C MET A 184 -34.86 -21.35 19.69
N LYS A 185 -35.10 -22.58 19.24
CA LYS A 185 -35.21 -23.73 20.12
C LYS A 185 -34.24 -24.76 19.52
N ILE A 186 -33.34 -25.26 20.35
CA ILE A 186 -32.32 -26.22 19.92
C ILE A 186 -32.52 -27.60 20.52
N ASP A 187 -31.83 -28.60 19.95
CA ASP A 187 -31.91 -29.94 20.51
C ASP A 187 -30.67 -30.07 21.42
N GLU A 188 -30.25 -31.28 21.74
CA GLU A 188 -29.10 -31.45 22.65
C GLU A 188 -27.74 -31.12 22.04
N GLU A 189 -27.62 -31.23 20.73
CA GLU A 189 -26.35 -30.93 20.06
C GLU A 189 -26.24 -29.49 19.59
N GLY A 190 -27.10 -28.61 20.10
CA GLY A 190 -27.06 -27.23 19.65
C GLY A 190 -27.70 -26.99 18.28
N ARG A 191 -28.20 -28.03 17.63
CA ARG A 191 -28.84 -27.82 16.35
C ARG A 191 -30.19 -27.13 16.55
N ILE A 192 -30.50 -26.14 15.71
CA ILE A 192 -31.76 -25.42 15.82
C ILE A 192 -32.92 -26.18 15.18
N ILE A 193 -34.01 -26.34 15.94
CA ILE A 193 -35.17 -27.08 15.49
C ILE A 193 -36.45 -26.26 15.30
N GLU A 194 -36.53 -25.10 15.93
CA GLU A 194 -37.72 -24.26 15.75
C GLU A 194 -37.45 -22.76 16.04
N PHE A 195 -38.26 -21.88 15.45
CA PHE A 195 -38.12 -20.44 15.65
C PHE A 195 -39.46 -19.86 16.03
N ALA A 196 -39.43 -18.69 16.68
CA ALA A 196 -40.64 -17.99 17.09
C ALA A 196 -40.33 -16.49 17.07
N GLU A 197 -41.00 -15.76 16.18
CA GLU A 197 -40.82 -14.33 16.02
C GLU A 197 -41.53 -13.53 17.12
N LYS A 198 -40.77 -12.84 17.96
CA LYS A 198 -41.35 -12.04 19.06
C LYS A 198 -42.51 -12.75 19.76
N PRO A 199 -42.26 -13.96 20.27
CA PRO A 199 -43.27 -14.75 20.97
C PRO A 199 -43.69 -14.16 22.30
N GLN A 200 -44.89 -14.53 22.75
CA GLN A 200 -45.43 -14.08 24.03
C GLN A 200 -46.37 -15.16 24.55
N GLY A 201 -46.70 -15.07 25.82
CA GLY A 201 -47.60 -16.01 26.43
C GLY A 201 -47.30 -17.45 26.05
N GLU A 202 -48.35 -18.20 25.74
CA GLU A 202 -48.15 -19.60 25.41
C GLU A 202 -47.01 -19.84 24.43
N GLN A 203 -46.87 -19.01 23.41
CA GLN A 203 -45.77 -19.29 22.51
C GLN A 203 -44.38 -19.03 23.11
N LEU A 204 -44.26 -17.98 23.93
CA LEU A 204 -42.96 -17.68 24.56
C LEU A 204 -42.50 -18.85 25.41
N GLN A 205 -43.38 -19.39 26.26
CA GLN A 205 -43.03 -20.51 27.13
C GLN A 205 -42.51 -21.75 26.40
N ALA A 206 -43.11 -22.11 25.27
CA ALA A 206 -42.64 -23.27 24.52
C ALA A 206 -41.20 -23.09 24.00
N MET A 207 -40.70 -21.85 24.01
CA MET A 207 -39.36 -21.56 23.52
C MET A 207 -38.22 -21.60 24.54
N LYS A 208 -38.55 -21.87 25.81
CA LYS A 208 -37.53 -21.93 26.86
C LYS A 208 -36.48 -22.99 26.49
N VAL A 209 -35.21 -22.71 26.74
CA VAL A 209 -34.18 -23.68 26.39
C VAL A 209 -33.05 -23.78 27.43
N ASP A 210 -32.44 -24.95 27.53
CA ASP A 210 -31.32 -25.15 28.46
C ASP A 210 -30.08 -24.54 27.81
N THR A 211 -29.83 -23.25 28.09
CA THR A 211 -28.69 -22.52 27.52
C THR A 211 -27.34 -23.14 27.85
N THR A 212 -27.36 -24.17 28.69
CA THR A 212 -26.16 -24.85 29.11
C THR A 212 -25.55 -25.62 27.95
N ILE A 213 -26.42 -26.10 27.06
CA ILE A 213 -25.99 -26.86 25.87
C ILE A 213 -24.99 -26.05 25.05
N LEU A 214 -25.13 -24.72 25.05
CA LEU A 214 -24.26 -23.84 24.27
C LEU A 214 -23.06 -23.24 25.04
N GLY A 215 -22.91 -23.61 26.31
CA GLY A 215 -21.82 -23.07 27.10
C GLY A 215 -22.32 -22.50 28.41
N LEU A 216 -22.87 -21.30 28.35
CA LEU A 216 -23.40 -20.61 29.53
C LEU A 216 -23.39 -21.35 30.88
N ASP A 217 -22.76 -20.71 31.87
CA ASP A 217 -22.69 -21.26 33.21
C ASP A 217 -24.09 -21.51 33.73
N ASP A 218 -24.30 -22.68 34.34
CA ASP A 218 -25.59 -23.06 34.89
C ASP A 218 -26.34 -21.85 35.42
N LYS A 219 -25.68 -21.09 36.29
CA LYS A 219 -26.30 -19.92 36.88
C LYS A 219 -27.03 -19.08 35.84
N ARG A 220 -26.27 -18.43 34.97
CA ARG A 220 -26.84 -17.58 33.93
C ARG A 220 -27.84 -18.35 33.07
N ALA A 221 -27.54 -19.63 32.83
CA ALA A 221 -28.40 -20.47 32.03
C ALA A 221 -29.83 -20.39 32.56
N LYS A 222 -29.98 -20.41 33.88
CA LYS A 222 -31.32 -20.32 34.48
C LYS A 222 -31.81 -18.88 34.40
N GLU A 223 -30.88 -17.93 34.49
CA GLU A 223 -31.22 -16.52 34.41
C GLU A 223 -31.74 -16.19 33.03
N MET A 224 -31.11 -16.80 32.03
CA MET A 224 -31.49 -16.57 30.63
C MET A 224 -31.73 -17.89 29.88
N PRO A 225 -32.96 -18.45 30.00
CA PRO A 225 -33.30 -19.70 29.32
C PRO A 225 -33.75 -19.44 27.89
N PHE A 226 -33.44 -18.25 27.36
CA PHE A 226 -33.83 -17.91 26.00
C PHE A 226 -32.68 -17.50 25.09
N ILE A 227 -32.83 -17.80 23.80
CA ILE A 227 -31.83 -17.43 22.80
C ILE A 227 -32.47 -16.83 21.54
N ALA A 228 -32.02 -15.61 21.23
CA ALA A 228 -32.47 -14.83 20.09
C ALA A 228 -31.38 -14.75 19.02
N SER A 229 -31.79 -14.76 17.75
CA SER A 229 -30.85 -14.61 16.66
C SER A 229 -30.44 -13.12 16.70
N MET A 230 -29.31 -12.79 16.09
CA MET A 230 -28.83 -11.41 16.16
C MET A 230 -28.52 -10.75 14.82
N GLY A 231 -28.98 -11.35 13.74
CA GLY A 231 -28.72 -10.78 12.43
C GLY A 231 -27.30 -11.11 12.02
N ILE A 232 -26.70 -12.10 12.68
CA ILE A 232 -25.34 -12.53 12.35
C ILE A 232 -25.37 -14.02 11.94
N TYR A 233 -24.98 -14.32 10.71
CA TYR A 233 -24.98 -15.72 10.29
C TYR A 233 -23.86 -16.08 9.34
N VAL A 234 -23.65 -17.39 9.20
CA VAL A 234 -22.68 -17.94 8.28
C VAL A 234 -23.55 -18.86 7.45
N ILE A 235 -23.45 -18.74 6.13
CA ILE A 235 -24.25 -19.56 5.23
C ILE A 235 -23.37 -20.05 4.08
N SER A 236 -23.35 -21.36 3.86
CA SER A 236 -22.54 -21.93 2.79
C SER A 236 -22.95 -21.35 1.45
N LYS A 237 -21.99 -21.16 0.55
CA LYS A 237 -22.28 -20.57 -0.77
C LYS A 237 -23.46 -21.22 -1.49
N ASP A 238 -23.35 -22.52 -1.71
CA ASP A 238 -24.39 -23.30 -2.39
C ASP A 238 -25.75 -23.11 -1.69
N VAL A 239 -25.78 -23.35 -0.39
CA VAL A 239 -26.99 -23.20 0.39
C VAL A 239 -27.68 -21.87 0.08
N MET A 240 -26.91 -20.80 0.03
CA MET A 240 -27.48 -19.49 -0.24
C MET A 240 -28.24 -19.40 -1.55
N LEU A 241 -27.64 -19.90 -2.62
CA LEU A 241 -28.27 -19.84 -3.93
C LEU A 241 -29.60 -20.59 -3.93
N ASN A 242 -29.53 -21.80 -3.39
CA ASN A 242 -30.67 -22.68 -3.29
C ASN A 242 -31.80 -22.03 -2.49
N LEU A 243 -31.48 -21.44 -1.35
CA LEU A 243 -32.49 -20.81 -0.54
C LEU A 243 -33.11 -19.57 -1.18
N LEU A 244 -32.28 -18.67 -1.72
CA LEU A 244 -32.79 -17.41 -2.27
C LEU A 244 -33.39 -17.47 -3.65
N ARG A 245 -32.86 -18.34 -4.48
CA ARG A 245 -33.33 -18.50 -5.85
C ARG A 245 -34.38 -19.59 -6.01
N ASP A 246 -34.19 -20.73 -5.36
CA ASP A 246 -35.15 -21.81 -5.53
C ASP A 246 -36.11 -22.10 -4.40
N LYS A 247 -35.66 -22.09 -3.15
CA LYS A 247 -36.60 -22.42 -2.08
C LYS A 247 -37.54 -21.31 -1.65
N PHE A 248 -37.05 -20.09 -1.50
CA PHE A 248 -37.93 -19.02 -1.09
C PHE A 248 -37.65 -17.78 -1.93
N PRO A 249 -37.92 -17.85 -3.24
CA PRO A 249 -37.66 -16.69 -4.11
C PRO A 249 -38.44 -15.44 -3.65
N GLY A 250 -39.43 -15.65 -2.80
CA GLY A 250 -40.26 -14.55 -2.34
C GLY A 250 -39.94 -13.99 -0.97
N ALA A 251 -39.10 -14.64 -0.18
CA ALA A 251 -38.81 -14.11 1.15
C ALA A 251 -38.07 -12.76 1.14
N ASN A 252 -38.45 -11.88 2.06
CA ASN A 252 -37.77 -10.60 2.19
C ASN A 252 -36.77 -10.61 3.35
N ASP A 253 -37.01 -11.42 4.39
CA ASP A 253 -36.13 -11.42 5.58
C ASP A 253 -35.48 -12.77 5.93
N PHE A 254 -34.17 -12.75 6.19
CA PHE A 254 -33.42 -13.95 6.57
C PHE A 254 -33.92 -14.51 7.90
N GLY A 255 -33.70 -13.74 8.96
CA GLY A 255 -34.06 -14.14 10.30
C GLY A 255 -35.44 -14.68 10.56
N SER A 256 -36.46 -14.14 9.88
CA SER A 256 -37.83 -14.58 10.11
C SER A 256 -38.44 -15.44 9.03
N GLU A 257 -37.82 -15.49 7.86
CA GLU A 257 -38.39 -16.26 6.78
C GLU A 257 -37.46 -17.27 6.14
N VAL A 258 -36.35 -16.79 5.62
CA VAL A 258 -35.42 -17.68 4.97
C VAL A 258 -34.80 -18.69 5.91
N ILE A 259 -34.32 -18.28 7.08
CA ILE A 259 -33.69 -19.23 7.99
C ILE A 259 -34.66 -20.20 8.66
N PRO A 260 -35.83 -19.73 9.10
CA PRO A 260 -36.74 -20.71 9.71
C PRO A 260 -37.22 -21.67 8.60
N GLY A 261 -37.17 -21.17 7.36
CA GLY A 261 -37.57 -21.95 6.21
C GLY A 261 -36.58 -23.03 5.89
N ALA A 262 -35.28 -22.73 6.04
CA ALA A 262 -34.27 -23.74 5.77
C ALA A 262 -34.39 -24.80 6.85
N THR A 263 -34.66 -24.36 8.07
CA THR A 263 -34.79 -25.30 9.18
C THR A 263 -35.96 -26.25 8.91
N SER A 264 -37.05 -25.72 8.36
CA SER A 264 -38.24 -26.56 8.07
C SER A 264 -37.98 -27.58 6.96
N LEU A 265 -37.01 -27.30 6.10
CA LEU A 265 -36.67 -28.21 4.99
C LEU A 265 -35.70 -29.30 5.41
N GLY A 266 -35.38 -29.37 6.70
CA GLY A 266 -34.46 -30.39 7.15
C GLY A 266 -32.99 -30.04 7.03
N MET A 267 -32.67 -28.81 6.63
CA MET A 267 -31.28 -28.38 6.49
C MET A 267 -30.67 -28.19 7.88
N ARG A 268 -29.35 -28.36 7.99
CA ARG A 268 -28.71 -28.20 9.28
C ARG A 268 -28.44 -26.74 9.63
N VAL A 269 -29.24 -26.19 10.53
CA VAL A 269 -29.08 -24.83 10.99
C VAL A 269 -28.59 -25.00 12.41
N GLN A 270 -27.37 -24.53 12.64
CA GLN A 270 -26.70 -24.70 13.93
C GLN A 270 -26.60 -23.43 14.78
N ALA A 271 -26.81 -23.55 16.08
CA ALA A 271 -26.69 -22.38 16.95
C ALA A 271 -25.25 -22.23 17.48
N TYR A 272 -24.82 -21.00 17.69
CA TYR A 272 -23.47 -20.71 18.21
C TYR A 272 -23.63 -19.61 19.25
N LEU A 273 -23.20 -19.88 20.48
CA LEU A 273 -23.32 -18.91 21.59
C LEU A 273 -22.51 -17.62 21.47
N TYR A 274 -23.20 -16.49 21.61
CA TYR A 274 -22.50 -15.21 21.56
C TYR A 274 -22.47 -14.71 22.97
N ASP A 275 -21.34 -14.15 23.34
CA ASP A 275 -21.16 -13.62 24.68
C ASP A 275 -20.34 -12.35 24.56
N GLY A 276 -20.70 -11.36 25.34
CA GLY A 276 -19.97 -10.11 25.30
C GLY A 276 -20.95 -8.97 25.18
N TYR A 277 -20.43 -7.75 25.17
CA TYR A 277 -21.28 -6.58 25.06
C TYR A 277 -21.99 -6.69 23.72
N TRP A 278 -23.22 -6.18 23.66
CA TRP A 278 -23.99 -6.18 22.44
C TRP A 278 -25.09 -5.19 22.69
N GLU A 279 -25.08 -4.10 21.95
CA GLU A 279 -26.12 -3.10 22.16
C GLU A 279 -26.67 -2.58 20.88
N ASP A 280 -28.00 -2.62 20.77
CA ASP A 280 -28.66 -2.14 19.57
C ASP A 280 -28.59 -0.62 19.58
N ILE A 281 -28.29 -0.03 18.42
CA ILE A 281 -28.21 1.41 18.32
C ILE A 281 -28.86 1.97 17.04
N GLY A 282 -29.88 1.25 16.55
CA GLY A 282 -30.59 1.66 15.34
C GLY A 282 -31.74 2.63 15.58
N THR A 283 -31.89 3.05 16.84
CA THR A 283 -32.93 4.00 17.26
C THR A 283 -32.27 5.27 17.82
N ILE A 284 -32.92 6.42 17.69
CA ILE A 284 -32.31 7.63 18.21
C ILE A 284 -31.98 7.52 19.70
N GLU A 285 -32.90 7.00 20.52
CA GLU A 285 -32.58 6.91 21.95
C GLU A 285 -31.51 5.85 22.27
N ALA A 286 -31.53 4.71 21.61
CA ALA A 286 -30.53 3.68 21.90
C ALA A 286 -29.17 4.16 21.40
N PHE A 287 -29.19 4.91 20.30
CA PHE A 287 -27.98 5.46 19.70
C PHE A 287 -27.35 6.53 20.63
N TYR A 288 -28.19 7.40 21.15
CA TYR A 288 -27.78 8.48 22.07
C TYR A 288 -27.14 7.86 23.32
N ASN A 289 -27.86 6.93 23.94
CA ASN A 289 -27.36 6.26 25.15
C ASN A 289 -26.08 5.43 24.95
N ALA A 290 -25.98 4.71 23.85
CA ALA A 290 -24.79 3.91 23.64
C ALA A 290 -23.59 4.85 23.47
N ASN A 291 -23.78 5.94 22.75
CA ASN A 291 -22.71 6.91 22.54
C ASN A 291 -22.27 7.55 23.86
N LEU A 292 -23.21 7.92 24.71
CA LEU A 292 -22.81 8.55 25.96
C LEU A 292 -22.30 7.49 26.91
N GLY A 293 -22.56 6.23 26.58
CA GLY A 293 -22.08 5.17 27.42
C GLY A 293 -20.55 4.99 27.45
N ILE A 294 -19.83 5.54 26.47
CA ILE A 294 -18.39 5.36 26.45
C ILE A 294 -17.69 6.26 27.44
N THR A 295 -18.49 7.06 28.16
CA THR A 295 -17.95 7.94 29.18
C THR A 295 -18.13 7.31 30.56
N LYS A 296 -18.66 6.08 30.61
CA LYS A 296 -18.90 5.40 31.89
C LYS A 296 -17.66 5.55 32.78
N LYS A 297 -17.90 5.88 34.05
CA LYS A 297 -16.81 6.12 35.01
C LYS A 297 -15.68 5.09 35.11
N PRO A 298 -15.96 3.84 35.54
CA PRO A 298 -14.83 2.90 35.64
C PRO A 298 -14.17 2.65 34.28
N VAL A 299 -14.96 2.13 33.35
CA VAL A 299 -14.53 1.85 31.97
C VAL A 299 -15.82 1.70 31.16
N PRO A 300 -15.81 2.16 29.89
CA PRO A 300 -17.02 2.04 29.06
C PRO A 300 -17.42 0.57 28.84
N ASP A 301 -18.71 0.30 28.70
CA ASP A 301 -19.17 -1.07 28.47
C ASP A 301 -18.61 -1.53 27.12
N PHE A 302 -18.47 -0.58 26.20
CA PHE A 302 -17.87 -0.90 24.91
C PHE A 302 -16.65 0.00 24.73
N SER A 303 -15.54 -0.59 24.33
CA SER A 303 -14.33 0.17 24.12
C SER A 303 -13.99 0.02 22.66
N PHE A 304 -13.96 1.14 21.94
CA PHE A 304 -13.64 1.07 20.54
C PHE A 304 -12.20 0.60 20.43
N TYR A 305 -11.35 1.12 21.30
CA TYR A 305 -9.96 0.69 21.27
C TYR A 305 -9.77 -0.67 21.91
N ASP A 306 -8.89 -1.44 21.30
CA ASP A 306 -8.55 -2.76 21.80
C ASP A 306 -7.18 -3.09 21.26
N ARG A 307 -6.33 -3.55 22.16
CA ARG A 307 -4.96 -3.93 21.85
C ARG A 307 -4.80 -4.70 20.54
N SER A 308 -5.59 -5.76 20.36
CA SER A 308 -5.49 -6.59 19.17
C SER A 308 -6.67 -6.53 18.18
N ALA A 309 -7.82 -6.05 18.61
CA ALA A 309 -9.00 -5.96 17.75
C ALA A 309 -9.63 -4.57 17.83
N PRO A 310 -8.85 -3.53 17.54
CA PRO A 310 -9.39 -2.18 17.61
C PRO A 310 -10.35 -1.87 16.48
N ILE A 311 -11.17 -0.86 16.69
CA ILE A 311 -12.06 -0.41 15.67
C ILE A 311 -11.22 0.61 14.91
N TYR A 312 -11.19 0.47 13.59
CA TYR A 312 -10.43 1.35 12.72
C TYR A 312 -11.26 2.53 12.22
N THR A 313 -10.58 3.45 11.59
CA THR A 313 -11.24 4.57 10.99
C THR A 313 -10.21 5.21 10.07
N GLN A 314 -10.56 6.34 9.49
CA GLN A 314 -9.63 6.98 8.56
C GLN A 314 -8.56 7.82 9.24
N PRO A 315 -7.31 7.70 8.79
CA PRO A 315 -6.22 8.48 9.39
C PRO A 315 -6.41 9.92 8.89
N ARG A 316 -6.53 10.88 9.79
CA ARG A 316 -6.76 12.25 9.34
C ARG A 316 -5.64 13.21 9.73
N TYR A 317 -4.69 12.72 10.51
CA TYR A 317 -3.56 13.51 10.98
C TYR A 317 -4.00 14.84 11.60
N LEU A 318 -5.08 14.77 12.36
CA LEU A 318 -5.58 15.94 13.05
C LEU A 318 -4.65 16.29 14.23
N PRO A 319 -4.52 17.58 14.55
CA PRO A 319 -3.66 18.01 15.64
C PRO A 319 -4.24 17.68 17.00
N PRO A 320 -3.39 17.72 18.06
CA PRO A 320 -3.87 17.43 19.42
C PRO A 320 -4.96 18.46 19.73
N SER A 321 -5.95 18.08 20.52
CA SER A 321 -7.03 19.00 20.85
C SER A 321 -6.53 20.13 21.72
N LYS A 322 -7.05 21.33 21.46
CA LYS A 322 -6.67 22.55 22.18
C LYS A 322 -7.79 23.02 23.07
N MET A 323 -7.43 23.39 24.30
CA MET A 323 -8.40 23.87 25.28
C MET A 323 -7.89 25.16 25.92
N LEU A 324 -8.73 26.19 25.84
CA LEU A 324 -8.35 27.50 26.39
C LEU A 324 -8.59 27.51 27.90
N ASP A 325 -9.80 27.17 28.32
CA ASP A 325 -10.14 27.14 29.74
C ASP A 325 -11.36 26.23 29.84
N ALA A 326 -11.14 24.93 29.80
CA ALA A 326 -12.25 24.01 29.83
C ALA A 326 -12.35 23.20 31.11
N ASP A 327 -13.57 23.14 31.66
CA ASP A 327 -13.88 22.35 32.85
C ASP A 327 -14.75 21.24 32.27
N VAL A 328 -14.14 20.06 32.23
CA VAL A 328 -14.69 18.86 31.61
C VAL A 328 -14.94 17.72 32.58
N THR A 329 -16.19 17.30 32.72
CA THR A 329 -16.49 16.19 33.62
C THR A 329 -17.14 15.02 32.90
N ASP A 330 -16.68 13.81 33.23
CA ASP A 330 -17.23 12.58 32.65
C ASP A 330 -17.45 12.69 31.15
N SER A 331 -16.41 13.10 30.41
CA SER A 331 -16.57 13.30 28.98
C SER A 331 -15.44 12.76 28.16
N VAL A 332 -15.70 12.59 26.86
CA VAL A 332 -14.64 12.14 25.97
C VAL A 332 -14.44 13.22 24.92
N ILE A 333 -13.19 13.43 24.55
CA ILE A 333 -12.84 14.44 23.58
C ILE A 333 -12.15 13.76 22.42
N GLY A 334 -12.64 14.04 21.22
CA GLY A 334 -12.06 13.42 20.04
C GLY A 334 -10.84 14.13 19.50
N GLU A 335 -10.51 13.81 18.26
CA GLU A 335 -9.35 14.38 17.57
C GLU A 335 -9.51 15.83 17.12
N GLY A 336 -8.44 16.60 17.24
CA GLY A 336 -8.42 17.97 16.78
C GLY A 336 -9.51 18.93 17.18
N CYS A 337 -9.93 18.91 18.43
CA CYS A 337 -10.98 19.84 18.81
C CYS A 337 -10.34 21.21 19.13
N VAL A 338 -11.14 22.26 19.09
CA VAL A 338 -10.63 23.60 19.40
C VAL A 338 -11.70 24.17 20.31
N ILE A 339 -11.39 24.12 21.61
CA ILE A 339 -12.31 24.52 22.66
C ILE A 339 -11.82 25.76 23.44
N LYS A 340 -12.70 26.72 23.67
CA LYS A 340 -12.34 27.93 24.40
C LYS A 340 -12.63 27.73 25.89
N ASN A 341 -13.13 28.78 26.55
CA ASN A 341 -13.45 28.64 27.96
C ASN A 341 -14.89 28.16 27.95
N CYS A 342 -15.16 27.04 28.59
CA CYS A 342 -16.48 26.46 28.59
C CYS A 342 -16.57 25.35 29.61
N LYS A 343 -17.76 24.79 29.73
CA LYS A 343 -18.08 23.69 30.64
C LYS A 343 -18.64 22.53 29.82
N ILE A 344 -18.02 21.36 29.98
CA ILE A 344 -18.40 20.16 29.27
C ILE A 344 -18.65 19.05 30.29
N HIS A 345 -19.90 18.64 30.37
CA HIS A 345 -20.28 17.63 31.33
C HIS A 345 -21.01 16.47 30.67
N HIS A 346 -20.64 15.26 31.06
CA HIS A 346 -21.26 14.04 30.54
C HIS A 346 -21.61 14.10 29.05
N SER A 347 -20.62 14.43 28.22
CA SER A 347 -20.81 14.58 26.77
C SER A 347 -19.69 13.93 25.96
N VAL A 348 -19.95 13.75 24.66
CA VAL A 348 -18.98 13.20 23.72
C VAL A 348 -18.74 14.32 22.68
N VAL A 349 -17.50 14.75 22.57
CA VAL A 349 -17.12 15.84 21.66
C VAL A 349 -16.39 15.28 20.45
N GLY A 350 -17.09 15.34 19.32
CA GLY A 350 -16.59 14.80 18.06
C GLY A 350 -15.44 15.55 17.47
N LEU A 351 -14.77 14.92 16.51
CA LEU A 351 -13.61 15.47 15.87
C LEU A 351 -13.84 16.83 15.24
N ARG A 352 -12.81 17.69 15.35
CA ARG A 352 -12.85 19.05 14.78
C ARG A 352 -13.89 19.98 15.39
N SER A 353 -14.44 19.63 16.55
CA SER A 353 -15.43 20.49 17.21
C SER A 353 -14.83 21.82 17.71
N CYS A 354 -15.46 22.94 17.37
CA CYS A 354 -15.06 24.25 17.89
C CYS A 354 -16.18 24.52 18.96
N ILE A 355 -15.79 24.96 20.14
CA ILE A 355 -16.79 25.30 21.13
C ILE A 355 -16.34 26.69 21.57
N SER A 356 -17.26 27.65 21.49
CA SER A 356 -16.97 29.04 21.82
C SER A 356 -17.06 29.47 23.27
N GLU A 357 -16.49 30.63 23.53
CA GLU A 357 -16.45 31.25 24.84
C GLU A 357 -17.78 31.20 25.59
N GLY A 358 -17.75 30.72 26.82
CA GLY A 358 -18.94 30.67 27.63
C GLY A 358 -19.92 29.52 27.46
N ALA A 359 -19.76 28.71 26.41
CA ALA A 359 -20.67 27.59 26.18
C ALA A 359 -20.74 26.59 27.35
N ILE A 360 -21.90 25.97 27.51
CA ILE A 360 -22.12 24.96 28.55
C ILE A 360 -22.73 23.76 27.80
N ILE A 361 -22.00 22.66 27.78
CA ILE A 361 -22.41 21.45 27.07
C ILE A 361 -22.72 20.38 28.08
N GLU A 362 -23.94 19.86 28.05
CA GLU A 362 -24.37 18.84 29.02
C GLU A 362 -25.13 17.64 28.43
N ASP A 363 -24.71 16.44 28.81
CA ASP A 363 -25.38 15.22 28.37
C ASP A 363 -25.58 15.22 26.89
N SER A 364 -24.56 15.61 26.14
CA SER A 364 -24.73 15.68 24.71
C SER A 364 -23.69 15.02 23.84
N LEU A 365 -24.12 14.76 22.62
CA LEU A 365 -23.28 14.16 21.61
C LEU A 365 -22.99 15.22 20.55
N LEU A 366 -21.76 15.67 20.46
CA LEU A 366 -21.39 16.64 19.44
C LEU A 366 -20.64 15.86 18.35
N MET A 367 -21.23 15.74 17.15
CA MET A 367 -20.59 14.99 16.06
C MET A 367 -19.34 15.66 15.49
N GLY A 368 -19.19 16.96 15.71
CA GLY A 368 -18.01 17.63 15.19
C GLY A 368 -18.25 18.26 13.83
N ALA A 369 -17.22 18.30 13.00
CA ALA A 369 -17.29 18.90 11.67
C ALA A 369 -16.35 18.16 10.74
N ASP A 370 -16.61 18.28 9.44
CA ASP A 370 -15.80 17.58 8.45
C ASP A 370 -14.54 18.31 8.05
N TYR A 371 -14.46 19.58 8.44
CA TYR A 371 -13.29 20.39 8.12
C TYR A 371 -13.20 21.54 9.11
N TYR A 372 -12.18 22.40 8.95
CA TYR A 372 -12.02 23.56 9.83
C TYR A 372 -12.25 24.81 8.99
N GLU A 373 -12.97 25.79 9.53
CA GLU A 373 -13.15 27.02 8.79
C GLU A 373 -11.87 27.84 8.98
N THR A 374 -11.25 28.27 7.88
CA THR A 374 -10.03 29.08 7.99
C THR A 374 -10.46 30.52 8.28
N ASP A 375 -9.62 31.27 8.99
CA ASP A 375 -9.95 32.66 9.31
C ASP A 375 -10.27 33.46 8.05
N ALA A 376 -9.96 32.86 6.88
CA ALA A 376 -10.22 33.45 5.57
C ALA A 376 -11.73 33.38 5.28
N ASP A 377 -12.41 32.45 5.94
CA ASP A 377 -13.85 32.26 5.79
C ASP A 377 -14.56 32.98 6.93
N ARG A 378 -13.96 32.93 8.12
CA ARG A 378 -14.53 33.55 9.30
C ARG A 378 -14.70 35.06 9.11
N LYS A 379 -13.82 35.65 8.32
CA LYS A 379 -13.90 37.08 8.05
C LYS A 379 -14.93 37.27 6.97
N LEU A 380 -14.94 36.37 5.99
CA LEU A 380 -15.92 36.45 4.93
C LEU A 380 -17.30 36.27 5.58
N LEU A 381 -17.35 35.39 6.57
CA LEU A 381 -18.60 35.12 7.29
C LEU A 381 -18.99 36.32 8.14
N ALA A 382 -18.00 37.08 8.58
CA ALA A 382 -18.21 38.26 9.42
C ALA A 382 -18.70 39.45 8.62
N ALA A 383 -18.31 39.50 7.35
CA ALA A 383 -18.69 40.55 6.44
C ALA A 383 -20.21 40.46 6.24
N LYS A 384 -20.79 39.31 6.57
CA LYS A 384 -22.22 39.16 6.46
C LYS A 384 -22.83 38.91 7.83
N GLY A 385 -22.04 39.09 8.87
CA GLY A 385 -22.54 38.85 10.21
C GLY A 385 -23.11 37.44 10.32
N SER A 386 -22.62 36.53 9.49
CA SER A 386 -23.08 35.14 9.49
C SER A 386 -22.54 34.33 10.66
N VAL A 387 -23.12 33.15 10.85
CA VAL A 387 -22.74 32.24 11.94
C VAL A 387 -21.68 31.22 11.50
N PRO A 388 -20.55 31.12 12.21
CA PRO A 388 -19.48 30.16 11.88
C PRO A 388 -19.83 28.73 12.36
N ILE A 389 -19.20 27.72 11.79
CA ILE A 389 -19.47 26.32 12.22
C ILE A 389 -19.08 26.13 13.68
N GLY A 390 -19.80 25.28 14.40
CA GLY A 390 -19.49 25.04 15.80
C GLY A 390 -20.51 25.55 16.81
N ILE A 391 -20.19 25.45 18.09
CA ILE A 391 -21.08 25.94 19.14
C ILE A 391 -20.72 27.41 19.45
N GLY A 392 -21.71 28.29 19.28
CA GLY A 392 -21.54 29.72 19.51
C GLY A 392 -21.34 30.13 20.96
N LYS A 393 -21.04 31.41 21.16
CA LYS A 393 -20.80 31.94 22.49
C LYS A 393 -22.02 31.88 23.37
N ASN A 394 -21.79 31.53 24.64
CA ASN A 394 -22.84 31.45 25.64
C ASN A 394 -24.04 30.57 25.29
N CYS A 395 -23.82 29.55 24.47
CA CYS A 395 -24.89 28.64 24.15
C CYS A 395 -24.98 27.65 25.30
N HIS A 396 -26.14 27.06 25.51
CA HIS A 396 -26.32 26.07 26.53
C HIS A 396 -26.91 24.89 25.77
N ILE A 397 -26.20 23.76 25.71
CA ILE A 397 -26.72 22.61 24.96
C ILE A 397 -26.94 21.43 25.89
N LYS A 398 -28.17 20.92 25.95
CA LYS A 398 -28.46 19.80 26.83
C LYS A 398 -29.26 18.70 26.14
N ARG A 399 -28.97 17.45 26.51
CA ARG A 399 -29.66 16.28 25.96
C ARG A 399 -29.92 16.49 24.46
N ALA A 400 -28.83 16.64 23.73
CA ALA A 400 -28.91 16.84 22.30
C ALA A 400 -27.85 16.07 21.51
N ILE A 401 -28.14 15.90 20.24
CA ILE A 401 -27.20 15.33 19.30
C ILE A 401 -27.00 16.48 18.31
N ILE A 402 -25.77 16.98 18.22
CA ILE A 402 -25.50 18.04 17.26
C ILE A 402 -24.73 17.40 16.11
N ASP A 403 -25.38 17.29 14.95
CA ASP A 403 -24.75 16.67 13.80
C ASP A 403 -23.64 17.51 13.17
N LYS A 404 -22.88 16.87 12.29
CA LYS A 404 -21.73 17.48 11.62
C LYS A 404 -21.92 18.89 11.06
N ASN A 405 -20.90 19.72 11.19
CA ASN A 405 -20.91 21.09 10.63
C ASN A 405 -22.09 22.00 10.95
N ALA A 406 -22.78 21.77 12.08
CA ALA A 406 -23.90 22.65 12.44
C ALA A 406 -23.35 24.03 12.78
N ARG A 407 -24.12 25.05 12.43
CA ARG A 407 -23.72 26.42 12.70
C ARG A 407 -24.69 26.88 13.79
N ILE A 408 -24.23 26.88 15.04
CA ILE A 408 -25.10 27.29 16.14
C ILE A 408 -24.72 28.71 16.56
N GLY A 409 -25.69 29.62 16.52
CA GLY A 409 -25.40 30.99 16.86
C GLY A 409 -25.29 31.28 18.34
N ASP A 410 -24.75 32.45 18.64
CA ASP A 410 -24.58 32.89 20.03
C ASP A 410 -25.89 32.91 20.81
N ASN A 411 -25.76 32.61 22.09
CA ASN A 411 -26.87 32.59 23.03
C ASN A 411 -27.99 31.63 22.69
N VAL A 412 -27.66 30.56 22.00
CA VAL A 412 -28.68 29.59 21.70
C VAL A 412 -28.82 28.68 22.91
N LYS A 413 -30.05 28.32 23.24
CA LYS A 413 -30.27 27.45 24.38
C LYS A 413 -31.09 26.27 23.88
N ILE A 414 -30.45 25.11 23.84
CA ILE A 414 -31.14 23.90 23.42
C ILE A 414 -31.35 23.12 24.73
N ILE A 415 -32.44 23.46 25.42
CA ILE A 415 -32.75 22.85 26.71
C ILE A 415 -34.08 22.10 26.77
N ASN A 416 -34.98 22.38 25.83
CA ASN A 416 -36.29 21.72 25.76
C ASN A 416 -36.96 21.68 27.13
N LYS A 417 -37.07 22.86 27.75
CA LYS A 417 -37.66 22.99 29.09
C LYS A 417 -39.03 22.35 29.26
N ASP A 418 -39.92 22.54 28.28
CA ASP A 418 -41.24 21.94 28.37
C ASP A 418 -41.09 20.42 28.52
N ASN A 419 -40.19 19.88 27.71
CA ASN A 419 -39.86 18.45 27.69
C ASN A 419 -40.66 17.71 26.62
N VAL A 420 -40.79 18.34 25.47
CA VAL A 420 -41.48 17.73 24.36
C VAL A 420 -40.75 16.46 24.01
N GLN A 421 -41.48 15.39 23.68
CA GLN A 421 -40.86 14.12 23.33
C GLN A 421 -40.67 13.92 21.82
N GLU A 422 -41.59 14.49 21.04
CA GLU A 422 -41.56 14.38 19.58
C GLU A 422 -41.97 15.72 18.96
N ALA A 423 -41.25 16.11 17.91
CA ALA A 423 -41.52 17.34 17.17
C ALA A 423 -40.64 17.27 15.95
N ALA A 424 -41.23 17.43 14.78
CA ALA A 424 -40.46 17.39 13.54
C ALA A 424 -40.40 18.83 13.04
N ARG A 425 -39.24 19.46 13.19
CA ARG A 425 -39.04 20.84 12.79
C ARG A 425 -37.85 20.96 11.86
N GLU A 426 -37.78 20.10 10.85
CA GLU A 426 -36.65 20.11 9.94
C GLU A 426 -36.38 21.44 9.29
N THR A 427 -37.44 22.15 8.88
CA THR A 427 -37.24 23.44 8.24
C THR A 427 -36.55 24.38 9.21
N ASP A 428 -36.58 24.05 10.50
CA ASP A 428 -35.91 24.88 11.50
C ASP A 428 -34.56 24.28 11.94
N GLY A 429 -34.13 23.23 11.23
CA GLY A 429 -32.85 22.58 11.53
C GLY A 429 -32.76 21.46 12.56
N TYR A 430 -33.88 21.07 13.16
CA TYR A 430 -33.83 20.01 14.16
C TYR A 430 -35.03 19.08 14.19
N PHE A 431 -34.92 18.05 15.02
CA PHE A 431 -35.97 17.08 15.14
C PHE A 431 -35.88 16.52 16.55
N ILE A 432 -36.99 16.47 17.25
CA ILE A 432 -37.00 15.94 18.61
C ILE A 432 -37.61 14.54 18.62
N LYS A 433 -36.82 13.58 19.11
CA LYS A 433 -37.26 12.19 19.19
C LYS A 433 -36.95 11.73 20.61
N SER A 434 -37.88 11.00 21.21
CA SER A 434 -37.73 10.51 22.59
C SER A 434 -37.19 11.60 23.52
N GLY A 435 -37.60 12.84 23.29
CA GLY A 435 -37.14 13.93 24.12
C GLY A 435 -35.72 14.38 23.81
N ILE A 436 -35.12 13.83 22.76
CA ILE A 436 -33.76 14.24 22.44
C ILE A 436 -33.77 15.15 21.22
N VAL A 437 -33.09 16.29 21.34
CA VAL A 437 -33.02 17.25 20.26
C VAL A 437 -31.86 16.91 19.34
N THR A 438 -32.15 16.65 18.07
CA THR A 438 -31.08 16.37 17.12
C THR A 438 -31.04 17.52 16.12
N VAL A 439 -29.94 18.26 16.14
CA VAL A 439 -29.74 19.37 15.20
C VAL A 439 -29.09 18.70 14.00
N ILE A 440 -29.77 18.81 12.87
CA ILE A 440 -29.40 18.25 11.58
C ILE A 440 -28.04 18.70 11.04
N LYS A 441 -27.42 17.84 10.25
CA LYS A 441 -26.15 18.16 9.62
C LYS A 441 -26.23 19.44 8.77
N ASP A 442 -25.20 20.28 8.88
CA ASP A 442 -25.11 21.54 8.13
C ASP A 442 -26.17 22.57 8.51
N ALA A 443 -26.95 22.26 9.53
CA ALA A 443 -28.01 23.16 9.95
C ALA A 443 -27.54 24.48 10.53
N LEU A 444 -28.37 25.50 10.38
CA LEU A 444 -28.06 26.80 10.92
C LEU A 444 -29.12 27.14 11.97
N ILE A 445 -28.68 27.32 13.21
CA ILE A 445 -29.56 27.67 14.31
C ILE A 445 -29.19 29.09 14.73
N PRO A 446 -29.94 30.08 14.19
CA PRO A 446 -29.78 31.53 14.40
C PRO A 446 -29.54 31.92 15.85
N SER A 447 -28.81 33.01 16.05
CA SER A 447 -28.51 33.49 17.39
C SER A 447 -29.80 33.70 18.18
N GLY A 448 -29.74 33.45 19.48
CA GLY A 448 -30.90 33.66 20.31
C GLY A 448 -32.02 32.62 20.26
N ILE A 449 -31.92 31.64 19.38
CA ILE A 449 -32.95 30.61 19.31
C ILE A 449 -32.98 29.78 20.56
N ILE A 450 -34.18 29.44 21.02
CA ILE A 450 -34.34 28.62 22.22
C ILE A 450 -35.21 27.41 21.92
N ILE A 451 -34.66 26.22 22.12
CA ILE A 451 -35.37 24.99 21.85
C ILE A 451 -35.52 24.15 23.14
N THR B 11 6.59 27.90 -10.89
CA THR B 11 6.88 26.75 -9.99
C THR B 11 6.52 25.40 -10.64
N CYS B 12 7.51 24.73 -11.23
CA CYS B 12 7.24 23.48 -11.89
C CYS B 12 8.49 22.69 -12.22
N LEU B 13 8.99 21.94 -11.25
CA LEU B 13 10.20 21.17 -11.47
C LEU B 13 10.07 20.22 -12.63
N ASP B 14 11.17 20.02 -13.33
CA ASP B 14 11.22 19.13 -14.49
C ASP B 14 12.67 18.72 -14.77
N PRO B 15 13.03 17.46 -14.53
CA PRO B 15 12.21 16.35 -14.00
C PRO B 15 11.66 16.63 -12.60
N ASP B 16 10.44 16.17 -12.32
CA ASP B 16 9.85 16.40 -11.01
C ASP B 16 10.77 15.88 -9.92
N ALA B 17 10.58 16.40 -8.73
CA ALA B 17 11.38 16.05 -7.57
C ALA B 17 11.33 14.57 -7.28
N SER B 18 10.16 13.97 -7.48
CA SER B 18 9.96 12.56 -7.21
C SER B 18 11.11 11.65 -7.69
N ARG B 19 11.53 11.83 -8.95
CA ARG B 19 12.60 10.98 -9.45
C ARG B 19 13.99 11.59 -9.51
N SER B 20 14.13 12.90 -9.31
CA SER B 20 15.44 13.51 -9.42
C SER B 20 16.11 14.14 -8.20
N VAL B 21 15.47 14.05 -7.04
CA VAL B 21 16.04 14.61 -5.82
C VAL B 21 16.07 13.49 -4.79
N LEU B 22 17.21 13.32 -4.14
CA LEU B 22 17.34 12.31 -3.10
C LEU B 22 17.39 13.08 -1.77
N GLY B 23 16.42 12.84 -0.90
CA GLY B 23 16.42 13.55 0.37
C GLY B 23 17.36 12.85 1.34
N ILE B 24 18.12 13.60 2.11
CA ILE B 24 19.04 13.02 3.08
C ILE B 24 18.89 13.78 4.41
N ILE B 25 18.28 13.12 5.39
CA ILE B 25 18.04 13.70 6.71
C ILE B 25 19.14 13.26 7.70
N LEU B 26 19.77 14.23 8.35
CA LEU B 26 20.84 13.91 9.28
C LEU B 26 20.32 14.01 10.71
N THR B 32 24.05 15.70 21.37
CA THR B 32 23.92 15.24 22.75
C THR B 32 23.35 16.35 23.62
N ARG B 33 22.91 17.41 22.96
CA ARG B 33 22.32 18.54 23.64
C ARG B 33 20.88 18.22 24.08
N LEU B 34 20.33 17.11 23.57
CA LEU B 34 18.97 16.72 23.96
C LEU B 34 18.97 15.64 25.03
N TYR B 35 20.13 15.42 25.63
CA TYR B 35 20.23 14.43 26.71
C TYR B 35 19.31 14.93 27.81
N PRO B 36 18.59 14.03 28.48
CA PRO B 36 18.49 12.58 28.38
C PRO B 36 17.35 12.02 27.52
N LEU B 37 16.80 12.82 26.60
CA LEU B 37 15.73 12.32 25.73
C LEU B 37 16.36 11.33 24.77
N THR B 38 17.67 11.43 24.59
CA THR B 38 18.37 10.53 23.71
C THR B 38 19.14 9.45 24.46
N LYS B 39 18.90 9.32 25.77
CA LYS B 39 19.62 8.34 26.57
C LYS B 39 19.42 6.89 26.10
N LYS B 40 18.19 6.49 25.82
CA LYS B 40 17.97 5.13 25.34
C LYS B 40 17.01 5.03 24.16
N ARG B 41 17.26 5.87 23.16
CA ARG B 41 16.46 5.88 21.95
C ARG B 41 17.22 6.66 20.89
N ALA B 42 16.90 6.39 19.62
CA ALA B 42 17.53 7.09 18.51
C ALA B 42 17.01 8.51 18.56
N LYS B 43 17.86 9.47 18.29
CA LYS B 43 17.40 10.84 18.33
C LYS B 43 16.22 11.18 17.38
N PRO B 44 16.19 10.61 16.18
CA PRO B 44 15.05 10.97 15.33
C PRO B 44 13.73 10.54 15.91
N ALA B 45 13.78 9.59 16.87
CA ALA B 45 12.56 9.08 17.48
C ALA B 45 12.02 9.87 18.66
N VAL B 46 12.76 10.89 19.11
CA VAL B 46 12.30 11.68 20.25
C VAL B 46 10.90 12.19 20.00
N PRO B 47 9.97 11.91 20.92
CA PRO B 47 8.58 12.33 20.83
C PRO B 47 8.44 13.86 20.74
N LEU B 48 7.42 14.33 20.04
CA LEU B 48 7.23 15.78 19.87
C LEU B 48 5.77 16.14 19.67
N GLY B 49 5.39 17.29 20.19
CA GLY B 49 4.03 17.79 20.01
C GLY B 49 2.88 16.87 20.36
N ALA B 50 3.06 16.10 21.43
CA ALA B 50 2.05 15.17 21.90
C ALA B 50 1.84 13.89 21.09
N ASN B 51 1.79 13.99 19.76
CA ASN B 51 1.52 12.80 18.92
C ASN B 51 2.54 12.47 17.84
N TYR B 52 3.67 13.18 17.85
CA TYR B 52 4.69 13.03 16.83
C TYR B 52 6.04 12.64 17.36
N ARG B 53 7.01 12.58 16.43
CA ARG B 53 8.43 12.29 16.73
C ARG B 53 9.22 13.29 15.87
N LEU B 54 10.45 13.63 16.29
CA LEU B 54 11.23 14.60 15.56
C LEU B 54 11.37 14.27 14.07
N ILE B 55 11.53 13.00 13.72
CA ILE B 55 11.69 12.60 12.34
C ILE B 55 10.50 12.95 11.44
N ASP B 56 9.31 13.11 12.03
CA ASP B 56 8.12 13.43 11.21
C ASP B 56 8.19 14.81 10.55
N ILE B 57 8.99 15.73 11.11
CA ILE B 57 9.07 17.06 10.50
C ILE B 57 9.77 16.99 9.13
N PRO B 58 11.04 16.55 9.08
CA PRO B 58 11.64 16.50 7.75
C PRO B 58 11.03 15.49 6.78
N VAL B 59 10.59 14.34 7.26
CA VAL B 59 9.97 13.34 6.38
C VAL B 59 8.64 13.86 5.79
N SER B 60 7.85 14.54 6.60
CA SER B 60 6.59 15.10 6.15
C SER B 60 6.84 16.22 5.14
N ASN B 61 7.81 17.09 5.42
CA ASN B 61 8.13 18.18 4.50
C ASN B 61 8.56 17.58 3.14
N CYS B 62 9.41 16.57 3.16
CA CYS B 62 9.78 15.94 1.91
C CYS B 62 8.53 15.44 1.15
N LEU B 63 7.77 14.52 1.76
CA LEU B 63 6.57 13.97 1.13
C LEU B 63 5.64 15.04 0.63
N ASN B 64 5.48 16.11 1.39
CA ASN B 64 4.60 17.19 0.95
C ASN B 64 5.23 18.03 -0.17
N SER B 65 6.52 17.82 -0.42
CA SER B 65 7.25 18.56 -1.45
C SER B 65 7.57 17.64 -2.62
N ASN B 66 6.86 16.50 -2.68
CA ASN B 66 7.01 15.53 -3.75
C ASN B 66 8.36 14.83 -3.81
N ILE B 67 9.03 14.77 -2.67
CA ILE B 67 10.30 14.06 -2.56
C ILE B 67 9.98 12.73 -1.87
N SER B 68 10.19 11.63 -2.56
CA SER B 68 9.85 10.34 -1.99
C SER B 68 11.03 9.42 -1.70
N LYS B 69 12.22 9.81 -2.11
CA LYS B 69 13.39 8.99 -1.86
C LYS B 69 14.07 9.61 -0.65
N ILE B 70 13.94 8.95 0.50
CA ILE B 70 14.48 9.51 1.72
C ILE B 70 15.35 8.58 2.52
N TYR B 71 16.55 9.06 2.83
CA TYR B 71 17.49 8.30 3.65
C TYR B 71 17.50 9.05 4.96
N VAL B 72 17.59 8.31 6.05
CA VAL B 72 17.64 8.91 7.36
C VAL B 72 18.94 8.41 7.95
N LEU B 73 19.92 9.29 8.08
CA LEU B 73 21.20 8.90 8.63
C LEU B 73 21.03 9.01 10.12
N THR B 74 21.52 8.02 10.85
CA THR B 74 21.39 8.06 12.30
C THR B 74 22.54 7.27 12.91
N GLN B 75 22.81 7.47 14.19
CA GLN B 75 23.91 6.76 14.79
C GLN B 75 23.74 5.24 14.78
N PHE B 76 22.62 4.77 15.34
CA PHE B 76 22.38 3.33 15.44
C PHE B 76 20.96 2.92 15.08
N ASN B 77 20.80 1.68 14.63
CA ASN B 77 19.47 1.22 14.27
C ASN B 77 18.61 1.12 15.52
N SER B 78 17.31 1.14 15.30
CA SER B 78 16.37 1.05 16.39
C SER B 78 15.10 0.39 15.83
N ALA B 79 14.69 -0.70 16.46
CA ALA B 79 13.48 -1.39 16.06
C ALA B 79 12.29 -0.41 16.15
N SER B 80 12.28 0.41 17.20
CA SER B 80 11.18 1.36 17.41
C SER B 80 11.13 2.41 16.28
N LEU B 81 12.29 2.99 15.97
CA LEU B 81 12.37 3.98 14.90
C LEU B 81 11.88 3.35 13.59
N ASN B 82 12.34 2.14 13.31
CA ASN B 82 11.95 1.46 12.08
C ASN B 82 10.46 1.20 12.02
N ARG B 83 9.92 0.69 13.13
CA ARG B 83 8.49 0.42 13.24
C ARG B 83 7.67 1.67 12.88
N HIS B 84 8.08 2.82 13.41
CA HIS B 84 7.41 4.10 13.17
C HIS B 84 7.49 4.54 11.69
N LEU B 85 8.68 4.38 11.12
CA LEU B 85 8.91 4.75 9.74
C LEU B 85 8.16 3.78 8.84
N SER B 86 8.30 2.49 9.13
CA SER B 86 7.63 1.46 8.36
C SER B 86 6.10 1.67 8.34
N ARG B 87 5.52 1.78 9.52
CA ARG B 87 4.07 1.95 9.64
C ARG B 87 3.51 3.31 9.19
N ALA B 88 4.29 4.38 9.31
CA ALA B 88 3.82 5.71 8.92
C ALA B 88 4.07 6.13 7.48
N TYR B 89 5.12 5.57 6.87
CA TYR B 89 5.51 5.97 5.52
C TYR B 89 5.81 4.88 4.49
N ALA B 90 6.80 4.04 4.82
CA ALA B 90 7.27 2.97 3.93
C ALA B 90 6.20 2.07 3.31
N SER B 91 5.17 1.74 4.09
CA SER B 91 4.10 0.90 3.58
C SER B 91 3.08 1.71 2.81
N ASN B 92 3.23 3.03 2.85
CA ASN B 92 2.31 3.93 2.16
C ASN B 92 2.78 4.13 0.72
N GLU B 99 7.34 3.94 -5.83
CA GLU B 99 8.44 4.66 -6.44
C GLU B 99 9.46 5.06 -5.36
N GLY B 100 8.96 5.50 -4.21
CA GLY B 100 9.83 5.94 -3.15
C GLY B 100 10.24 4.99 -2.03
N PHE B 101 10.85 5.56 -1.00
CA PHE B 101 11.33 4.81 0.16
C PHE B 101 11.81 5.76 1.25
N VAL B 102 11.85 5.24 2.47
CA VAL B 102 12.32 5.96 3.63
C VAL B 102 13.20 4.92 4.33
N GLU B 103 14.50 4.99 4.09
CA GLU B 103 15.41 4.01 4.71
C GLU B 103 16.39 4.64 5.69
N VAL B 104 16.65 3.90 6.76
CA VAL B 104 17.59 4.35 7.77
C VAL B 104 18.95 3.76 7.46
N LEU B 105 20.00 4.58 7.59
CA LEU B 105 21.38 4.19 7.36
C LEU B 105 22.08 4.53 8.66
N ALA B 106 22.57 3.54 9.38
CA ALA B 106 23.21 3.82 10.65
C ALA B 106 24.71 3.95 10.54
N ALA B 107 25.28 4.88 11.29
CA ALA B 107 26.72 5.10 11.26
C ALA B 107 27.50 3.88 11.81
N GLN B 108 27.13 3.41 13.00
CA GLN B 108 27.82 2.24 13.59
C GLN B 108 26.89 1.03 13.68
N GLN B 109 27.43 -0.15 13.98
CA GLN B 109 26.60 -1.35 14.04
C GLN B 109 25.92 -1.63 15.39
N SER B 110 26.18 -0.79 16.38
CA SER B 110 25.58 -0.92 17.71
C SER B 110 25.46 0.47 18.35
N PRO B 111 24.82 0.57 19.53
CA PRO B 111 24.69 1.89 20.18
C PRO B 111 25.80 2.20 21.20
N GLU B 112 26.91 1.49 21.10
CA GLU B 112 28.05 1.68 21.99
C GLU B 112 29.36 1.68 21.19
N PHE B 117 30.65 10.53 18.31
CA PHE B 117 30.47 11.79 17.58
C PHE B 117 30.79 11.63 16.10
N GLN B 118 30.30 12.57 15.29
CA GLN B 118 30.50 12.56 13.84
C GLN B 118 29.92 13.86 13.25
N GLY B 119 30.66 14.48 12.34
CA GLY B 119 30.20 15.73 11.75
C GLY B 119 29.21 15.53 10.63
N THR B 120 28.49 16.59 10.27
CA THR B 120 27.49 16.51 9.20
C THR B 120 28.10 16.10 7.85
N ALA B 121 29.29 16.63 7.54
CA ALA B 121 29.96 16.27 6.31
C ALA B 121 30.45 14.81 6.37
N ASP B 122 30.91 14.37 7.55
CA ASP B 122 31.39 12.98 7.68
C ASP B 122 30.23 12.00 7.54
N ALA B 123 29.08 12.36 8.09
CA ALA B 123 27.89 11.51 8.03
C ALA B 123 27.52 11.24 6.58
N VAL B 124 27.46 12.30 5.79
CA VAL B 124 27.13 12.16 4.37
C VAL B 124 28.28 11.49 3.62
N ARG B 125 29.52 11.82 3.96
CA ARG B 125 30.65 11.21 3.25
C ARG B 125 30.70 9.69 3.53
N GLN B 126 30.39 9.29 4.75
CA GLN B 126 30.42 7.88 5.05
C GLN B 126 29.52 7.09 4.08
N TYR B 127 28.40 7.67 3.64
CA TYR B 127 27.50 6.98 2.70
C TYR B 127 27.43 7.51 1.28
N LEU B 128 28.32 8.44 0.96
CA LEU B 128 28.39 9.04 -0.38
C LEU B 128 28.39 7.96 -1.44
N TRP B 129 29.17 6.91 -1.21
CA TRP B 129 29.28 5.83 -2.19
C TRP B 129 27.93 5.26 -2.57
N LEU B 130 26.99 5.30 -1.62
CA LEU B 130 25.65 4.76 -1.82
C LEU B 130 24.72 5.81 -2.45
N PHE B 131 24.84 7.06 -2.02
CA PHE B 131 24.02 8.14 -2.59
C PHE B 131 24.36 8.30 -4.08
N GLU B 132 25.62 8.09 -4.42
CA GLU B 132 26.09 8.22 -5.80
C GLU B 132 25.51 7.15 -6.67
N GLU B 133 25.00 6.08 -6.05
CA GLU B 133 24.41 5.00 -6.82
C GLU B 133 23.02 5.35 -7.37
N HIS B 134 22.42 6.41 -6.85
CA HIS B 134 21.09 6.82 -7.30
C HIS B 134 21.16 7.77 -8.49
N THR B 135 20.24 7.61 -9.44
CA THR B 135 20.19 8.48 -10.62
C THR B 135 19.35 9.71 -10.29
N VAL B 136 19.98 10.69 -9.65
CA VAL B 136 19.27 11.91 -9.30
C VAL B 136 20.11 13.13 -9.67
N LEU B 137 19.44 14.28 -9.79
CA LEU B 137 20.09 15.55 -10.13
C LEU B 137 20.67 16.27 -8.91
N GLU B 138 19.91 16.24 -7.81
CA GLU B 138 20.34 16.88 -6.57
C GLU B 138 20.12 16.04 -5.31
N TYR B 139 20.83 16.44 -4.26
CA TYR B 139 20.69 15.86 -2.94
C TYR B 139 20.09 17.01 -2.14
N LEU B 140 19.08 16.72 -1.33
CA LEU B 140 18.43 17.71 -0.49
C LEU B 140 18.96 17.30 0.88
N ILE B 141 19.87 18.10 1.43
CA ILE B 141 20.47 17.78 2.73
C ILE B 141 19.71 18.49 3.84
N LEU B 142 19.07 17.73 4.74
CA LEU B 142 18.33 18.30 5.84
C LEU B 142 18.97 17.92 7.16
N ALA B 143 19.75 18.84 7.71
CA ALA B 143 20.43 18.59 8.96
C ALA B 143 19.79 19.28 10.15
N GLY B 144 20.27 18.92 11.33
CA GLY B 144 19.77 19.52 12.55
C GLY B 144 18.31 19.22 12.79
N ASP B 145 17.82 19.62 13.95
CA ASP B 145 16.41 19.40 14.29
C ASP B 145 15.68 20.69 14.47
N HIS B 146 14.73 20.94 13.58
CA HIS B 146 13.97 22.18 13.65
C HIS B 146 12.49 22.02 13.41
N LEU B 147 11.74 22.98 13.95
CA LEU B 147 10.32 23.00 13.80
C LEU B 147 10.00 24.02 12.72
N TYR B 148 9.51 23.51 11.59
CA TYR B 148 9.15 24.36 10.48
C TYR B 148 8.48 23.51 9.43
N ARG B 149 7.78 24.17 8.53
CA ARG B 149 7.11 23.53 7.42
C ARG B 149 7.72 24.24 6.24
N MET B 150 8.13 23.51 5.21
CA MET B 150 8.72 24.15 4.05
C MET B 150 8.41 23.36 2.79
N ASP B 151 8.20 24.06 1.69
CA ASP B 151 7.95 23.41 0.40
C ASP B 151 9.31 23.39 -0.27
N TYR B 152 10.00 22.27 -0.17
CA TYR B 152 11.32 22.16 -0.75
C TYR B 152 11.37 22.37 -2.26
N GLU B 153 10.21 22.38 -2.91
CA GLU B 153 10.19 22.54 -4.37
C GLU B 153 10.62 23.92 -4.82
N LYS B 154 10.24 24.93 -4.06
CA LYS B 154 10.62 26.30 -4.37
C LYS B 154 12.13 26.43 -4.10
N PHE B 155 12.63 25.60 -3.19
CA PHE B 155 14.05 25.58 -2.82
C PHE B 155 14.82 24.97 -4.00
N ILE B 156 14.40 23.79 -4.45
CA ILE B 156 15.01 23.06 -5.57
C ILE B 156 14.94 23.91 -6.86
N GLN B 157 13.79 24.54 -7.07
CA GLN B 157 13.58 25.38 -8.23
C GLN B 157 14.54 26.56 -8.28
N ALA B 158 14.74 27.23 -7.15
CA ALA B 158 15.66 28.37 -7.14
C ALA B 158 17.05 27.87 -7.50
N HIS B 159 17.39 26.70 -6.99
CA HIS B 159 18.69 26.08 -7.24
C HIS B 159 18.94 25.83 -8.73
N ARG B 160 17.93 25.29 -9.41
CA ARG B 160 18.03 24.96 -10.82
C ARG B 160 17.98 26.18 -11.70
N GLU B 161 17.19 27.16 -11.32
CA GLU B 161 17.08 28.36 -12.13
C GLU B 161 18.34 29.20 -12.11
N THR B 162 19.06 29.14 -10.99
CA THR B 162 20.27 29.91 -10.83
C THR B 162 21.49 29.09 -11.18
N ASP B 163 21.29 27.89 -11.70
CA ASP B 163 22.43 27.04 -12.04
C ASP B 163 23.42 26.95 -10.85
N ALA B 164 22.84 26.85 -9.66
CA ALA B 164 23.64 26.76 -8.45
C ALA B 164 24.35 25.42 -8.35
N ASP B 165 25.49 25.44 -7.66
CA ASP B 165 26.26 24.23 -7.39
C ASP B 165 25.78 23.76 -6.04
N ILE B 166 25.50 24.75 -5.18
CA ILE B 166 24.98 24.57 -3.82
C ILE B 166 24.05 25.73 -3.52
N THR B 167 22.91 25.43 -2.90
CA THR B 167 21.94 26.45 -2.51
C THR B 167 21.69 26.23 -1.03
N VAL B 168 21.78 27.33 -0.28
CA VAL B 168 21.60 27.33 1.17
C VAL B 168 20.33 28.06 1.52
N ALA B 169 19.47 27.41 2.30
CA ALA B 169 18.25 28.05 2.75
C ALA B 169 18.74 29.08 3.77
N ALA B 170 18.22 30.31 3.70
CA ALA B 170 18.68 31.35 4.58
C ALA B 170 17.52 32.05 5.25
N LEU B 171 17.77 32.45 6.48
CA LEU B 171 16.77 33.08 7.33
C LEU B 171 17.26 34.41 7.93
N PRO B 172 16.38 35.43 7.99
CA PRO B 172 16.69 36.76 8.53
C PRO B 172 16.91 36.63 10.04
N MET B 173 18.10 36.97 10.51
CA MET B 173 18.42 36.81 11.93
C MET B 173 18.63 38.13 12.65
N ASP B 174 18.34 38.12 13.95
CA ASP B 174 18.53 39.29 14.80
C ASP B 174 19.97 39.30 15.29
N GLU B 175 20.51 40.50 15.54
CA GLU B 175 21.88 40.61 16.01
C GLU B 175 22.08 39.67 17.19
N LYS B 176 20.99 39.39 17.89
CA LYS B 176 21.00 38.51 19.04
C LYS B 176 21.56 37.11 18.71
N ARG B 177 20.68 36.22 18.30
CA ARG B 177 21.04 34.84 17.95
C ARG B 177 22.10 34.76 16.85
N ALA B 178 22.39 35.90 16.22
CA ALA B 178 23.34 36.00 15.12
C ALA B 178 24.59 35.12 15.17
N THR B 179 25.41 35.26 16.21
CA THR B 179 26.65 34.48 16.31
C THR B 179 26.50 32.99 16.62
N ALA B 180 25.27 32.49 16.63
CA ALA B 180 25.04 31.07 16.88
C ALA B 180 24.84 30.34 15.54
N PHE B 181 24.77 31.12 14.47
CA PHE B 181 24.57 30.59 13.12
C PHE B 181 25.61 31.15 12.15
N GLY B 182 25.86 30.42 11.07
CA GLY B 182 26.78 30.88 10.06
C GLY B 182 26.04 31.98 9.32
N LEU B 183 26.66 33.14 9.15
CA LEU B 183 26.02 34.27 8.47
C LEU B 183 26.58 34.49 7.07
N MET B 184 25.81 35.17 6.23
CA MET B 184 26.24 35.42 4.84
C MET B 184 25.85 36.78 4.26
N LYS B 185 26.48 37.10 3.13
CA LYS B 185 26.21 38.30 2.38
C LYS B 185 26.00 37.86 0.93
N ILE B 186 24.97 38.38 0.27
CA ILE B 186 24.71 38.01 -1.13
C ILE B 186 24.57 39.24 -2.05
N ASP B 187 24.69 38.99 -3.35
CA ASP B 187 24.55 40.06 -4.33
C ASP B 187 23.06 40.18 -4.69
N GLU B 188 22.72 41.04 -5.65
CA GLU B 188 21.30 41.20 -5.99
C GLU B 188 20.66 39.92 -6.54
N GLU B 189 21.47 38.91 -6.86
CA GLU B 189 20.95 37.64 -7.38
C GLU B 189 20.75 36.62 -6.28
N GLY B 190 21.26 36.91 -5.08
CA GLY B 190 21.11 35.97 -3.98
C GLY B 190 22.32 35.05 -3.92
N ARG B 191 23.29 35.33 -4.77
CA ARG B 191 24.50 34.53 -4.79
C ARG B 191 25.27 34.88 -3.51
N ILE B 192 25.74 33.87 -2.78
CA ILE B 192 26.48 34.13 -1.55
C ILE B 192 27.90 34.54 -1.92
N ILE B 193 28.28 35.74 -1.52
CA ILE B 193 29.61 36.26 -1.82
C ILE B 193 30.52 36.22 -0.60
N GLU B 194 29.91 36.17 0.57
CA GLU B 194 30.67 36.09 1.79
C GLU B 194 29.95 35.28 2.84
N PHE B 195 30.65 34.27 3.32
CA PHE B 195 30.13 33.37 4.34
C PHE B 195 31.04 33.50 5.56
N ALA B 196 30.45 33.71 6.74
CA ALA B 196 31.24 33.82 7.98
C ALA B 196 30.60 33.03 9.11
N GLU B 197 31.22 31.92 9.50
CA GLU B 197 30.66 31.09 10.56
C GLU B 197 30.65 31.73 11.94
N LYS B 198 29.48 31.69 12.58
CA LYS B 198 29.25 32.23 13.92
C LYS B 198 30.25 33.33 14.31
N PRO B 199 30.54 34.28 13.40
CA PRO B 199 31.49 35.35 13.69
C PRO B 199 31.17 36.16 14.95
N GLN B 200 32.11 37.02 15.34
CA GLN B 200 31.96 37.86 16.53
C GLN B 200 32.74 39.18 16.44
N GLY B 201 32.56 40.02 17.45
CA GLY B 201 33.26 41.29 17.49
C GLY B 201 33.15 42.17 16.25
N GLU B 202 34.29 42.44 15.62
CA GLU B 202 34.27 43.28 14.44
C GLU B 202 33.73 42.58 13.22
N GLN B 203 33.90 41.27 13.12
CA GLN B 203 33.38 40.56 11.97
C GLN B 203 31.86 40.36 12.08
N LEU B 204 31.35 40.27 13.31
CA LEU B 204 29.91 40.10 13.57
C LEU B 204 29.22 41.38 13.12
N GLN B 205 30.00 42.47 13.11
CA GLN B 205 29.52 43.79 12.71
C GLN B 205 29.70 44.01 11.21
N ALA B 206 30.77 43.46 10.65
CA ALA B 206 31.05 43.62 9.22
C ALA B 206 30.18 42.73 8.34
N MET B 207 29.48 41.77 8.93
CA MET B 207 28.62 40.90 8.14
C MET B 207 27.21 41.49 8.07
N LYS B 208 26.83 42.25 9.09
CA LYS B 208 25.50 42.87 9.12
C LYS B 208 25.17 43.44 7.75
N VAL B 209 24.01 43.08 7.22
CA VAL B 209 23.63 43.58 5.92
C VAL B 209 22.20 44.10 5.94
N ASP B 210 21.85 44.89 4.93
CA ASP B 210 20.53 45.47 4.80
C ASP B 210 19.49 44.41 4.47
N THR B 211 18.62 44.14 5.43
CA THR B 211 17.59 43.14 5.25
C THR B 211 16.24 43.73 4.83
N THR B 212 16.26 44.38 3.67
CA THR B 212 15.07 44.98 3.04
C THR B 212 15.08 44.45 1.60
N ILE B 213 16.30 44.25 1.08
CA ILE B 213 16.52 43.74 -0.27
C ILE B 213 15.81 42.40 -0.43
N LEU B 214 15.62 41.70 0.67
CA LEU B 214 14.95 40.41 0.64
C LEU B 214 13.46 40.58 1.01
N GLY B 215 12.93 41.77 0.73
CA GLY B 215 11.53 42.06 0.99
C GLY B 215 11.22 42.78 2.29
N LEU B 216 11.80 42.28 3.38
CA LEU B 216 11.59 42.85 4.71
C LEU B 216 11.60 44.38 4.68
N ASP B 217 11.09 44.99 5.73
CA ASP B 217 11.03 46.44 5.81
C ASP B 217 12.00 46.98 6.87
N ASP B 218 12.36 48.25 6.71
CA ASP B 218 13.27 48.99 7.60
C ASP B 218 13.07 48.68 9.08
N LYS B 219 11.83 48.75 9.55
CA LYS B 219 11.51 48.46 10.95
C LYS B 219 12.24 47.19 11.39
N ARG B 220 11.82 46.04 10.84
CA ARG B 220 12.42 44.77 11.18
C ARG B 220 13.68 44.48 10.38
N ALA B 221 13.95 45.29 9.37
CA ALA B 221 15.15 45.11 8.58
C ALA B 221 16.25 45.60 9.52
N LYS B 222 15.84 46.44 10.45
CA LYS B 222 16.74 47.02 11.45
C LYS B 222 16.93 46.07 12.65
N GLU B 223 15.88 45.33 13.01
CA GLU B 223 15.96 44.39 14.13
C GLU B 223 16.72 43.12 13.73
N MET B 224 16.53 42.68 12.48
CA MET B 224 17.22 41.49 11.97
C MET B 224 18.13 41.90 10.82
N PRO B 225 19.35 42.38 11.13
CA PRO B 225 20.30 42.81 10.10
C PRO B 225 21.26 41.70 9.65
N PHE B 226 20.77 40.47 9.57
CA PHE B 226 21.62 39.36 9.15
C PHE B 226 20.91 38.31 8.32
N ILE B 227 21.69 37.62 7.50
CA ILE B 227 21.20 36.51 6.71
C ILE B 227 21.93 35.33 7.33
N ALA B 228 21.17 34.41 7.92
CA ALA B 228 21.71 33.22 8.56
C ALA B 228 21.35 31.94 7.84
N SER B 229 22.30 31.02 7.80
CA SER B 229 22.10 29.74 7.18
C SER B 229 21.18 28.92 8.10
N MET B 230 20.22 28.20 7.51
CA MET B 230 19.28 27.36 8.26
C MET B 230 19.82 25.91 8.34
N GLY B 231 21.03 25.72 7.86
CA GLY B 231 21.64 24.41 7.89
C GLY B 231 21.05 23.35 6.97
N ILE B 232 20.29 23.77 5.95
CA ILE B 232 19.75 22.81 4.99
C ILE B 232 20.18 23.25 3.58
N TYR B 233 20.47 22.28 2.74
CA TYR B 233 20.98 22.64 1.43
C TYR B 233 20.51 21.77 0.27
N VAL B 234 20.61 22.34 -0.93
CA VAL B 234 20.34 21.61 -2.15
C VAL B 234 21.76 21.56 -2.72
N ILE B 235 22.24 20.39 -3.09
CA ILE B 235 23.58 20.29 -3.63
C ILE B 235 23.59 19.37 -4.84
N SER B 236 24.13 19.90 -5.95
CA SER B 236 24.20 19.14 -7.20
C SER B 236 25.03 17.90 -6.99
N LYS B 237 24.53 16.77 -7.49
CA LYS B 237 25.16 15.46 -7.35
C LYS B 237 26.67 15.43 -7.54
N ASP B 238 27.13 15.94 -8.68
CA ASP B 238 28.55 15.95 -8.94
C ASP B 238 29.25 16.88 -7.99
N VAL B 239 28.64 18.03 -7.70
CA VAL B 239 29.27 18.94 -6.78
C VAL B 239 29.55 18.25 -5.45
N MET B 240 28.60 17.42 -4.99
CA MET B 240 28.75 16.72 -3.71
C MET B 240 29.96 15.80 -3.69
N LEU B 241 30.09 14.97 -4.72
CA LEU B 241 31.19 14.04 -4.79
C LEU B 241 32.51 14.80 -4.79
N ASN B 242 32.60 15.82 -5.65
CA ASN B 242 33.80 16.64 -5.74
C ASN B 242 34.15 17.24 -4.40
N LEU B 243 33.21 17.95 -3.81
CA LEU B 243 33.49 18.59 -2.53
C LEU B 243 33.91 17.64 -1.39
N LEU B 244 33.12 16.61 -1.13
CA LEU B 244 33.41 15.72 -0.01
C LEU B 244 34.60 14.79 -0.15
N ARG B 245 34.86 14.31 -1.36
CA ARG B 245 35.98 13.40 -1.56
C ARG B 245 37.23 14.00 -2.21
N ASP B 246 37.06 14.83 -3.23
CA ASP B 246 38.19 15.44 -3.95
C ASP B 246 38.75 16.72 -3.35
N LYS B 247 37.88 17.68 -3.07
CA LYS B 247 38.30 18.97 -2.57
C LYS B 247 38.45 19.14 -1.07
N PHE B 248 37.57 18.52 -0.30
CA PHE B 248 37.65 18.67 1.13
C PHE B 248 37.45 17.40 1.91
N PRO B 249 38.17 16.33 1.51
CA PRO B 249 38.13 15.01 2.12
C PRO B 249 38.26 15.02 3.64
N GLY B 250 38.89 16.05 4.18
CA GLY B 250 39.07 16.13 5.61
C GLY B 250 38.06 16.98 6.36
N ALA B 251 37.10 17.57 5.65
CA ALA B 251 36.12 18.40 6.34
C ALA B 251 35.13 17.53 7.14
N ASN B 252 34.76 18.01 8.31
CA ASN B 252 33.81 17.31 9.16
C ASN B 252 32.42 17.96 9.14
N ASP B 253 32.37 19.28 9.02
CA ASP B 253 31.10 20.03 9.02
C ASP B 253 30.77 20.71 7.67
N PHE B 254 29.51 20.64 7.23
CA PHE B 254 29.09 21.32 6.00
C PHE B 254 29.11 22.83 6.28
N GLY B 255 28.43 23.21 7.36
CA GLY B 255 28.37 24.61 7.71
C GLY B 255 29.68 25.37 7.83
N SER B 256 30.59 24.85 8.65
CA SER B 256 31.86 25.54 8.87
C SER B 256 33.03 25.19 7.99
N GLU B 257 32.92 24.15 7.17
CA GLU B 257 34.04 23.79 6.30
C GLU B 257 33.70 23.61 4.83
N VAL B 258 32.68 22.83 4.50
CA VAL B 258 32.39 22.63 3.10
C VAL B 258 31.86 23.87 2.37
N ILE B 259 30.86 24.53 2.95
CA ILE B 259 30.25 25.71 2.37
C ILE B 259 31.30 26.79 2.16
N PRO B 260 32.09 27.08 3.21
CA PRO B 260 33.13 28.09 3.09
C PRO B 260 34.11 27.63 2.01
N GLY B 261 34.53 26.37 2.13
CA GLY B 261 35.45 25.81 1.16
C GLY B 261 34.91 26.03 -0.25
N ALA B 262 33.66 25.62 -0.46
CA ALA B 262 33.01 25.74 -1.76
C ALA B 262 33.09 27.16 -2.34
N THR B 263 32.77 28.15 -1.53
CA THR B 263 32.79 29.52 -1.99
C THR B 263 34.21 29.99 -2.36
N SER B 264 35.21 29.68 -1.52
CA SER B 264 36.57 30.09 -1.81
C SER B 264 37.03 29.51 -3.15
N LEU B 265 36.48 28.38 -3.54
CA LEU B 265 36.85 27.78 -4.82
C LEU B 265 36.05 28.44 -5.97
N GLY B 266 35.30 29.49 -5.64
CA GLY B 266 34.53 30.18 -6.65
C GLY B 266 33.36 29.42 -7.27
N MET B 267 32.81 28.43 -6.54
CA MET B 267 31.68 27.67 -7.05
C MET B 267 30.44 28.54 -6.91
N ARG B 268 29.37 28.17 -7.60
CA ARG B 268 28.13 28.91 -7.53
C ARG B 268 27.35 28.55 -6.26
N VAL B 269 27.53 29.34 -5.20
CA VAL B 269 26.82 29.15 -3.94
C VAL B 269 25.68 30.18 -3.83
N GLN B 270 24.46 29.68 -3.97
CA GLN B 270 23.23 30.48 -3.96
C GLN B 270 22.52 30.51 -2.61
N ALA B 271 21.82 31.60 -2.34
CA ALA B 271 21.04 31.75 -1.10
C ALA B 271 19.53 31.73 -1.42
N TYR B 272 18.73 31.02 -0.62
CA TYR B 272 17.29 30.92 -0.82
C TYR B 272 16.59 31.42 0.43
N LEU B 273 16.00 32.62 0.33
CA LEU B 273 15.32 33.24 1.45
C LEU B 273 14.06 32.54 1.88
N TYR B 274 14.05 32.06 3.13
CA TYR B 274 12.88 31.40 3.66
C TYR B 274 12.22 32.44 4.56
N ASP B 275 10.91 32.57 4.52
CA ASP B 275 10.27 33.58 5.36
C ASP B 275 9.12 33.08 6.25
N GLY B 276 9.25 31.89 6.82
CA GLY B 276 8.21 31.37 7.68
C GLY B 276 8.75 31.07 9.06
N TYR B 277 7.98 30.35 9.89
CA TYR B 277 8.40 29.97 11.24
C TYR B 277 9.51 28.93 11.16
N TRP B 278 10.53 29.08 12.00
CA TRP B 278 11.66 28.16 12.06
C TRP B 278 12.29 28.22 13.46
N GLU B 279 12.20 27.13 14.22
CA GLU B 279 12.77 27.10 15.56
C GLU B 279 13.71 25.96 15.77
N ASP B 280 14.88 26.25 16.33
CA ASP B 280 15.80 25.17 16.61
C ASP B 280 15.30 24.51 17.88
N ILE B 281 15.25 23.19 17.90
CA ILE B 281 14.80 22.48 19.07
C ILE B 281 15.85 21.41 19.38
N GLY B 282 17.11 21.77 19.10
CA GLY B 282 18.22 20.87 19.31
C GLY B 282 18.77 20.85 20.73
N THR B 283 18.24 21.71 21.61
CA THR B 283 18.63 21.79 23.02
C THR B 283 17.38 21.63 23.92
N ILE B 284 17.57 21.15 25.14
CA ILE B 284 16.46 20.95 26.06
C ILE B 284 15.55 22.17 26.21
N GLU B 285 16.12 23.34 26.43
CA GLU B 285 15.31 24.53 26.62
C GLU B 285 14.62 25.01 25.35
N ALA B 286 15.29 24.89 24.20
CA ALA B 286 14.68 25.29 22.94
C ALA B 286 13.51 24.31 22.65
N PHE B 287 13.78 23.01 22.81
CA PHE B 287 12.80 21.93 22.60
C PHE B 287 11.60 22.21 23.49
N TYR B 288 11.88 22.40 24.77
CA TYR B 288 10.86 22.69 25.77
C TYR B 288 10.00 23.90 25.35
N ASN B 289 10.65 25.02 25.03
CA ASN B 289 9.90 26.21 24.66
C ASN B 289 9.05 25.99 23.41
N ALA B 290 9.67 25.42 22.39
CA ALA B 290 8.93 25.22 21.14
C ALA B 290 7.71 24.28 21.32
N ASN B 291 7.86 23.23 22.13
CA ASN B 291 6.74 22.33 22.35
C ASN B 291 5.58 23.07 23.04
N LEU B 292 5.89 23.90 24.04
CA LEU B 292 4.81 24.61 24.71
C LEU B 292 4.26 25.75 23.87
N GLY B 293 4.98 26.15 22.84
CA GLY B 293 4.51 27.21 21.97
C GLY B 293 3.29 26.80 21.17
N ILE B 294 3.01 25.50 21.05
CA ILE B 294 1.85 25.06 20.29
C ILE B 294 0.58 25.27 21.08
N THR B 295 0.72 25.70 22.32
CA THR B 295 -0.47 25.94 23.14
C THR B 295 -0.90 27.40 23.03
N LYS B 296 -0.12 28.23 22.35
CA LYS B 296 -0.42 29.67 22.22
C LYS B 296 -1.70 30.04 21.46
N LYS B 297 -2.28 31.18 21.83
CA LYS B 297 -3.51 31.65 21.19
C LYS B 297 -3.29 32.98 20.44
N PRO B 298 -4.13 33.27 19.42
CA PRO B 298 -5.26 32.46 18.94
C PRO B 298 -4.80 31.48 17.86
N VAL B 299 -3.48 31.38 17.69
CA VAL B 299 -2.88 30.47 16.72
C VAL B 299 -1.53 29.96 17.26
N PRO B 300 -1.29 28.66 17.14
CA PRO B 300 -0.02 28.17 17.66
C PRO B 300 1.11 28.77 16.86
N ASP B 301 2.29 28.81 17.47
CA ASP B 301 3.47 29.36 16.81
C ASP B 301 3.65 28.55 15.53
N PHE B 302 3.68 27.22 15.68
CA PHE B 302 3.79 26.32 14.56
C PHE B 302 2.59 25.40 14.62
N SER B 303 2.00 25.09 13.47
CA SER B 303 0.84 24.20 13.38
C SER B 303 1.25 22.90 12.67
N PHE B 304 1.14 21.77 13.38
CA PHE B 304 1.49 20.48 12.80
C PHE B 304 0.44 20.15 11.72
N TYR B 305 -0.82 20.44 12.01
CA TYR B 305 -1.87 20.21 11.04
C TYR B 305 -1.94 21.37 10.04
N ASP B 306 -2.18 21.02 8.78
CA ASP B 306 -2.33 21.98 7.68
C ASP B 306 -3.19 21.25 6.65
N ARG B 307 -4.22 21.93 6.16
CA ARG B 307 -5.11 21.34 5.16
C ARG B 307 -4.34 20.80 3.95
N SER B 308 -3.30 21.51 3.53
CA SER B 308 -2.51 21.09 2.37
C SER B 308 -1.23 20.28 2.65
N ALA B 309 -0.41 20.75 3.60
CA ALA B 309 0.85 20.10 3.95
C ALA B 309 0.94 19.77 5.44
N PRO B 310 0.18 18.76 5.90
CA PRO B 310 0.19 18.40 7.33
C PRO B 310 1.38 17.54 7.73
N ILE B 311 1.72 17.56 9.01
CA ILE B 311 2.81 16.74 9.49
C ILE B 311 2.14 15.42 9.80
N TYR B 312 2.70 14.34 9.25
CA TYR B 312 2.18 13.00 9.44
C TYR B 312 2.83 12.30 10.63
N THR B 313 2.27 11.12 10.94
CA THR B 313 2.80 10.29 12.00
C THR B 313 2.09 8.93 11.90
N GLN B 314 2.44 7.99 12.77
CA GLN B 314 1.84 6.67 12.74
C GLN B 314 0.37 6.65 13.15
N PRO B 315 -0.49 6.07 12.29
CA PRO B 315 -1.93 5.95 12.55
C PRO B 315 -2.07 4.94 13.72
N ARG B 316 -2.78 5.29 14.77
CA ARG B 316 -2.84 4.38 15.92
C ARG B 316 -4.19 3.88 16.39
N TYR B 317 -5.27 4.50 15.93
CA TYR B 317 -6.62 4.10 16.35
C TYR B 317 -6.85 4.15 17.86
N LEU B 318 -6.21 5.11 18.52
CA LEU B 318 -6.36 5.28 19.96
C LEU B 318 -7.72 5.91 20.16
N PRO B 319 -8.36 5.57 21.26
CA PRO B 319 -9.68 6.14 21.49
C PRO B 319 -9.67 7.60 21.91
N PRO B 320 -10.84 8.23 21.88
CA PRO B 320 -10.99 9.64 22.28
C PRO B 320 -10.48 9.77 23.75
N SER B 321 -9.85 10.88 24.09
CA SER B 321 -9.33 11.05 25.43
C SER B 321 -10.46 11.12 26.45
N LYS B 322 -10.26 10.49 27.59
CA LYS B 322 -11.31 10.55 28.62
C LYS B 322 -10.89 11.48 29.78
N MET B 323 -11.82 12.32 30.24
CA MET B 323 -11.56 13.23 31.37
C MET B 323 -12.67 13.10 32.42
N LEU B 324 -12.30 12.69 33.63
CA LEU B 324 -13.28 12.55 34.69
C LEU B 324 -13.70 13.93 35.23
N ASP B 325 -12.71 14.76 35.54
CA ASP B 325 -12.97 16.08 36.08
C ASP B 325 -11.70 16.94 35.95
N ALA B 326 -11.45 17.41 34.73
CA ALA B 326 -10.27 18.17 34.47
C ALA B 326 -10.47 19.64 34.13
N ASP B 327 -9.77 20.49 34.86
CA ASP B 327 -9.82 21.92 34.60
C ASP B 327 -8.58 22.14 33.74
N VAL B 328 -8.80 22.35 32.45
CA VAL B 328 -7.69 22.49 31.52
C VAL B 328 -7.51 23.88 30.95
N THR B 329 -6.34 24.49 31.16
CA THR B 329 -6.15 25.82 30.63
C THR B 329 -4.93 25.92 29.72
N ASP B 330 -5.05 26.65 28.62
CA ASP B 330 -3.92 26.87 27.68
C ASP B 330 -3.16 25.59 27.39
N SER B 331 -3.86 24.50 27.15
CA SER B 331 -3.13 23.25 26.95
C SER B 331 -3.61 22.43 25.76
N VAL B 332 -2.79 21.49 25.28
CA VAL B 332 -3.25 20.61 24.20
C VAL B 332 -3.20 19.17 24.73
N ILE B 333 -4.19 18.39 24.30
CA ILE B 333 -4.35 17.02 24.71
C ILE B 333 -4.16 16.06 23.53
N GLY B 334 -3.19 15.16 23.67
CA GLY B 334 -2.89 14.15 22.65
C GLY B 334 -3.96 13.07 22.49
N GLU B 335 -3.62 12.03 21.74
CA GLU B 335 -4.54 10.93 21.47
C GLU B 335 -4.66 9.94 22.63
N GLY B 336 -5.88 9.49 22.89
CA GLY B 336 -6.13 8.48 23.90
C GLY B 336 -5.67 8.63 25.35
N CYS B 337 -5.75 9.85 25.87
CA CYS B 337 -5.37 10.10 27.25
C CYS B 337 -6.49 9.63 28.19
N VAL B 338 -6.13 9.34 29.42
CA VAL B 338 -7.07 8.88 30.45
C VAL B 338 -6.78 9.74 31.66
N ILE B 339 -7.60 10.77 31.83
CA ILE B 339 -7.41 11.78 32.88
C ILE B 339 -8.48 11.80 33.97
N LYS B 340 -8.04 11.88 35.23
CA LYS B 340 -8.97 11.91 36.37
C LYS B 340 -9.36 13.34 36.75
N ASN B 341 -9.52 13.61 38.05
CA ASN B 341 -9.85 14.96 38.46
C ASN B 341 -8.47 15.59 38.67
N CYS B 342 -8.21 16.68 37.96
CA CYS B 342 -6.88 17.26 38.05
C CYS B 342 -6.90 18.61 37.44
N LYS B 343 -5.74 19.25 37.43
CA LYS B 343 -5.61 20.57 36.86
C LYS B 343 -4.47 20.54 35.88
N ILE B 344 -4.73 21.01 34.66
CA ILE B 344 -3.68 21.02 33.65
C ILE B 344 -3.59 22.42 33.08
N HIS B 345 -2.41 23.01 33.24
CA HIS B 345 -2.20 24.37 32.81
C HIS B 345 -0.95 24.56 31.97
N HIS B 346 -1.11 25.30 30.89
CA HIS B 346 -0.03 25.60 29.97
C HIS B 346 0.85 24.38 29.72
N SER B 347 0.22 23.27 29.35
CA SER B 347 0.96 22.02 29.11
C SER B 347 0.60 21.32 27.80
N VAL B 348 1.39 20.30 27.48
CA VAL B 348 1.19 19.46 26.30
C VAL B 348 1.10 18.07 26.89
N VAL B 349 -0.03 17.40 26.69
CA VAL B 349 -0.23 16.06 27.23
C VAL B 349 -0.20 15.03 26.10
N GLY B 350 0.91 14.31 26.03
CA GLY B 350 1.14 13.31 24.99
C GLY B 350 0.19 12.11 24.95
N LEU B 351 0.28 11.33 23.89
CA LEU B 351 -0.64 10.20 23.73
C LEU B 351 -0.57 9.16 24.86
N ARG B 352 -1.73 8.61 25.19
CA ARG B 352 -1.86 7.58 26.22
C ARG B 352 -1.46 7.99 27.64
N SER B 353 -1.49 9.29 27.95
CA SER B 353 -1.10 9.79 29.29
C SER B 353 -2.11 9.40 30.37
N CYS B 354 -1.65 8.82 31.51
CA CYS B 354 -2.63 8.52 32.66
C CYS B 354 -2.21 9.60 33.68
N ILE B 355 -3.22 10.37 34.10
CA ILE B 355 -3.05 11.42 35.09
C ILE B 355 -4.05 11.08 36.21
N SER B 356 -3.52 10.74 37.38
CA SER B 356 -4.35 10.36 38.51
C SER B 356 -4.94 11.50 39.32
N GLU B 357 -5.83 11.11 40.23
CA GLU B 357 -6.54 12.01 41.13
C GLU B 357 -5.69 13.06 41.82
N GLY B 358 -6.14 14.30 41.70
CA GLY B 358 -5.51 15.42 42.33
C GLY B 358 -4.24 15.99 41.75
N ALA B 359 -3.74 15.43 40.66
CA ALA B 359 -2.51 15.95 40.10
C ALA B 359 -2.68 17.37 39.56
N ILE B 360 -1.59 18.12 39.59
CA ILE B 360 -1.55 19.49 39.06
C ILE B 360 -0.41 19.50 38.08
N ILE B 361 -0.71 19.84 36.83
CA ILE B 361 0.29 19.86 35.78
C ILE B 361 0.45 21.28 35.28
N GLU B 362 1.66 21.83 35.42
CA GLU B 362 1.92 23.21 35.02
C GLU B 362 3.14 23.40 34.17
N ASP B 363 2.97 24.15 33.09
CA ASP B 363 4.07 24.48 32.19
C ASP B 363 4.91 23.26 31.90
N SER B 364 4.25 22.15 31.56
CA SER B 364 4.98 20.92 31.32
C SER B 364 4.64 20.15 30.06
N LEU B 365 5.60 19.35 29.63
CA LEU B 365 5.45 18.51 28.47
C LEU B 365 5.42 17.04 28.93
N LEU B 366 4.26 16.42 28.89
CA LEU B 366 4.15 15.01 29.27
C LEU B 366 4.23 14.23 27.98
N MET B 367 5.27 13.42 27.84
CA MET B 367 5.37 12.71 26.58
C MET B 367 4.49 11.50 26.44
N GLY B 368 3.81 11.14 27.52
CA GLY B 368 2.92 10.01 27.46
C GLY B 368 3.48 8.60 27.64
N ALA B 369 2.89 7.67 26.89
CA ALA B 369 3.27 6.29 27.04
C ALA B 369 3.09 5.51 25.77
N ASP B 370 3.84 4.42 25.65
CA ASP B 370 3.78 3.56 24.47
C ASP B 370 2.70 2.49 24.56
N TYR B 371 2.04 2.39 25.71
CA TYR B 371 1.02 1.36 25.87
C TYR B 371 0.16 1.72 27.08
N TYR B 372 -0.88 0.93 27.33
CA TYR B 372 -1.76 1.16 28.48
C TYR B 372 -1.56 0.06 29.50
N GLU B 373 -1.77 0.34 30.79
CA GLU B 373 -1.68 -0.74 31.77
C GLU B 373 -3.14 -1.10 32.07
N THR B 374 -3.43 -2.40 31.95
CA THR B 374 -4.77 -2.99 32.10
C THR B 374 -5.61 -2.68 33.33
N ASP B 375 -5.26 -1.66 34.10
CA ASP B 375 -6.02 -1.33 35.30
C ASP B 375 -5.83 -2.51 36.25
N ALA B 376 -6.27 -3.69 35.84
CA ALA B 376 -6.06 -4.89 36.62
C ALA B 376 -4.56 -4.87 36.86
N ASP B 377 -3.80 -4.48 35.83
CA ASP B 377 -2.35 -4.36 35.91
C ASP B 377 -1.96 -3.46 37.08
N ARG B 378 -2.71 -2.37 37.24
CA ARG B 378 -2.44 -1.46 38.34
C ARG B 378 -2.61 -2.19 39.67
N LYS B 379 -3.81 -2.69 39.92
CA LYS B 379 -4.07 -3.46 41.14
C LYS B 379 -3.31 -4.78 40.95
N LEU B 380 -2.01 -4.71 41.17
CA LEU B 380 -1.13 -5.85 41.00
C LEU B 380 0.22 -5.23 41.27
N LEU B 381 0.53 -4.16 40.53
CA LEU B 381 1.77 -3.43 40.71
C LEU B 381 1.69 -2.84 42.12
N ALA B 382 0.47 -2.47 42.49
CA ALA B 382 0.18 -1.88 43.79
C ALA B 382 0.52 -2.87 44.92
N ALA B 383 0.14 -4.14 44.74
CA ALA B 383 0.41 -5.19 45.73
C ALA B 383 1.91 -5.34 45.96
N LYS B 384 2.65 -5.26 44.86
CA LYS B 384 4.10 -5.38 44.87
C LYS B 384 4.74 -4.09 45.40
N GLY B 385 3.93 -3.07 45.63
CA GLY B 385 4.48 -1.81 46.10
C GLY B 385 5.22 -1.02 45.01
N SER B 386 4.90 -1.32 43.74
CA SER B 386 5.51 -0.60 42.63
C SER B 386 4.50 0.47 42.16
N VAL B 387 4.93 1.39 41.31
CA VAL B 387 4.00 2.40 40.84
C VAL B 387 3.69 2.23 39.34
N PRO B 388 2.45 2.44 38.94
CA PRO B 388 2.08 2.28 37.53
C PRO B 388 2.49 3.50 36.66
N ILE B 389 2.41 3.32 35.34
CA ILE B 389 2.76 4.39 34.39
C ILE B 389 1.89 5.61 34.63
N GLY B 390 2.43 6.81 34.46
CA GLY B 390 1.59 7.99 34.65
C GLY B 390 1.94 8.94 35.79
N ILE B 391 1.12 9.96 35.95
CA ILE B 391 1.33 10.93 37.02
C ILE B 391 0.53 10.36 38.19
N GLY B 392 1.20 10.06 39.30
CA GLY B 392 0.49 9.52 40.45
C GLY B 392 -0.42 10.54 41.11
N LYS B 393 -1.20 10.09 42.08
CA LYS B 393 -2.13 10.95 42.82
C LYS B 393 -1.49 12.15 43.54
N ASN B 394 -2.18 13.28 43.54
CA ASN B 394 -1.69 14.47 44.21
C ASN B 394 -0.26 14.87 43.85
N CYS B 395 0.14 14.63 42.60
CA CYS B 395 1.47 15.05 42.21
C CYS B 395 1.39 16.51 41.78
N HIS B 396 2.54 17.17 41.72
CA HIS B 396 2.60 18.55 41.30
C HIS B 396 3.80 18.58 40.37
N ILE B 397 3.53 18.70 39.07
CA ILE B 397 4.58 18.71 38.06
C ILE B 397 4.68 20.10 37.50
N LYS B 398 5.84 20.72 37.59
CA LYS B 398 5.99 22.06 37.10
C LYS B 398 7.27 22.24 36.31
N ARG B 399 7.17 22.95 35.19
CA ARG B 399 8.33 23.22 34.36
C ARG B 399 9.13 21.94 34.10
N ALA B 400 8.44 20.92 33.62
CA ALA B 400 9.12 19.68 33.42
C ALA B 400 8.83 18.95 32.12
N ILE B 401 9.73 18.02 31.81
CA ILE B 401 9.58 17.15 30.67
C ILE B 401 9.53 15.73 31.28
N ILE B 402 8.38 15.07 31.14
CA ILE B 402 8.18 13.72 31.65
C ILE B 402 8.23 12.80 30.43
N ASP B 403 9.34 12.08 30.26
CA ASP B 403 9.45 11.21 29.11
C ASP B 403 8.54 9.95 29.16
N LYS B 404 8.48 9.25 28.02
CA LYS B 404 7.63 8.07 27.88
C LYS B 404 7.66 7.03 29.03
N ASN B 405 6.47 6.56 29.41
CA ASN B 405 6.28 5.52 30.40
C ASN B 405 6.83 5.78 31.83
N ALA B 406 7.06 7.04 32.21
CA ALA B 406 7.54 7.28 33.56
C ALA B 406 6.46 6.81 34.52
N ARG B 407 6.91 6.37 35.69
CA ARG B 407 6.03 5.92 36.74
C ARG B 407 6.24 6.91 37.88
N ILE B 408 5.38 7.93 37.96
CA ILE B 408 5.52 8.93 39.00
C ILE B 408 4.62 8.55 40.16
N GLY B 409 5.23 8.26 41.30
CA GLY B 409 4.47 7.88 42.47
C GLY B 409 3.64 9.02 43.03
N ASP B 410 2.72 8.69 43.92
CA ASP B 410 1.85 9.70 44.52
C ASP B 410 2.63 10.72 45.35
N ASN B 411 2.07 11.92 45.46
CA ASN B 411 2.68 12.98 46.26
C ASN B 411 4.05 13.45 45.79
N VAL B 412 4.43 13.12 44.57
CA VAL B 412 5.70 13.59 44.07
C VAL B 412 5.51 15.03 43.69
N LYS B 413 6.53 15.84 43.95
CA LYS B 413 6.49 17.26 43.64
C LYS B 413 7.73 17.59 42.82
N ILE B 414 7.53 17.98 41.58
CA ILE B 414 8.66 18.34 40.72
C ILE B 414 8.50 19.84 40.52
N ILE B 415 9.17 20.57 41.42
CA ILE B 415 9.08 22.00 41.45
C ILE B 415 10.41 22.72 41.46
N ASN B 416 11.48 21.99 41.76
CA ASN B 416 12.81 22.57 41.79
C ASN B 416 12.83 23.93 42.51
N LYS B 417 12.29 23.96 43.71
CA LYS B 417 12.24 25.20 44.50
C LYS B 417 13.49 26.06 44.42
N ASP B 418 14.64 25.48 44.75
CA ASP B 418 15.89 26.23 44.76
C ASP B 418 16.43 26.58 43.38
N ASN B 419 15.57 26.44 42.37
CA ASN B 419 15.91 26.75 40.99
C ASN B 419 17.30 26.29 40.56
N VAL B 420 17.58 25.03 40.77
CA VAL B 420 18.84 24.46 40.36
C VAL B 420 18.82 24.44 38.82
N GLN B 421 19.90 24.91 38.20
CA GLN B 421 19.99 24.95 36.74
C GLN B 421 20.41 23.62 36.13
N GLU B 422 21.46 23.02 36.66
CA GLU B 422 21.97 21.79 36.13
C GLU B 422 22.23 20.75 37.19
N ALA B 423 21.80 19.52 36.91
CA ALA B 423 21.99 18.41 37.83
C ALA B 423 21.85 17.08 37.10
N ALA B 424 22.90 16.27 37.13
CA ALA B 424 22.87 14.97 36.50
C ALA B 424 22.47 13.95 37.54
N ARG B 425 21.20 13.55 37.54
CA ARG B 425 20.71 12.60 38.55
C ARG B 425 20.06 11.34 37.96
N GLU B 426 20.69 10.78 36.94
CA GLU B 426 20.16 9.59 36.28
C GLU B 426 19.78 8.48 37.24
N THR B 427 20.63 8.23 38.22
CA THR B 427 20.34 7.20 39.21
C THR B 427 19.03 7.45 39.89
N ASP B 428 18.67 8.71 40.08
CA ASP B 428 17.40 8.97 40.72
C ASP B 428 16.26 9.14 39.69
N GLY B 429 16.57 8.95 38.41
CA GLY B 429 15.57 9.04 37.37
C GLY B 429 15.36 10.39 36.67
N TYR B 430 16.27 11.32 36.83
CA TYR B 430 16.05 12.60 36.18
C TYR B 430 17.33 13.35 35.86
N PHE B 431 17.17 14.44 35.12
CA PHE B 431 18.27 15.26 34.69
C PHE B 431 17.77 16.69 34.55
N ILE B 432 18.41 17.65 35.21
CA ILE B 432 17.99 19.04 35.08
C ILE B 432 18.93 19.80 34.14
N LYS B 433 18.35 20.51 33.17
CA LYS B 433 19.14 21.28 32.20
C LYS B 433 18.39 22.60 32.06
N SER B 434 19.10 23.73 32.09
CA SER B 434 18.46 25.05 31.99
C SER B 434 17.31 25.24 32.99
N GLY B 435 17.39 24.51 34.11
CA GLY B 435 16.38 24.61 35.14
C GLY B 435 15.18 23.72 34.91
N ILE B 436 15.18 23.06 33.77
CA ILE B 436 14.06 22.20 33.41
C ILE B 436 14.36 20.78 33.81
N VAL B 437 13.48 20.22 34.63
CA VAL B 437 13.61 18.86 35.06
C VAL B 437 13.09 17.89 34.02
N THR B 438 13.93 16.96 33.58
CA THR B 438 13.45 15.96 32.64
C THR B 438 13.46 14.59 33.30
N VAL B 439 12.29 14.01 33.53
CA VAL B 439 12.24 12.66 34.08
C VAL B 439 12.54 11.72 32.89
N ILE B 440 13.45 10.78 33.10
CA ILE B 440 13.88 9.85 32.08
C ILE B 440 12.85 8.80 31.63
N LYS B 441 12.93 8.40 30.36
CA LYS B 441 12.03 7.40 29.84
C LYS B 441 12.04 6.17 30.76
N ASP B 442 10.86 5.57 30.99
CA ASP B 442 10.72 4.37 31.80
C ASP B 442 11.17 4.47 33.26
N ALA B 443 11.50 5.68 33.73
CA ALA B 443 11.97 5.85 35.11
C ALA B 443 10.86 5.82 36.14
N LEU B 444 11.24 5.45 37.36
CA LEU B 444 10.32 5.36 38.45
C LEU B 444 10.69 6.44 39.44
N ILE B 445 9.75 7.32 39.76
CA ILE B 445 10.04 8.34 40.74
C ILE B 445 9.20 7.91 41.96
N PRO B 446 9.86 7.35 42.99
CA PRO B 446 9.17 6.90 44.19
C PRO B 446 8.21 7.88 44.84
N SER B 447 7.20 7.32 45.50
CA SER B 447 6.22 8.15 46.16
C SER B 447 6.84 9.14 47.16
N GLY B 448 6.33 10.37 47.22
CA GLY B 448 6.86 11.35 48.16
C GLY B 448 8.12 12.10 47.74
N ILE B 449 8.84 11.64 46.73
CA ILE B 449 10.03 12.38 46.31
C ILE B 449 9.69 13.81 45.92
N ILE B 450 10.63 14.71 46.16
CA ILE B 450 10.47 16.12 45.82
C ILE B 450 11.73 16.44 45.02
N ILE B 451 11.58 17.06 43.85
CA ILE B 451 12.71 17.41 43.00
C ILE B 451 12.64 18.90 42.65
N GLN C 10 -5.07 -28.12 9.99
CA GLN C 10 -6.07 -28.23 11.11
C GLN C 10 -5.62 -27.34 12.27
N THR C 11 -4.31 -27.21 12.41
CA THR C 11 -3.76 -26.38 13.47
C THR C 11 -2.75 -25.41 12.86
N CYS C 12 -2.37 -24.41 13.64
CA CYS C 12 -1.42 -23.40 13.21
C CYS C 12 -0.88 -22.67 14.43
N LEU C 13 0.17 -21.89 14.20
CA LEU C 13 0.81 -21.16 15.27
C LEU C 13 -0.11 -20.24 16.01
N ASP C 14 0.14 -20.10 17.30
CA ASP C 14 -0.63 -19.19 18.12
C ASP C 14 0.24 -18.91 19.33
N PRO C 15 0.80 -17.69 19.42
CA PRO C 15 0.63 -16.59 18.46
C PRO C 15 0.97 -16.93 17.01
N ASP C 16 0.35 -16.19 16.09
CA ASP C 16 0.59 -16.40 14.65
C ASP C 16 2.03 -16.06 14.38
N ALA C 17 2.57 -16.56 13.28
CA ALA C 17 3.95 -16.30 12.93
C ALA C 17 4.30 -14.82 12.74
N SER C 18 3.45 -14.08 12.04
CA SER C 18 3.78 -12.70 11.77
C SER C 18 4.15 -11.84 12.98
N ARG C 19 3.60 -12.14 14.15
CA ARG C 19 3.89 -11.32 15.31
C ARG C 19 4.87 -11.91 16.31
N SER C 20 5.12 -13.22 16.20
CA SER C 20 5.99 -13.90 17.15
C SER C 20 7.24 -14.56 16.58
N VAL C 21 7.47 -14.41 15.27
CA VAL C 21 8.65 -14.97 14.61
C VAL C 21 9.35 -13.87 13.81
N LEU C 22 10.65 -13.75 13.98
CA LEU C 22 11.44 -12.76 13.27
C LEU C 22 12.31 -13.54 12.30
N GLY C 23 12.22 -13.25 11.00
CA GLY C 23 13.09 -13.97 10.07
C GLY C 23 14.43 -13.26 9.95
N ILE C 24 15.52 -14.03 9.92
CA ILE C 24 16.85 -13.46 9.78
C ILE C 24 17.54 -14.19 8.64
N ILE C 25 17.63 -13.52 7.49
CA ILE C 25 18.24 -14.07 6.27
C ILE C 25 19.72 -13.72 6.23
N LEU C 26 20.57 -14.72 6.15
CA LEU C 26 22.02 -14.49 6.11
C LEU C 26 22.57 -14.59 4.69
N GLY C 27 22.92 -13.44 4.12
CA GLY C 27 23.47 -13.39 2.77
C GLY C 27 24.82 -12.69 2.72
N GLY C 28 24.99 -11.77 1.77
CA GLY C 28 26.25 -11.05 1.65
C GLY C 28 27.49 -11.91 1.83
N THR C 32 32.88 -14.72 -2.55
CA THR C 32 33.93 -15.00 -3.53
C THR C 32 33.69 -16.25 -4.42
N ARG C 33 32.95 -17.23 -3.90
CA ARG C 33 32.71 -18.43 -4.69
C ARG C 33 31.73 -18.20 -5.86
N LEU C 34 31.01 -17.08 -5.85
CA LEU C 34 30.08 -16.74 -6.94
C LEU C 34 30.65 -15.59 -7.77
N TYR C 35 31.92 -15.30 -7.53
CA TYR C 35 32.61 -14.25 -8.27
C TYR C 35 32.69 -14.77 -9.72
N PRO C 36 32.54 -13.89 -10.72
CA PRO C 36 32.31 -12.44 -10.70
C PRO C 36 30.84 -11.91 -10.70
N LEU C 37 29.87 -12.77 -10.46
CA LEU C 37 28.47 -12.32 -10.40
C LEU C 37 28.38 -11.36 -9.20
N THR C 38 29.31 -11.51 -8.28
CA THR C 38 29.34 -10.67 -7.10
C THR C 38 30.41 -9.59 -7.20
N LYS C 39 31.01 -9.41 -8.37
CA LYS C 39 32.07 -8.40 -8.46
C LYS C 39 31.57 -6.98 -8.22
N LYS C 40 30.37 -6.65 -8.66
CA LYS C 40 29.88 -5.29 -8.44
C LYS C 40 28.42 -5.22 -8.04
N ARG C 41 28.05 -6.04 -7.08
CA ARG C 41 26.71 -6.02 -6.59
C ARG C 41 26.64 -6.83 -5.33
N ALA C 42 25.65 -6.51 -4.50
CA ALA C 42 25.47 -7.26 -3.27
C ALA C 42 25.05 -8.67 -3.71
N LYS C 43 25.57 -9.70 -3.04
CA LYS C 43 25.25 -11.09 -3.39
C LYS C 43 23.76 -11.46 -3.41
N PRO C 44 22.95 -10.92 -2.49
CA PRO C 44 21.49 -11.21 -2.43
C PRO C 44 20.80 -10.73 -3.71
N ALA C 45 21.47 -9.83 -4.41
CA ALA C 45 20.95 -9.23 -5.63
C ALA C 45 21.24 -9.99 -6.92
N VAL C 46 22.03 -11.06 -6.85
CA VAL C 46 22.38 -11.86 -8.04
C VAL C 46 21.12 -12.35 -8.77
N PRO C 47 20.99 -11.98 -10.05
CA PRO C 47 19.86 -12.37 -10.91
C PRO C 47 19.70 -13.89 -10.86
N LEU C 48 18.46 -14.36 -10.96
CA LEU C 48 18.14 -15.77 -10.89
C LEU C 48 16.92 -16.08 -11.74
N GLY C 49 16.93 -17.25 -12.37
CA GLY C 49 15.78 -17.72 -13.15
C GLY C 49 15.12 -16.78 -14.13
N ALA C 50 15.91 -15.94 -14.80
CA ALA C 50 15.41 -15.00 -15.79
C ALA C 50 14.75 -13.74 -15.27
N ASN C 51 13.85 -13.90 -14.30
CA ASN C 51 13.06 -12.78 -13.78
C ASN C 51 13.20 -12.48 -12.28
N TYR C 52 14.08 -13.19 -11.59
CA TYR C 52 14.20 -12.99 -10.15
C TYR C 52 15.61 -12.67 -9.70
N ARG C 53 15.82 -12.66 -8.38
CA ARG C 53 17.15 -12.43 -7.75
C ARG C 53 17.21 -13.41 -6.58
N LEU C 54 18.41 -13.82 -6.15
CA LEU C 54 18.56 -14.80 -5.06
C LEU C 54 17.75 -14.47 -3.82
N ILE C 55 17.75 -13.20 -3.43
CA ILE C 55 17.03 -12.76 -2.24
C ILE C 55 15.53 -13.06 -2.25
N ASP C 56 14.95 -13.15 -3.45
CA ASP C 56 13.51 -13.43 -3.61
C ASP C 56 13.14 -14.80 -3.04
N ILE C 57 14.05 -15.76 -3.07
CA ILE C 57 13.72 -17.09 -2.59
C ILE C 57 13.39 -17.11 -1.09
N PRO C 58 14.35 -16.72 -0.22
CA PRO C 58 14.04 -16.73 1.21
C PRO C 58 12.97 -15.72 1.63
N VAL C 59 12.95 -14.53 1.01
CA VAL C 59 11.94 -13.54 1.37
C VAL C 59 10.57 -14.06 1.00
N SER C 60 10.42 -14.68 -0.18
CA SER C 60 9.11 -15.20 -0.60
C SER C 60 8.66 -16.34 0.31
N ASN C 61 9.57 -17.28 0.55
CA ASN C 61 9.26 -18.41 1.43
C ASN C 61 8.78 -17.83 2.76
N CYS C 62 9.43 -16.76 3.25
CA CYS C 62 8.98 -16.14 4.50
C CYS C 62 7.57 -15.57 4.35
N LEU C 63 7.36 -14.72 3.35
CA LEU C 63 6.05 -14.13 3.18
C LEU C 63 4.97 -15.18 3.01
N ASN C 64 5.24 -16.25 2.25
CA ASN C 64 4.26 -17.32 2.05
C ASN C 64 4.04 -18.19 3.28
N SER C 65 4.82 -17.93 4.32
CA SER C 65 4.74 -18.70 5.56
C SER C 65 4.25 -17.77 6.67
N ASN C 66 3.65 -16.66 6.26
CA ASN C 66 3.13 -15.67 7.17
C ASN C 66 4.16 -15.02 8.09
N ILE C 67 5.42 -14.96 7.65
CA ILE C 67 6.47 -14.31 8.44
C ILE C 67 6.76 -12.99 7.70
N SER C 68 6.45 -11.88 8.37
CA SER C 68 6.60 -10.56 7.77
C SER C 68 7.63 -9.60 8.36
N LYS C 69 8.26 -9.96 9.48
CA LYS C 69 9.30 -9.07 10.01
C LYS C 69 10.55 -9.77 9.57
N ILE C 70 11.17 -9.24 8.52
CA ILE C 70 12.35 -9.87 7.95
C ILE C 70 13.57 -8.99 7.95
N TYR C 71 14.69 -9.53 8.42
CA TYR C 71 15.94 -8.80 8.37
C TYR C 71 16.83 -9.51 7.36
N VAL C 72 17.54 -8.74 6.54
CA VAL C 72 18.45 -9.32 5.56
C VAL C 72 19.87 -8.91 5.91
N LEU C 73 20.70 -9.88 6.30
CA LEU C 73 22.08 -9.55 6.66
C LEU C 73 22.95 -9.71 5.43
N THR C 74 23.76 -8.71 5.14
CA THR C 74 24.59 -8.81 3.96
C THR C 74 25.87 -7.98 4.16
N GLN C 75 26.86 -8.13 3.30
CA GLN C 75 28.11 -7.40 3.51
C GLN C 75 27.95 -5.89 3.42
N PHE C 76 27.31 -5.41 2.36
CA PHE C 76 27.10 -3.98 2.18
C PHE C 76 25.77 -3.59 1.53
N ASN C 77 25.30 -2.38 1.83
CA ASN C 77 24.04 -1.89 1.26
C ASN C 77 24.17 -1.71 -0.27
N SER C 78 23.03 -1.55 -0.93
CA SER C 78 23.00 -1.35 -2.38
C SER C 78 21.70 -0.64 -2.75
N ALA C 79 21.76 0.37 -3.61
CA ALA C 79 20.51 1.06 -4.02
C ALA C 79 19.64 0.08 -4.81
N SER C 80 20.28 -0.79 -5.57
CA SER C 80 19.62 -1.80 -6.40
C SER C 80 18.85 -2.78 -5.47
N LEU C 81 19.59 -3.40 -4.54
CA LEU C 81 18.99 -4.33 -3.56
C LEU C 81 17.84 -3.59 -2.87
N ASN C 82 18.13 -2.42 -2.31
CA ASN C 82 17.08 -1.68 -1.62
C ASN C 82 15.89 -1.40 -2.53
N ARG C 83 16.14 -0.92 -3.74
CA ARG C 83 15.06 -0.64 -4.70
C ARG C 83 14.20 -1.90 -4.98
N HIS C 84 14.86 -3.03 -5.17
CA HIS C 84 14.17 -4.30 -5.42
C HIS C 84 13.33 -4.72 -4.23
N LEU C 85 13.92 -4.62 -3.03
CA LEU C 85 13.20 -4.99 -1.81
C LEU C 85 12.02 -4.04 -1.56
N SER C 86 12.23 -2.73 -1.76
CA SER C 86 11.17 -1.73 -1.55
C SER C 86 9.98 -1.95 -2.48
N ARG C 87 10.26 -1.91 -3.78
CA ARG C 87 9.24 -2.09 -4.78
C ARG C 87 8.54 -3.42 -4.71
N ALA C 88 9.30 -4.51 -4.57
CA ALA C 88 8.74 -5.85 -4.51
C ALA C 88 8.07 -6.24 -3.19
N TYR C 89 8.55 -5.71 -2.08
CA TYR C 89 7.97 -6.15 -0.82
C TYR C 89 7.44 -5.10 0.12
N ALA C 90 8.29 -4.20 0.59
CA ALA C 90 7.88 -3.14 1.51
C ALA C 90 6.59 -2.53 0.98
N SER C 91 5.47 -3.06 1.43
CA SER C 91 4.15 -2.58 1.01
C SER C 91 3.07 -3.24 1.87
N GLU C 99 1.82 -5.28 11.22
CA GLU C 99 3.18 -4.74 11.23
C GLU C 99 4.27 -5.70 10.72
N GLY C 100 4.87 -5.36 9.57
CA GLY C 100 5.92 -6.16 8.96
C GLY C 100 6.90 -5.28 8.20
N PHE C 101 8.08 -5.81 7.86
CA PHE C 101 9.11 -5.05 7.15
C PHE C 101 10.17 -5.97 6.55
N VAL C 102 10.96 -5.43 5.63
CA VAL C 102 12.08 -6.17 5.07
C VAL C 102 13.19 -5.14 5.09
N GLU C 103 14.14 -5.34 6.02
CA GLU C 103 15.25 -4.40 6.19
C GLU C 103 16.62 -5.01 6.06
N VAL C 104 17.51 -4.28 5.38
CA VAL C 104 18.88 -4.73 5.17
C VAL C 104 19.79 -4.24 6.28
N LEU C 105 20.54 -5.16 6.86
CA LEU C 105 21.50 -4.83 7.91
C LEU C 105 22.84 -5.19 7.31
N ALA C 106 23.72 -4.21 7.15
CA ALA C 106 25.04 -4.42 6.57
C ALA C 106 26.18 -4.58 7.57
N ALA C 107 27.19 -5.33 7.18
CA ALA C 107 28.37 -5.55 8.00
C ALA C 107 29.23 -4.30 7.98
N GLN C 108 29.66 -3.90 6.78
CA GLN C 108 30.49 -2.71 6.60
C GLN C 108 29.60 -1.59 6.07
N GLN C 109 29.94 -0.34 6.38
CA GLN C 109 29.10 0.75 5.91
C GLN C 109 29.66 1.37 4.64
N SER C 110 30.40 0.58 3.87
CA SER C 110 30.98 1.13 2.67
C SER C 110 31.70 0.11 1.78
N PRO C 111 32.65 0.60 0.97
CA PRO C 111 33.57 -0.03 0.02
C PRO C 111 34.97 0.61 0.20
N GLU C 112 35.02 1.81 0.81
CA GLU C 112 36.28 2.53 1.07
C GLU C 112 36.87 2.08 2.41
N ASN C 113 35.99 1.64 3.32
CA ASN C 113 36.39 1.14 4.62
C ASN C 113 35.90 -0.32 4.70
N PRO C 114 36.55 -1.24 3.96
CA PRO C 114 36.23 -2.68 3.91
C PRO C 114 36.08 -3.37 5.27
N ASP C 115 34.95 -4.05 5.45
CA ASP C 115 34.62 -4.77 6.68
C ASP C 115 33.74 -5.97 6.30
N TRP C 116 33.91 -7.10 7.01
CA TRP C 116 33.17 -8.32 6.72
C TRP C 116 32.67 -9.01 8.01
N PHE C 117 32.06 -10.19 7.85
CA PHE C 117 31.55 -11.02 8.97
C PHE C 117 32.27 -12.35 9.04
N GLN C 118 32.80 -12.65 10.20
CA GLN C 118 33.52 -13.89 10.39
C GLN C 118 32.56 -15.07 10.63
N GLY C 119 31.55 -15.23 9.77
CA GLY C 119 30.63 -16.35 9.91
C GLY C 119 29.17 -16.08 10.21
N THR C 120 28.34 -17.10 10.02
CA THR C 120 26.90 -16.97 10.25
C THR C 120 26.57 -16.55 11.68
N ALA C 121 27.28 -17.12 12.65
CA ALA C 121 27.05 -16.78 14.04
C ALA C 121 27.53 -15.36 14.32
N ASP C 122 28.64 -15.00 13.72
CA ASP C 122 29.22 -13.66 13.86
C ASP C 122 28.29 -12.59 13.34
N ALA C 123 27.69 -12.87 12.18
CA ALA C 123 26.75 -11.93 11.57
C ALA C 123 25.58 -11.70 12.50
N VAL C 124 25.01 -12.79 13.01
CA VAL C 124 23.85 -12.65 13.90
C VAL C 124 24.26 -11.99 15.18
N ARG C 125 25.42 -12.40 15.70
CA ARG C 125 25.91 -11.84 16.95
C ARG C 125 26.07 -10.32 16.83
N GLN C 126 26.61 -9.85 15.71
CA GLN C 126 26.81 -8.41 15.52
C GLN C 126 25.53 -7.55 15.68
N TYR C 127 24.38 -8.13 15.33
CA TYR C 127 23.11 -7.39 15.45
C TYR C 127 22.14 -8.02 16.44
N LEU C 128 22.63 -8.93 17.29
CA LEU C 128 21.73 -9.58 18.26
C LEU C 128 21.03 -8.57 19.17
N TRP C 129 21.72 -7.50 19.53
CA TRP C 129 21.14 -6.45 20.36
C TRP C 129 19.88 -5.86 19.70
N LEU C 130 19.91 -5.73 18.37
CA LEU C 130 18.77 -5.20 17.63
C LEU C 130 17.65 -6.23 17.62
N PHE C 131 17.98 -7.49 17.32
CA PHE C 131 16.98 -8.56 17.30
C PHE C 131 16.32 -8.70 18.70
N GLU C 132 17.08 -8.44 19.75
CA GLU C 132 16.51 -8.56 21.09
C GLU C 132 15.41 -7.53 21.34
N GLU C 133 15.48 -6.41 20.63
CA GLU C 133 14.51 -5.33 20.78
C GLU C 133 13.13 -5.71 20.29
N HIS C 134 13.03 -6.87 19.65
CA HIS C 134 11.76 -7.33 19.12
C HIS C 134 11.08 -8.29 20.07
N THR C 135 9.76 -8.15 20.18
CA THR C 135 8.97 -9.02 21.02
C THR C 135 8.51 -10.22 20.21
N VAL C 136 9.39 -11.22 20.12
CA VAL C 136 9.10 -12.46 19.37
C VAL C 136 9.47 -13.69 20.22
N LEU C 137 8.94 -14.87 19.89
CA LEU C 137 9.27 -16.10 20.64
C LEU C 137 10.48 -16.81 20.03
N GLU C 138 10.58 -16.78 18.70
CA GLU C 138 11.66 -17.46 18.02
C GLU C 138 12.25 -16.68 16.87
N TYR C 139 13.49 -17.05 16.53
CA TYR C 139 14.22 -16.48 15.40
C TYR C 139 14.28 -17.60 14.35
N LEU C 140 13.89 -17.30 13.10
CA LEU C 140 13.99 -18.28 12.03
C LEU C 140 15.23 -17.83 11.29
N ILE C 141 16.22 -18.69 11.27
CA ILE C 141 17.50 -18.40 10.62
C ILE C 141 17.56 -19.09 9.28
N LEU C 142 17.79 -18.30 8.23
CA LEU C 142 17.86 -18.83 6.87
C LEU C 142 19.21 -18.42 6.30
N ALA C 143 20.12 -19.38 6.21
CA ALA C 143 21.46 -19.02 5.75
C ALA C 143 21.85 -19.66 4.45
N GLY C 144 22.72 -18.97 3.71
CA GLY C 144 23.21 -19.49 2.45
C GLY C 144 22.34 -19.19 1.24
N ASP C 145 22.82 -19.67 0.10
CA ASP C 145 22.11 -19.47 -1.16
C ASP C 145 21.65 -20.82 -1.69
N HIS C 146 20.37 -21.09 -1.46
CA HIS C 146 19.77 -22.34 -1.84
C HIS C 146 18.47 -22.09 -2.54
N LEU C 147 18.14 -22.96 -3.48
CA LEU C 147 16.92 -22.83 -4.26
C LEU C 147 15.98 -23.88 -3.70
N TYR C 148 14.88 -23.43 -3.12
CA TYR C 148 13.93 -24.35 -2.56
C TYR C 148 12.72 -23.59 -2.08
N ARG C 149 11.60 -24.30 -1.99
CA ARG C 149 10.36 -23.72 -1.49
C ARG C 149 10.05 -24.46 -0.20
N MET C 150 9.67 -23.73 0.85
CA MET C 150 9.32 -24.36 2.12
C MET C 150 8.30 -23.54 2.87
N ASP C 151 7.44 -24.23 3.61
CA ASP C 151 6.48 -23.52 4.44
C ASP C 151 7.04 -23.65 5.84
N TYR C 152 7.54 -22.55 6.37
CA TYR C 152 8.15 -22.55 7.68
C TYR C 152 7.16 -22.74 8.81
N GLU C 153 5.88 -22.53 8.52
CA GLU C 153 4.86 -22.68 9.55
C GLU C 153 4.83 -24.03 10.25
N LYS C 154 4.79 -25.13 9.51
CA LYS C 154 4.80 -26.44 10.13
C LYS C 154 6.11 -26.67 10.88
N PHE C 155 7.18 -26.11 10.33
CA PHE C 155 8.50 -26.18 10.92
C PHE C 155 8.48 -25.48 12.29
N ILE C 156 7.86 -24.30 12.39
CA ILE C 156 7.81 -23.57 13.66
C ILE C 156 6.91 -24.32 14.66
N GLN C 157 5.83 -24.93 14.17
CA GLN C 157 4.91 -25.66 15.04
C GLN C 157 5.62 -26.83 15.73
N ALA C 158 6.40 -27.59 14.96
CA ALA C 158 7.14 -28.71 15.53
C ALA C 158 8.02 -28.18 16.64
N HIS C 159 8.62 -27.04 16.39
CA HIS C 159 9.48 -26.43 17.38
C HIS C 159 8.76 -26.22 18.71
N ARG C 160 7.53 -25.72 18.62
CA ARG C 160 6.71 -25.45 19.80
C ARG C 160 6.16 -26.73 20.42
N GLU C 161 5.61 -27.62 19.59
CA GLU C 161 5.07 -28.88 20.05
C GLU C 161 6.09 -29.83 20.68
N THR C 162 7.38 -29.66 20.39
CA THR C 162 8.42 -30.51 20.97
C THR C 162 9.19 -29.72 22.03
N ASP C 163 8.81 -28.46 22.28
CA ASP C 163 9.49 -27.68 23.29
C ASP C 163 10.99 -27.58 23.02
N ALA C 164 11.38 -27.64 21.75
CA ALA C 164 12.79 -27.57 21.40
C ALA C 164 13.37 -26.18 21.71
N ASP C 165 14.69 -26.13 21.83
CA ASP C 165 15.41 -24.87 22.06
C ASP C 165 15.91 -24.49 20.65
N ILE C 166 16.15 -25.50 19.84
CA ILE C 166 16.58 -25.32 18.44
C ILE C 166 16.00 -26.48 17.62
N THR C 167 15.40 -26.16 16.48
CA THR C 167 14.90 -27.20 15.60
C THR C 167 15.72 -26.96 14.34
N VAL C 168 16.18 -28.06 13.74
CA VAL C 168 17.06 -28.06 12.58
C VAL C 168 16.46 -28.84 11.43
N ALA C 169 16.28 -28.16 10.28
CA ALA C 169 15.74 -28.84 9.11
C ALA C 169 16.76 -29.89 8.68
N ALA C 170 16.32 -31.12 8.44
CA ALA C 170 17.23 -32.19 8.05
C ALA C 170 16.95 -32.75 6.65
N LEU C 171 18.00 -32.75 5.82
CA LEU C 171 17.92 -33.22 4.45
C LEU C 171 18.47 -34.66 4.30
N PRO C 172 17.62 -35.63 3.90
CA PRO C 172 18.12 -37.00 3.75
C PRO C 172 18.98 -37.09 2.50
N MET C 173 19.99 -37.97 2.51
CA MET C 173 20.86 -38.17 1.36
C MET C 173 21.68 -39.43 1.50
N ASP C 174 22.20 -39.90 0.36
CA ASP C 174 23.01 -41.12 0.37
C ASP C 174 24.46 -40.86 0.78
N GLU C 175 25.23 -41.94 0.86
CA GLU C 175 26.62 -41.86 1.27
C GLU C 175 27.48 -41.00 0.35
N LYS C 176 27.25 -41.11 -0.95
CA LYS C 176 28.02 -40.35 -1.90
C LYS C 176 27.92 -38.86 -1.67
N ARG C 177 26.72 -38.40 -1.34
CA ARG C 177 26.48 -36.98 -1.11
C ARG C 177 26.79 -36.52 0.33
N ALA C 178 26.61 -37.41 1.29
CA ALA C 178 26.82 -37.07 2.68
C ALA C 178 28.16 -36.47 3.07
N THR C 179 29.27 -36.94 2.50
CA THR C 179 30.57 -36.42 2.92
C THR C 179 30.76 -34.93 2.73
N ALA C 180 29.92 -34.31 1.90
CA ALA C 180 30.05 -32.88 1.65
C ALA C 180 29.20 -32.00 2.57
N PHE C 181 28.56 -32.61 3.57
CA PHE C 181 27.68 -31.85 4.44
C PHE C 181 27.94 -32.01 5.93
N GLY C 182 27.30 -31.14 6.71
CA GLY C 182 27.39 -31.25 8.15
C GLY C 182 26.30 -32.26 8.47
N LEU C 183 26.67 -33.41 9.05
CA LEU C 183 25.68 -34.44 9.37
C LEU C 183 25.26 -34.50 10.83
N MET C 184 24.06 -35.02 11.05
CA MET C 184 23.51 -35.13 12.39
C MET C 184 23.11 -36.55 12.71
N LYS C 185 23.19 -36.89 13.99
CA LYS C 185 22.80 -38.20 14.45
C LYS C 185 21.65 -37.97 15.40
N ILE C 186 20.57 -38.75 15.25
CA ILE C 186 19.38 -38.59 16.10
C ILE C 186 19.04 -39.83 16.93
N ASP C 187 18.35 -39.64 18.05
CA ASP C 187 17.96 -40.78 18.85
C ASP C 187 16.67 -41.28 18.22
N GLU C 188 16.04 -42.28 18.81
CA GLU C 188 14.85 -42.87 18.23
C GLU C 188 13.62 -41.98 18.17
N GLU C 189 13.68 -40.82 18.82
CA GLU C 189 12.55 -39.90 18.81
C GLU C 189 12.83 -38.64 17.96
N GLY C 190 13.94 -38.63 17.22
CA GLY C 190 14.26 -37.49 16.38
C GLY C 190 15.05 -36.37 17.03
N ARG C 191 15.49 -36.56 18.28
CA ARG C 191 16.28 -35.54 18.97
C ARG C 191 17.73 -35.70 18.53
N ILE C 192 18.38 -34.59 18.19
CA ILE C 192 19.75 -34.62 17.72
C ILE C 192 20.70 -34.75 18.92
N ILE C 193 21.67 -35.63 18.79
CA ILE C 193 22.62 -35.92 19.86
C ILE C 193 24.08 -35.86 19.39
N GLU C 194 24.30 -35.59 18.11
CA GLU C 194 25.67 -35.52 17.65
C GLU C 194 25.74 -34.95 16.25
N PHE C 195 26.83 -34.21 16.00
CA PHE C 195 27.09 -33.62 14.68
C PHE C 195 28.44 -34.09 14.19
N ALA C 196 28.65 -34.02 12.89
CA ALA C 196 29.95 -34.38 12.32
C ALA C 196 30.08 -33.55 11.07
N GLU C 197 31.03 -32.62 11.03
CA GLU C 197 31.19 -31.79 9.85
C GLU C 197 31.89 -32.53 8.72
N LYS C 198 31.21 -32.69 7.59
CA LYS C 198 31.79 -33.36 6.43
C LYS C 198 32.62 -34.62 6.73
N PRO C 199 32.03 -35.64 7.37
CA PRO C 199 32.77 -36.86 7.70
C PRO C 199 33.04 -37.78 6.53
N GLN C 200 34.07 -38.61 6.72
CA GLN C 200 34.47 -39.59 5.69
C GLN C 200 34.90 -40.80 6.47
N GLY C 201 35.14 -41.90 5.76
CA GLY C 201 35.57 -43.12 6.42
C GLY C 201 34.83 -43.44 7.70
N GLU C 202 35.59 -43.60 8.79
CA GLU C 202 35.03 -43.98 10.09
C GLU C 202 34.02 -43.01 10.67
N GLN C 203 34.33 -41.73 10.63
CA GLN C 203 33.43 -40.75 11.19
C GLN C 203 32.10 -40.75 10.42
N LEU C 204 32.16 -41.07 9.14
CA LEU C 204 30.96 -41.09 8.31
C LEU C 204 30.06 -42.25 8.71
N GLN C 205 30.61 -43.46 8.65
CA GLN C 205 29.86 -44.67 8.99
C GLN C 205 29.06 -44.51 10.28
N ALA C 206 29.69 -43.91 11.28
CA ALA C 206 29.05 -43.69 12.57
C ALA C 206 27.90 -42.69 12.52
N MET C 207 27.58 -42.17 11.34
CA MET C 207 26.49 -41.21 11.21
C MET C 207 25.23 -41.77 10.54
N LYS C 208 25.24 -43.05 10.16
CA LYS C 208 24.03 -43.64 9.59
C LYS C 208 22.92 -43.56 10.63
N VAL C 209 21.69 -43.32 10.18
CA VAL C 209 20.53 -43.24 11.06
C VAL C 209 19.34 -43.85 10.32
N ASP C 210 18.23 -43.99 11.02
CA ASP C 210 17.01 -44.53 10.42
C ASP C 210 16.11 -43.34 10.18
N THR C 211 16.12 -42.83 8.96
CA THR C 211 15.32 -41.68 8.55
C THR C 211 13.83 -41.84 8.80
N THR C 212 13.31 -43.06 8.67
CA THR C 212 11.89 -43.28 8.93
C THR C 212 11.52 -42.63 10.27
N ILE C 213 12.48 -42.51 11.18
CA ILE C 213 12.20 -41.89 12.49
C ILE C 213 11.60 -40.51 12.24
N LEU C 214 12.11 -39.81 11.23
CA LEU C 214 11.62 -38.47 10.91
C LEU C 214 10.48 -38.39 9.89
N GLY C 215 10.06 -39.53 9.35
CA GLY C 215 8.97 -39.52 8.39
C GLY C 215 9.24 -40.10 7.01
N LEU C 216 10.49 -40.41 6.70
CA LEU C 216 10.81 -40.98 5.39
C LEU C 216 10.26 -42.38 5.17
N ASP C 217 9.77 -42.64 3.97
CA ASP C 217 9.26 -43.98 3.66
C ASP C 217 10.43 -44.94 3.67
N ASP C 218 10.13 -46.19 3.97
CA ASP C 218 11.14 -47.21 4.04
C ASP C 218 12.04 -47.29 2.82
N LYS C 219 11.47 -47.13 1.63
CA LYS C 219 12.32 -47.22 0.43
C LYS C 219 13.39 -46.15 0.40
N ARG C 220 12.98 -44.89 0.52
CA ARG C 220 13.92 -43.79 0.48
C ARG C 220 14.87 -43.85 1.66
N ALA C 221 14.31 -44.00 2.85
CA ALA C 221 15.13 -44.09 4.04
C ALA C 221 16.31 -45.03 3.80
N LYS C 222 16.06 -46.20 3.22
CA LYS C 222 17.15 -47.14 2.99
C LYS C 222 18.23 -46.58 2.07
N GLU C 223 17.83 -45.95 0.98
CA GLU C 223 18.80 -45.40 0.04
C GLU C 223 19.50 -44.15 0.58
N MET C 224 18.88 -43.50 1.56
CA MET C 224 19.44 -42.27 2.16
C MET C 224 19.44 -42.38 3.68
N PRO C 225 20.48 -43.02 4.25
CA PRO C 225 20.64 -43.20 5.69
C PRO C 225 21.29 -42.06 6.42
N PHE C 226 21.49 -40.93 5.73
CA PHE C 226 22.09 -39.78 6.39
C PHE C 226 21.19 -38.53 6.31
N ILE C 227 21.35 -37.64 7.28
CA ILE C 227 20.60 -36.40 7.32
C ILE C 227 21.61 -35.26 7.55
N ALA C 228 21.50 -34.21 6.72
CA ALA C 228 22.38 -33.05 6.83
C ALA C 228 21.65 -31.82 7.33
N SER C 229 22.40 -30.90 7.94
CA SER C 229 21.79 -29.65 8.40
C SER C 229 21.74 -28.83 7.10
N MET C 230 20.79 -27.91 7.00
CA MET C 230 20.63 -27.14 5.78
C MET C 230 20.75 -25.64 5.91
N GLY C 231 21.20 -25.15 7.07
CA GLY C 231 21.28 -23.71 7.26
C GLY C 231 19.90 -23.13 7.55
N ILE C 232 18.96 -23.98 7.94
CA ILE C 232 17.60 -23.57 8.26
C ILE C 232 17.32 -23.99 9.70
N TYR C 233 17.24 -23.01 10.60
CA TYR C 233 16.98 -23.29 12.01
C TYR C 233 15.91 -22.40 12.62
N VAL C 234 15.28 -22.93 13.67
CA VAL C 234 14.31 -22.23 14.47
C VAL C 234 14.98 -22.20 15.86
N ILE C 235 15.17 -21.00 16.42
CA ILE C 235 15.82 -20.88 17.72
C ILE C 235 15.01 -19.97 18.61
N SER C 236 14.78 -20.42 19.85
CA SER C 236 14.00 -19.65 20.79
C SER C 236 14.78 -18.41 21.14
N LYS C 237 14.06 -17.33 21.38
CA LYS C 237 14.70 -16.06 21.64
C LYS C 237 15.77 -16.09 22.73
N ASP C 238 15.45 -16.61 23.91
CA ASP C 238 16.42 -16.65 24.98
C ASP C 238 17.58 -17.57 24.69
N VAL C 239 17.28 -18.72 24.11
CA VAL C 239 18.33 -19.68 23.78
C VAL C 239 19.41 -18.97 22.94
N MET C 240 18.97 -18.18 21.98
CA MET C 240 19.92 -17.47 21.12
C MET C 240 20.83 -16.51 21.90
N LEU C 241 20.23 -15.72 22.78
CA LEU C 241 20.98 -14.76 23.58
C LEU C 241 22.02 -15.48 24.41
N ASN C 242 21.59 -16.56 25.06
CA ASN C 242 22.47 -17.33 25.92
C ASN C 242 23.61 -17.97 25.14
N LEU C 243 23.29 -18.49 23.96
CA LEU C 243 24.29 -19.13 23.14
C LEU C 243 25.36 -18.23 22.54
N LEU C 244 24.94 -17.15 21.89
CA LEU C 244 25.89 -16.24 21.24
C LEU C 244 26.69 -15.34 22.17
N ARG C 245 26.09 -14.92 23.28
CA ARG C 245 26.78 -14.03 24.21
C ARG C 245 27.43 -14.72 25.41
N ASP C 246 26.74 -15.71 25.97
CA ASP C 246 27.25 -16.39 27.15
C ASP C 246 27.96 -17.71 26.95
N LYS C 247 27.37 -18.66 26.24
CA LYS C 247 28.08 -19.92 26.12
C LYS C 247 29.18 -19.97 25.06
N PHE C 248 28.91 -19.40 23.90
CA PHE C 248 29.91 -19.43 22.85
C PHE C 248 30.13 -18.03 22.29
N PRO C 249 30.63 -17.12 23.13
CA PRO C 249 30.86 -15.76 22.62
C PRO C 249 31.87 -15.72 21.48
N GLY C 250 32.62 -16.80 21.30
CA GLY C 250 33.62 -16.82 20.26
C GLY C 250 33.32 -17.62 19.00
N ALA C 251 32.21 -18.36 18.97
CA ALA C 251 31.86 -19.15 17.79
C ALA C 251 31.58 -18.25 16.60
N ASN C 252 32.03 -18.67 15.43
CA ASN C 252 31.84 -17.92 14.19
C ASN C 252 30.75 -18.54 13.31
N ASP C 253 30.56 -19.86 13.40
CA ASP C 253 29.56 -20.55 12.57
C ASP C 253 28.46 -21.30 13.35
N PHE C 254 27.22 -21.16 12.88
CA PHE C 254 26.06 -21.79 13.52
C PHE C 254 26.06 -23.32 13.45
N GLY C 255 25.97 -23.83 12.23
CA GLY C 255 25.91 -25.27 12.02
C GLY C 255 27.08 -26.14 12.42
N SER C 256 28.28 -25.56 12.52
CA SER C 256 29.44 -26.38 12.88
C SER C 256 29.95 -26.11 14.30
N GLU C 257 29.54 -24.99 14.88
CA GLU C 257 29.99 -24.61 16.21
C GLU C 257 28.86 -24.36 17.23
N VAL C 258 28.06 -23.32 17.03
CA VAL C 258 27.00 -23.01 17.96
C VAL C 258 25.93 -24.07 18.19
N ILE C 259 25.48 -24.74 17.14
CA ILE C 259 24.43 -25.73 17.36
C ILE C 259 24.92 -27.02 17.97
N PRO C 260 26.06 -27.56 17.51
CA PRO C 260 26.52 -28.81 18.14
C PRO C 260 26.88 -28.45 19.58
N GLY C 261 27.23 -27.18 19.77
CA GLY C 261 27.61 -26.67 21.08
C GLY C 261 26.40 -26.79 21.98
N ALA C 262 25.30 -26.19 21.53
CA ALA C 262 24.05 -26.23 22.26
C ALA C 262 23.68 -27.68 22.60
N THR C 263 23.95 -28.59 21.67
CA THR C 263 23.63 -30.00 21.88
C THR C 263 24.51 -30.56 22.99
N SER C 264 25.77 -30.20 22.94
CA SER C 264 26.77 -30.63 23.90
C SER C 264 26.39 -30.19 25.31
N LEU C 265 25.66 -29.08 25.41
CA LEU C 265 25.24 -28.54 26.71
C LEU C 265 23.97 -29.24 27.22
N GLY C 266 23.33 -30.03 26.37
CA GLY C 266 22.13 -30.71 26.78
C GLY C 266 20.84 -30.00 26.43
N MET C 267 20.92 -28.95 25.60
CA MET C 267 19.70 -28.28 25.23
C MET C 267 18.97 -29.24 24.28
N ARG C 268 17.67 -29.02 24.09
CA ARG C 268 16.85 -29.84 23.21
C ARG C 268 16.98 -29.36 21.76
N VAL C 269 17.78 -30.09 21.01
CA VAL C 269 18.04 -29.78 19.63
C VAL C 269 17.35 -30.88 18.88
N GLN C 270 16.26 -30.50 18.23
CA GLN C 270 15.39 -31.41 17.49
C GLN C 270 15.49 -31.33 15.99
N ALA C 271 15.45 -32.49 15.35
CA ALA C 271 15.52 -32.58 13.90
C ALA C 271 14.12 -32.49 13.31
N TYR C 272 14.02 -31.93 12.11
CA TYR C 272 12.78 -31.76 11.37
C TYR C 272 13.09 -32.16 9.92
N LEU C 273 12.38 -33.15 9.42
CA LEU C 273 12.60 -33.62 8.06
C LEU C 273 12.18 -32.61 7.03
N TYR C 274 12.96 -32.54 5.96
CA TYR C 274 12.70 -31.69 4.82
C TYR C 274 12.54 -32.65 3.62
N ASP C 275 11.35 -32.66 3.04
CA ASP C 275 11.06 -33.52 1.89
C ASP C 275 10.66 -32.68 0.67
N GLY C 276 11.57 -32.53 -0.27
CA GLY C 276 11.29 -31.75 -1.46
C GLY C 276 12.55 -31.34 -2.20
N TYR C 277 12.39 -30.58 -3.28
CA TYR C 277 13.53 -30.12 -4.07
C TYR C 277 14.44 -29.18 -3.26
N TRP C 278 15.75 -29.30 -3.43
CA TRP C 278 16.67 -28.40 -2.72
C TRP C 278 18.07 -28.51 -3.31
N GLU C 279 18.57 -27.39 -3.83
CA GLU C 279 19.89 -27.35 -4.46
C GLU C 279 20.69 -26.18 -3.93
N ASP C 280 21.96 -26.41 -3.62
CA ASP C 280 22.77 -25.30 -3.19
C ASP C 280 23.14 -24.63 -4.51
N ILE C 281 23.22 -23.32 -4.50
CA ILE C 281 23.58 -22.63 -5.71
C ILE C 281 24.58 -21.57 -5.33
N GLY C 282 25.57 -21.98 -4.52
CA GLY C 282 26.62 -21.08 -4.05
C GLY C 282 27.96 -21.12 -4.77
N THR C 283 28.07 -21.92 -5.81
CA THR C 283 29.30 -21.99 -6.59
C THR C 283 28.83 -21.75 -8.00
N ILE C 284 29.71 -21.29 -8.87
CA ILE C 284 29.32 -21.00 -10.25
C ILE C 284 28.70 -22.24 -10.89
N GLU C 285 29.38 -23.38 -10.81
CA GLU C 285 28.80 -24.59 -11.43
C GLU C 285 27.43 -24.95 -10.88
N ALA C 286 27.24 -24.91 -9.56
CA ALA C 286 25.94 -25.24 -8.98
C ALA C 286 24.87 -24.20 -9.37
N PHE C 287 25.22 -22.91 -9.33
CA PHE C 287 24.30 -21.86 -9.71
C PHE C 287 23.93 -22.11 -11.18
N TYR C 288 24.95 -22.28 -12.02
CA TYR C 288 24.73 -22.54 -13.42
C TYR C 288 23.80 -23.75 -13.66
N ASN C 289 24.12 -24.91 -13.09
CA ASN C 289 23.26 -26.08 -13.32
C ASN C 289 21.82 -25.92 -12.79
N ALA C 290 21.69 -25.30 -11.62
CA ALA C 290 20.36 -25.10 -11.06
C ALA C 290 19.47 -24.17 -11.91
N ASN C 291 20.09 -23.19 -12.57
CA ASN C 291 19.33 -22.26 -13.40
C ASN C 291 18.86 -22.96 -14.67
N LEU C 292 19.73 -23.76 -15.28
CA LEU C 292 19.38 -24.48 -16.49
C LEU C 292 18.39 -25.61 -16.20
N GLY C 293 18.34 -26.03 -14.94
CA GLY C 293 17.43 -27.07 -14.54
C GLY C 293 15.96 -26.70 -14.66
N ILE C 294 15.62 -25.40 -14.70
CA ILE C 294 14.20 -25.04 -14.80
C ILE C 294 13.70 -25.21 -16.22
N THR C 295 14.59 -25.54 -17.14
CA THR C 295 14.15 -25.78 -18.51
C THR C 295 13.76 -27.26 -18.60
N LYS C 296 13.93 -28.00 -17.51
CA LYS C 296 13.66 -29.44 -17.44
C LYS C 296 12.46 -30.04 -18.17
N LYS C 297 12.79 -31.06 -18.97
CA LYS C 297 11.86 -31.81 -19.84
C LYS C 297 10.46 -32.23 -19.40
N PRO C 298 10.29 -32.85 -18.21
CA PRO C 298 8.94 -33.26 -17.79
C PRO C 298 8.23 -32.16 -17.00
N VAL C 299 8.92 -31.66 -15.99
CA VAL C 299 8.43 -30.60 -15.10
C VAL C 299 9.70 -29.93 -14.58
N PRO C 300 9.66 -28.60 -14.33
CA PRO C 300 10.88 -27.99 -13.82
C PRO C 300 11.21 -28.69 -12.50
N ASP C 301 12.48 -28.99 -12.25
CA ASP C 301 12.81 -29.63 -10.98
C ASP C 301 12.25 -28.72 -9.88
N PHE C 302 12.44 -27.43 -10.09
CA PHE C 302 11.94 -26.42 -9.17
C PHE C 302 11.09 -25.46 -9.98
N SER C 303 9.95 -25.08 -9.41
CA SER C 303 9.04 -24.14 -10.07
C SER C 303 8.94 -22.85 -9.26
N PHE C 304 9.39 -21.74 -9.84
CA PHE C 304 9.32 -20.43 -9.19
C PHE C 304 7.87 -20.10 -8.97
N TYR C 305 7.04 -20.49 -9.92
CA TYR C 305 5.63 -20.21 -9.77
C TYR C 305 4.95 -21.37 -9.07
N ASP C 306 4.04 -21.03 -8.17
CA ASP C 306 3.28 -22.00 -7.45
C ASP C 306 1.88 -21.45 -7.24
N ARG C 307 0.90 -22.34 -7.23
CA ARG C 307 -0.48 -21.96 -7.05
C ARG C 307 -0.71 -21.22 -5.71
N SER C 308 -0.01 -21.64 -4.66
CA SER C 308 -0.20 -20.99 -3.36
C SER C 308 1.03 -20.30 -2.75
N ALA C 309 2.22 -20.76 -3.10
CA ALA C 309 3.46 -20.20 -2.56
C ALA C 309 4.42 -19.72 -3.65
N PRO C 310 3.98 -18.75 -4.48
CA PRO C 310 4.79 -18.21 -5.57
C PRO C 310 6.06 -17.49 -5.12
N ILE C 311 7.10 -17.49 -5.97
CA ILE C 311 8.33 -16.76 -5.66
C ILE C 311 7.99 -15.37 -6.20
N TYR C 312 8.11 -14.34 -5.37
CA TYR C 312 7.79 -13.01 -5.85
C TYR C 312 9.02 -12.30 -6.43
N THR C 313 8.75 -11.22 -7.15
CA THR C 313 9.82 -10.37 -7.68
C THR C 313 9.20 -9.00 -7.89
N GLN C 314 10.01 -8.03 -8.33
CA GLN C 314 9.51 -6.68 -8.55
C GLN C 314 8.68 -6.59 -9.83
N PRO C 315 7.50 -5.96 -9.76
CA PRO C 315 6.59 -5.80 -10.92
C PRO C 315 7.27 -4.81 -11.84
N ARG C 316 7.39 -5.13 -13.12
CA ARG C 316 8.10 -4.21 -14.00
C ARG C 316 7.35 -3.68 -15.21
N TYR C 317 6.17 -4.22 -15.46
CA TYR C 317 5.35 -3.78 -16.59
C TYR C 317 6.13 -3.87 -17.89
N LEU C 318 6.88 -4.96 -18.06
CA LEU C 318 7.64 -5.14 -19.28
C LEU C 318 6.65 -5.63 -20.31
N PRO C 319 6.91 -5.37 -21.60
CA PRO C 319 5.96 -5.82 -22.62
C PRO C 319 6.21 -7.28 -23.02
N PRO C 320 5.25 -7.93 -23.68
CA PRO C 320 5.47 -9.32 -24.07
C PRO C 320 6.73 -9.40 -24.94
N SER C 321 7.42 -10.52 -24.91
CA SER C 321 8.64 -10.67 -25.71
C SER C 321 8.36 -10.77 -27.19
N LYS C 322 9.24 -10.18 -27.99
CA LYS C 322 9.15 -10.22 -29.44
C LYS C 322 10.17 -11.21 -30.05
N MET C 323 9.74 -12.00 -31.03
CA MET C 323 10.65 -12.92 -31.70
C MET C 323 10.43 -12.76 -33.19
N LEU C 324 11.49 -12.37 -33.87
CA LEU C 324 11.44 -12.17 -35.29
C LEU C 324 11.42 -13.52 -36.00
N ASP C 325 12.37 -14.39 -35.64
CA ASP C 325 12.47 -15.73 -36.23
C ASP C 325 13.37 -16.61 -35.32
N ALA C 326 12.76 -17.09 -34.25
CA ALA C 326 13.45 -17.87 -33.24
C ALA C 326 13.09 -19.35 -33.14
N ASP C 327 14.09 -20.21 -33.33
CA ASP C 327 13.87 -21.65 -33.17
C ASP C 327 14.30 -21.84 -31.71
N VAL C 328 13.37 -22.18 -30.85
CA VAL C 328 13.68 -22.30 -29.44
C VAL C 328 13.42 -23.68 -28.86
N THR C 329 14.47 -24.36 -28.39
CA THR C 329 14.26 -25.67 -27.80
C THR C 329 14.69 -25.72 -26.32
N ASP C 330 13.90 -26.44 -25.52
CA ASP C 330 14.14 -26.63 -24.08
C ASP C 330 14.64 -25.39 -23.40
N SER C 331 13.97 -24.27 -23.67
CA SER C 331 14.41 -23.02 -23.08
C SER C 331 13.31 -22.30 -22.35
N VAL C 332 13.73 -21.27 -21.62
CA VAL C 332 12.79 -20.46 -20.84
C VAL C 332 13.07 -19.02 -21.25
N ILE C 333 12.02 -18.24 -21.52
CA ILE C 333 12.18 -16.85 -21.95
C ILE C 333 11.59 -15.86 -20.95
N GLY C 334 12.35 -14.86 -20.55
CA GLY C 334 11.81 -13.91 -19.58
C GLY C 334 10.96 -12.80 -20.16
N GLU C 335 10.64 -11.86 -19.29
CA GLU C 335 9.81 -10.70 -19.63
C GLU C 335 10.51 -9.71 -20.58
N GLY C 336 9.73 -9.12 -21.47
CA GLY C 336 10.26 -8.12 -22.37
C GLY C 336 11.49 -8.40 -23.24
N CYS C 337 11.70 -9.61 -23.72
CA CYS C 337 12.88 -9.84 -24.56
C CYS C 337 12.62 -9.36 -25.97
N VAL C 338 13.70 -9.02 -26.71
CA VAL C 338 13.61 -8.59 -28.11
C VAL C 338 14.60 -9.46 -28.85
N ILE C 339 14.06 -10.42 -29.60
CA ILE C 339 14.87 -11.43 -30.29
C ILE C 339 14.66 -11.48 -31.80
N LYS C 340 15.77 -11.51 -32.52
CA LYS C 340 15.79 -11.58 -33.97
C LYS C 340 15.71 -13.03 -34.48
N ASN C 341 16.41 -13.30 -35.56
CA ASN C 341 16.44 -14.66 -36.10
C ASN C 341 17.59 -15.32 -35.39
N CYS C 342 17.31 -16.39 -34.65
CA CYS C 342 18.36 -17.05 -33.91
C CYS C 342 17.92 -18.42 -33.46
N LYS C 343 18.86 -19.14 -32.86
CA LYS C 343 18.56 -20.45 -32.34
C LYS C 343 18.84 -20.31 -30.87
N ILE C 344 17.91 -20.75 -30.04
CA ILE C 344 18.09 -20.70 -28.61
C ILE C 344 17.82 -22.12 -28.17
N HIS C 345 18.80 -22.73 -27.53
CA HIS C 345 18.72 -24.11 -27.07
C HIS C 345 19.22 -24.39 -25.63
N HIS C 346 18.37 -25.05 -24.83
CA HIS C 346 18.68 -25.42 -23.45
C HIS C 346 19.26 -24.22 -22.70
N SER C 347 18.55 -23.08 -22.77
CA SER C 347 19.05 -21.88 -22.15
C SER C 347 17.97 -21.13 -21.39
N VAL C 348 18.39 -20.16 -20.60
CA VAL C 348 17.48 -19.31 -19.85
C VAL C 348 17.74 -17.88 -20.36
N VAL C 349 16.70 -17.21 -20.88
CA VAL C 349 16.86 -15.86 -21.42
C VAL C 349 16.22 -14.81 -20.53
N GLY C 350 17.07 -14.11 -19.78
CA GLY C 350 16.65 -13.10 -18.84
C GLY C 350 15.92 -11.90 -19.39
N LEU C 351 15.28 -11.16 -18.46
CA LEU C 351 14.48 -9.98 -18.80
C LEU C 351 15.24 -8.94 -19.61
N ARG C 352 14.51 -8.35 -20.56
CA ARG C 352 15.02 -7.33 -21.45
C ARG C 352 16.19 -7.77 -22.32
N SER C 353 16.33 -9.08 -22.57
CA SER C 353 17.45 -9.56 -23.40
C SER C 353 17.34 -9.15 -24.86
N CYS C 354 18.44 -8.64 -25.43
CA CYS C 354 18.39 -8.32 -26.90
C CYS C 354 19.36 -9.33 -27.51
N ILE C 355 18.87 -10.06 -28.54
CA ILE C 355 19.64 -11.11 -29.23
C ILE C 355 19.54 -10.80 -30.71
N SER C 356 20.68 -10.54 -31.33
CA SER C 356 20.69 -10.17 -32.74
C SER C 356 20.71 -11.32 -33.73
N GLU C 357 20.50 -10.95 -34.99
CA GLU C 357 20.44 -11.85 -36.14
C GLU C 357 21.57 -12.85 -36.24
N GLY C 358 21.24 -14.12 -36.47
CA GLY C 358 22.28 -15.11 -36.60
C GLY C 358 22.84 -15.71 -35.31
N ALA C 359 22.55 -15.11 -34.16
CA ALA C 359 23.05 -15.63 -32.91
C ALA C 359 22.59 -17.06 -32.62
N ILE C 360 23.48 -17.83 -32.00
CA ILE C 360 23.18 -19.19 -31.61
C ILE C 360 23.58 -19.26 -30.13
N ILE C 361 22.59 -19.55 -29.28
CA ILE C 361 22.77 -19.63 -27.83
C ILE C 361 22.52 -21.05 -27.37
N GLU C 362 23.51 -21.65 -26.72
CA GLU C 362 23.39 -23.02 -26.23
C GLU C 362 23.82 -23.15 -24.78
N ASP C 363 23.03 -23.92 -24.02
CA ASP C 363 23.31 -24.19 -22.62
C ASP C 363 23.86 -22.96 -21.91
N SER C 364 23.14 -21.84 -22.02
CA SER C 364 23.63 -20.64 -21.36
C SER C 364 22.56 -19.92 -20.58
N LEU C 365 23.04 -19.05 -19.70
CA LEU C 365 22.20 -18.25 -18.83
C LEU C 365 22.49 -16.82 -19.19
N LEU C 366 21.49 -16.18 -19.80
CA LEU C 366 21.60 -14.78 -20.23
C LEU C 366 20.85 -14.01 -19.13
N MET C 367 21.57 -13.19 -18.35
CA MET C 367 20.91 -12.48 -17.24
C MET C 367 20.03 -11.37 -17.73
N GLY C 368 20.18 -10.98 -18.99
CA GLY C 368 19.34 -9.91 -19.48
C GLY C 368 19.91 -8.52 -19.29
N ALA C 369 19.02 -7.55 -19.11
CA ALA C 369 19.49 -6.18 -18.96
C ALA C 369 18.59 -5.35 -18.09
N ASP C 370 19.17 -4.30 -17.51
CA ASP C 370 18.44 -3.41 -16.59
C ASP C 370 17.62 -2.34 -17.30
N TYR C 371 17.89 -2.13 -18.58
CA TYR C 371 17.17 -1.14 -19.36
C TYR C 371 17.27 -1.47 -20.86
N TYR C 372 16.57 -0.70 -21.67
CA TYR C 372 16.62 -0.91 -23.12
C TYR C 372 17.37 0.24 -23.76
N GLU C 373 17.98 0.01 -24.91
CA GLU C 373 18.66 1.07 -25.63
C GLU C 373 17.80 1.23 -26.86
N THR C 374 17.39 2.46 -27.15
CA THR C 374 16.58 2.72 -28.34
C THR C 374 17.48 2.59 -29.55
N ASP C 375 17.21 3.37 -30.58
CA ASP C 375 18.03 3.31 -31.77
C ASP C 375 18.93 4.52 -31.83
N ALA C 376 18.50 5.61 -31.19
CA ALA C 376 19.33 6.80 -31.16
C ALA C 376 20.61 6.27 -30.51
N ASP C 377 20.42 5.53 -29.43
CA ASP C 377 21.52 4.94 -28.67
C ASP C 377 22.37 4.01 -29.53
N ARG C 378 21.70 3.04 -30.16
CA ARG C 378 22.38 2.06 -31.01
C ARG C 378 23.13 2.77 -32.12
N LYS C 379 22.49 3.76 -32.73
CA LYS C 379 23.11 4.52 -33.81
C LYS C 379 24.42 5.14 -33.34
N LEU C 380 24.35 5.93 -32.28
CA LEU C 380 25.56 6.56 -31.78
C LEU C 380 26.65 5.53 -31.49
N LEU C 381 26.24 4.40 -30.90
CA LEU C 381 27.20 3.34 -30.58
C LEU C 381 27.91 2.81 -31.84
N ALA C 382 27.12 2.54 -32.89
CA ALA C 382 27.67 2.05 -34.16
C ALA C 382 28.72 3.06 -34.67
N ALA C 383 28.38 4.35 -34.52
CA ALA C 383 29.26 5.44 -34.93
C ALA C 383 30.60 5.34 -34.22
N LYS C 384 30.62 5.58 -32.91
CA LYS C 384 31.87 5.51 -32.15
C LYS C 384 32.53 4.13 -32.33
N GLY C 385 31.85 3.25 -33.06
CA GLY C 385 32.39 1.92 -33.26
C GLY C 385 32.29 1.14 -31.95
N SER C 386 31.19 1.34 -31.24
CA SER C 386 31.00 0.63 -30.00
C SER C 386 30.05 -0.53 -30.24
N VAL C 387 29.67 -1.21 -29.16
CA VAL C 387 28.74 -2.33 -29.23
C VAL C 387 27.52 -2.00 -28.36
N PRO C 388 26.31 -2.31 -28.86
CA PRO C 388 25.10 -2.04 -28.07
C PRO C 388 24.91 -3.18 -27.08
N ILE C 389 24.01 -3.03 -26.13
CA ILE C 389 23.75 -4.10 -25.17
C ILE C 389 23.06 -5.28 -25.84
N GLY C 390 23.40 -6.50 -25.41
CA GLY C 390 22.79 -7.68 -25.97
C GLY C 390 23.79 -8.60 -26.65
N ILE C 391 23.29 -9.73 -27.17
CA ILE C 391 24.14 -10.65 -27.89
C ILE C 391 24.17 -10.20 -29.34
N GLY C 392 25.37 -9.89 -29.83
CA GLY C 392 25.50 -9.40 -31.19
C GLY C 392 25.21 -10.39 -32.31
N LYS C 393 25.28 -9.86 -33.53
CA LYS C 393 25.01 -10.65 -34.73
C LYS C 393 25.98 -11.78 -34.92
N ASN C 394 25.44 -12.93 -35.33
CA ASN C 394 26.25 -14.11 -35.63
C ASN C 394 27.15 -14.62 -34.50
N CYS C 395 26.76 -14.32 -33.27
CA CYS C 395 27.52 -14.78 -32.12
C CYS C 395 27.13 -16.20 -31.85
N HIS C 396 28.04 -16.92 -31.20
CA HIS C 396 27.79 -18.28 -30.80
C HIS C 396 28.20 -18.32 -29.33
N ILE C 397 27.20 -18.48 -28.46
CA ILE C 397 27.38 -18.52 -27.01
C ILE C 397 27.09 -19.90 -26.51
N LYS C 398 28.05 -20.52 -25.84
CA LYS C 398 27.80 -21.84 -25.29
C LYS C 398 28.41 -21.99 -23.90
N ARG C 399 27.68 -22.72 -23.05
CA ARG C 399 28.09 -22.97 -21.68
C ARG C 399 28.60 -21.67 -21.04
N ALA C 400 27.76 -20.64 -21.06
CA ALA C 400 28.13 -19.34 -20.48
C ALA C 400 27.04 -18.73 -19.59
N ILE C 401 27.45 -17.75 -18.80
CA ILE C 401 26.55 -16.98 -17.94
C ILE C 401 26.90 -15.60 -18.44
N ILE C 402 25.93 -14.89 -19.02
CA ILE C 402 26.20 -13.55 -19.53
C ILE C 402 25.53 -12.60 -18.53
N ASP C 403 26.32 -11.90 -17.70
CA ASP C 403 25.73 -11.04 -16.70
C ASP C 403 25.03 -9.84 -17.32
N LYS C 404 24.32 -9.07 -16.49
CA LYS C 404 23.54 -7.91 -16.93
C LYS C 404 24.20 -6.84 -17.79
N ASN C 405 23.45 -6.38 -18.79
CA ASN C 405 23.93 -5.33 -19.67
C ASN C 405 25.22 -5.58 -20.44
N ALA C 406 25.59 -6.83 -20.63
CA ALA C 406 26.79 -7.10 -21.40
C ALA C 406 26.63 -6.57 -22.83
N ARG C 407 27.76 -6.24 -23.46
CA ARG C 407 27.80 -5.75 -24.84
C ARG C 407 28.68 -6.75 -25.58
N ILE C 408 28.04 -7.72 -26.25
CA ILE C 408 28.76 -8.77 -26.96
C ILE C 408 28.80 -8.40 -28.44
N GLY C 409 30.00 -8.16 -28.96
CA GLY C 409 30.13 -7.74 -30.34
C GLY C 409 29.81 -8.80 -31.36
N ASP C 410 29.65 -8.34 -32.60
CA ASP C 410 29.33 -9.24 -33.69
C ASP C 410 30.37 -10.34 -33.81
N ASN C 411 29.90 -11.52 -34.22
CA ASN C 411 30.74 -12.69 -34.44
C ASN C 411 31.51 -13.18 -33.23
N VAL C 412 31.12 -12.82 -32.02
CA VAL C 412 31.84 -13.32 -30.87
C VAL C 412 31.52 -14.81 -30.70
N LYS C 413 32.53 -15.59 -30.34
CA LYS C 413 32.37 -17.02 -30.14
C LYS C 413 32.79 -17.42 -28.72
N ILE C 414 31.84 -17.80 -27.89
CA ILE C 414 32.16 -18.25 -26.55
C ILE C 414 31.95 -19.74 -26.58
N ILE C 415 33.00 -20.43 -27.00
CA ILE C 415 32.95 -21.88 -27.17
C ILE C 415 34.03 -22.62 -26.37
N ASN C 416 34.99 -21.88 -25.83
CA ASN C 416 36.05 -22.49 -25.05
C ASN C 416 36.47 -23.85 -25.63
N LYS C 417 37.04 -23.82 -26.84
CA LYS C 417 37.45 -25.05 -27.51
C LYS C 417 38.46 -25.87 -26.71
N ASP C 418 39.41 -25.16 -26.10
CA ASP C 418 40.46 -25.81 -25.30
C ASP C 418 39.96 -26.35 -23.97
N ASN C 419 38.66 -26.23 -23.73
CA ASN C 419 38.04 -26.68 -22.49
C ASN C 419 38.73 -26.23 -21.18
N VAL C 420 39.26 -25.01 -21.21
CA VAL C 420 39.90 -24.39 -20.07
C VAL C 420 38.87 -24.39 -18.91
N GLN C 421 39.32 -24.76 -17.69
CA GLN C 421 38.44 -24.83 -16.53
C GLN C 421 38.40 -23.57 -15.73
N GLU C 422 39.57 -22.94 -15.59
CA GLU C 422 39.74 -21.74 -14.82
C GLU C 422 40.59 -20.73 -15.56
N ALA C 423 40.20 -19.46 -15.50
CA ALA C 423 40.95 -18.43 -16.16
C ALA C 423 40.35 -17.11 -15.72
N ALA C 424 41.14 -16.39 -14.93
CA ALA C 424 40.75 -15.09 -14.41
C ALA C 424 41.13 -14.10 -15.50
N ARG C 425 40.12 -13.58 -16.21
CA ARG C 425 40.39 -12.65 -17.30
C ARG C 425 39.51 -11.41 -17.24
N GLU C 426 39.39 -10.82 -16.07
CA GLU C 426 38.56 -9.65 -15.92
C GLU C 426 38.88 -8.43 -16.80
N THR C 427 40.14 -8.18 -17.12
CA THR C 427 40.43 -6.99 -17.94
C THR C 427 39.83 -7.13 -19.33
N ASP C 428 39.55 -8.37 -19.70
CA ASP C 428 38.96 -8.75 -20.98
C ASP C 428 37.45 -9.04 -20.85
N GLY C 429 36.85 -8.64 -19.74
CA GLY C 429 35.42 -8.82 -19.53
C GLY C 429 34.87 -10.15 -19.00
N TYR C 430 35.74 -11.11 -18.70
CA TYR C 430 35.24 -12.40 -18.24
C TYR C 430 36.04 -13.20 -17.23
N PHE C 431 35.44 -14.31 -16.83
CA PHE C 431 36.04 -15.17 -15.83
C PHE C 431 35.55 -16.60 -16.03
N ILE C 432 36.47 -17.51 -16.29
CA ILE C 432 36.09 -18.90 -16.45
C ILE C 432 36.32 -19.63 -15.13
N LYS C 433 35.31 -20.42 -14.72
CA LYS C 433 35.33 -21.18 -13.48
C LYS C 433 34.56 -22.48 -13.77
N SER C 434 35.18 -23.64 -13.53
CA SER C 434 34.57 -24.95 -13.82
C SER C 434 34.21 -25.12 -15.31
N GLY C 435 34.99 -24.49 -16.18
CA GLY C 435 34.72 -24.59 -17.60
C GLY C 435 33.57 -23.70 -18.04
N ILE C 436 32.96 -22.96 -17.12
CA ILE C 436 31.85 -22.07 -17.44
C ILE C 436 32.35 -20.63 -17.64
N VAL C 437 32.11 -20.06 -18.83
CA VAL C 437 32.53 -18.71 -19.06
C VAL C 437 31.47 -17.75 -18.56
N THR C 438 31.88 -16.79 -17.72
CA THR C 438 30.98 -15.79 -17.18
C THR C 438 31.40 -14.41 -17.70
N VAL C 439 30.55 -13.79 -18.51
CA VAL C 439 30.86 -12.45 -18.98
C VAL C 439 30.36 -11.51 -17.89
N ILE C 440 31.25 -10.62 -17.46
CA ILE C 440 30.97 -9.73 -16.38
C ILE C 440 29.94 -8.66 -16.62
N LYS C 441 29.17 -8.32 -15.60
CA LYS C 441 28.17 -7.27 -15.71
C LYS C 441 28.79 -6.01 -16.36
N ASP C 442 28.10 -5.47 -17.36
CA ASP C 442 28.51 -4.26 -18.11
C ASP C 442 29.79 -4.42 -18.95
N ALA C 443 30.29 -5.65 -19.11
CA ALA C 443 31.49 -5.86 -19.91
C ALA C 443 31.27 -5.68 -21.40
N LEU C 444 32.33 -5.29 -22.09
CA LEU C 444 32.25 -5.14 -23.53
C LEU C 444 33.15 -6.20 -24.12
N ILE C 445 32.59 -7.10 -24.93
CA ILE C 445 33.42 -8.12 -25.56
C ILE C 445 33.50 -7.69 -27.04
N PRO C 446 34.64 -7.14 -27.47
CA PRO C 446 34.80 -6.68 -28.86
C PRO C 446 34.50 -7.71 -29.91
N SER C 447 33.90 -7.22 -31.00
CA SER C 447 33.55 -8.04 -32.14
C SER C 447 34.73 -8.92 -32.59
N GLY C 448 34.42 -10.16 -32.98
CA GLY C 448 35.45 -11.07 -33.44
C GLY C 448 36.17 -11.89 -32.39
N ILE C 449 35.99 -11.56 -31.12
CA ILE C 449 36.65 -12.27 -30.03
C ILE C 449 36.27 -13.74 -29.89
N ILE C 450 37.27 -14.58 -29.66
CA ILE C 450 37.00 -16.00 -29.51
C ILE C 450 37.47 -16.47 -28.16
N ILE C 451 36.53 -16.96 -27.36
CA ILE C 451 36.83 -17.42 -26.01
C ILE C 451 36.55 -18.92 -25.90
N THR D 11 5.64 24.35 -16.79
CA THR D 11 4.23 24.73 -16.51
C THR D 11 3.41 23.57 -15.94
N CYS D 12 3.16 23.62 -14.64
CA CYS D 12 2.39 22.59 -13.92
C CYS D 12 0.95 23.05 -13.74
N LEU D 13 0.00 22.12 -13.84
CA LEU D 13 -1.38 22.50 -13.59
C LEU D 13 -1.42 22.95 -12.14
N ASP D 14 -2.37 23.82 -11.81
CA ASP D 14 -2.49 24.31 -10.45
C ASP D 14 -3.88 24.90 -10.25
N PRO D 15 -4.72 24.25 -9.44
CA PRO D 15 -4.49 23.01 -8.68
C PRO D 15 -3.95 21.89 -9.57
N ASP D 16 -3.22 20.94 -8.99
CA ASP D 16 -2.68 19.85 -9.79
C ASP D 16 -3.84 18.95 -10.21
N ALA D 17 -3.56 18.07 -11.15
CA ALA D 17 -4.55 17.16 -11.71
C ALA D 17 -5.20 16.23 -10.70
N SER D 18 -4.38 15.61 -9.87
CA SER D 18 -4.89 14.67 -8.89
C SER D 18 -6.00 15.19 -8.00
N ARG D 19 -5.93 16.46 -7.60
CA ARG D 19 -7.01 16.98 -6.74
C ARG D 19 -8.12 17.77 -7.43
N SER D 20 -7.89 18.22 -8.66
CA SER D 20 -8.88 19.02 -9.39
C SER D 20 -9.59 18.42 -10.61
N VAL D 21 -9.14 17.26 -11.05
CA VAL D 21 -9.71 16.64 -12.24
C VAL D 21 -10.26 15.28 -11.93
N LEU D 22 -11.48 15.01 -12.38
CA LEU D 22 -12.10 13.71 -12.14
C LEU D 22 -12.19 12.96 -13.49
N GLY D 23 -11.53 11.82 -13.59
CA GLY D 23 -11.56 11.07 -14.82
C GLY D 23 -12.81 10.21 -14.92
N ILE D 24 -13.46 10.22 -16.08
CA ILE D 24 -14.67 9.41 -16.27
C ILE D 24 -14.50 8.60 -17.56
N ILE D 25 -14.36 7.28 -17.42
CA ILE D 25 -14.16 6.39 -18.56
C ILE D 25 -15.46 5.69 -18.96
N LEU D 26 -15.86 5.83 -20.22
CA LEU D 26 -17.11 5.23 -20.70
C LEU D 26 -16.85 4.05 -21.64
N THR D 32 -21.23 -4.30 -28.05
CA THR D 32 -21.32 -5.67 -28.55
C THR D 32 -20.85 -5.76 -30.00
N ARG D 33 -20.07 -4.78 -30.42
CA ARG D 33 -19.52 -4.83 -31.76
C ARG D 33 -18.31 -5.76 -31.58
N LEU D 34 -18.02 -6.08 -30.33
CA LEU D 34 -16.93 -6.97 -29.97
C LEU D 34 -17.46 -8.35 -29.58
N TYR D 35 -18.75 -8.59 -29.87
CA TYR D 35 -19.35 -9.88 -29.55
C TYR D 35 -18.62 -10.97 -30.35
N PRO D 36 -18.39 -12.17 -29.77
CA PRO D 36 -18.69 -12.75 -28.46
C PRO D 36 -17.61 -12.52 -27.41
N LEU D 37 -16.65 -11.63 -27.69
CA LEU D 37 -15.58 -11.33 -26.74
C LEU D 37 -16.22 -10.76 -25.45
N THR D 38 -17.46 -10.30 -25.60
CA THR D 38 -18.23 -9.69 -24.52
C THR D 38 -19.39 -10.58 -24.04
N LYS D 39 -19.51 -11.77 -24.61
CA LYS D 39 -20.60 -12.66 -24.25
C LYS D 39 -20.65 -13.01 -22.75
N LYS D 40 -19.50 -13.17 -22.11
CA LYS D 40 -19.52 -13.49 -20.68
C LYS D 40 -18.45 -12.79 -19.87
N ARG D 41 -18.34 -11.48 -20.11
CA ARG D 41 -17.39 -10.67 -19.38
C ARG D 41 -17.76 -9.23 -19.64
N ALA D 42 -17.46 -8.38 -18.66
CA ALA D 42 -17.70 -6.94 -18.79
C ALA D 42 -16.78 -6.49 -19.95
N LYS D 43 -17.27 -5.58 -20.79
CA LYS D 43 -16.47 -5.11 -21.94
C LYS D 43 -15.06 -4.57 -21.61
N PRO D 44 -14.96 -3.67 -20.61
CA PRO D 44 -13.67 -3.09 -20.22
C PRO D 44 -12.61 -4.14 -19.90
N ALA D 45 -13.07 -5.34 -19.58
CA ALA D 45 -12.20 -6.44 -19.22
C ALA D 45 -11.64 -7.22 -20.41
N VAL D 46 -12.13 -6.94 -21.60
CA VAL D 46 -11.63 -7.68 -22.72
C VAL D 46 -10.10 -7.66 -22.81
N PRO D 47 -9.49 -8.85 -22.86
CA PRO D 47 -8.04 -9.05 -22.95
C PRO D 47 -7.48 -8.29 -24.16
N LEU D 48 -6.28 -7.75 -23.99
CA LEU D 48 -5.63 -6.94 -25.01
C LEU D 48 -4.13 -7.21 -24.99
N GLY D 49 -3.53 -7.28 -26.18
CA GLY D 49 -2.09 -7.44 -26.32
C GLY D 49 -1.34 -8.44 -25.47
N ALA D 50 -1.89 -9.64 -25.34
CA ALA D 50 -1.23 -10.69 -24.59
C ALA D 50 -1.28 -10.57 -23.07
N ASN D 51 -0.89 -9.42 -22.52
CA ASN D 51 -0.85 -9.25 -21.05
C ASN D 51 -1.77 -8.22 -20.45
N TYR D 52 -2.56 -7.52 -21.26
CA TYR D 52 -3.41 -6.46 -20.75
C TYR D 52 -4.91 -6.71 -20.96
N ARG D 53 -5.72 -5.70 -20.67
CA ARG D 53 -7.17 -5.74 -20.86
C ARG D 53 -7.52 -4.32 -21.35
N LEU D 54 -8.62 -4.13 -22.06
CA LEU D 54 -8.99 -2.80 -22.58
C LEU D 54 -8.89 -1.64 -21.58
N ILE D 55 -9.52 -1.80 -20.43
CA ILE D 55 -9.56 -0.78 -19.43
C ILE D 55 -8.17 -0.22 -19.08
N ASP D 56 -7.12 -1.03 -19.23
CA ASP D 56 -5.76 -0.61 -18.88
C ASP D 56 -5.25 0.59 -19.68
N ILE D 57 -5.73 0.78 -20.90
CA ILE D 57 -5.26 1.92 -21.68
C ILE D 57 -5.71 3.28 -21.08
N PRO D 58 -7.03 3.53 -20.97
CA PRO D 58 -7.44 4.83 -20.41
C PRO D 58 -7.00 5.04 -18.97
N VAL D 59 -7.05 3.99 -18.17
CA VAL D 59 -6.65 4.06 -16.78
C VAL D 59 -5.18 4.37 -16.66
N SER D 60 -4.33 3.71 -17.47
CA SER D 60 -2.90 4.00 -17.41
C SER D 60 -2.62 5.40 -17.94
N ASN D 61 -3.37 5.85 -18.96
CA ASN D 61 -3.14 7.20 -19.49
C ASN D 61 -3.51 8.20 -18.40
N CYS D 62 -4.57 7.92 -17.64
CA CYS D 62 -4.97 8.83 -16.55
C CYS D 62 -3.86 8.88 -15.50
N LEU D 63 -3.44 7.70 -15.03
CA LEU D 63 -2.37 7.59 -14.03
C LEU D 63 -1.09 8.30 -14.45
N ASN D 64 -0.65 8.09 -15.68
CA ASN D 64 0.56 8.75 -16.13
C ASN D 64 0.38 10.26 -16.35
N SER D 65 -0.86 10.75 -16.28
CA SER D 65 -1.15 12.18 -16.44
C SER D 65 -1.46 12.80 -15.09
N ASN D 66 -1.17 12.06 -14.03
CA ASN D 66 -1.41 12.52 -12.69
C ASN D 66 -2.89 12.66 -12.36
N ILE D 67 -3.70 11.78 -12.91
CA ILE D 67 -5.12 11.83 -12.63
C ILE D 67 -5.47 10.58 -11.83
N SER D 68 -5.73 10.76 -10.53
CA SER D 68 -6.01 9.65 -9.63
C SER D 68 -7.46 9.40 -9.26
N LYS D 69 -8.34 10.37 -9.47
CA LYS D 69 -9.74 10.15 -9.15
C LYS D 69 -10.40 9.64 -10.44
N ILE D 70 -10.62 8.33 -10.50
CA ILE D 70 -11.14 7.69 -11.71
C ILE D 70 -12.37 6.82 -11.56
N TYR D 71 -13.38 7.11 -12.39
CA TYR D 71 -14.61 6.32 -12.42
C TYR D 71 -14.62 5.54 -13.74
N VAL D 72 -15.18 4.33 -13.71
CA VAL D 72 -15.29 3.49 -14.90
C VAL D 72 -16.79 3.11 -15.07
N LEU D 73 -17.43 3.64 -16.12
CA LEU D 73 -18.84 3.37 -16.39
C LEU D 73 -18.97 2.17 -17.30
N THR D 74 -19.83 1.24 -16.93
CA THR D 74 -20.00 0.04 -17.75
C THR D 74 -21.38 -0.55 -17.56
N GLN D 75 -21.82 -1.41 -18.48
CA GLN D 75 -23.16 -1.95 -18.35
C GLN D 75 -23.45 -2.63 -17.01
N PHE D 76 -22.57 -3.52 -16.59
CA PHE D 76 -22.76 -4.25 -15.34
C PHE D 76 -21.43 -4.52 -14.62
N ASN D 77 -21.48 -4.81 -13.34
CA ASN D 77 -20.24 -5.08 -12.65
C ASN D 77 -19.79 -6.54 -12.70
N SER D 78 -18.54 -6.79 -12.36
CA SER D 78 -18.02 -8.14 -12.32
C SER D 78 -16.88 -8.16 -11.30
N ALA D 79 -16.84 -9.22 -10.52
CA ALA D 79 -15.81 -9.38 -9.51
C ALA D 79 -14.45 -9.38 -10.21
N SER D 80 -14.42 -10.08 -11.34
CA SER D 80 -13.24 -10.18 -12.21
C SER D 80 -12.64 -8.81 -12.55
N LEU D 81 -13.45 -7.90 -13.07
CA LEU D 81 -13.01 -6.54 -13.43
C LEU D 81 -12.56 -5.79 -12.16
N ASN D 82 -13.35 -5.90 -11.10
CA ASN D 82 -12.99 -5.22 -9.85
C ASN D 82 -11.67 -5.78 -9.36
N ARG D 83 -11.52 -7.10 -9.40
CA ARG D 83 -10.28 -7.71 -8.94
C ARG D 83 -9.11 -7.15 -9.73
N HIS D 84 -9.25 -7.08 -11.06
CA HIS D 84 -8.18 -6.55 -11.91
C HIS D 84 -7.87 -5.09 -11.55
N LEU D 85 -8.92 -4.31 -11.33
CA LEU D 85 -8.76 -2.89 -11.00
C LEU D 85 -8.05 -2.68 -9.66
N SER D 86 -8.54 -3.35 -8.62
CA SER D 86 -7.94 -3.21 -7.30
C SER D 86 -6.47 -3.62 -7.32
N ARG D 87 -6.20 -4.85 -7.73
CA ARG D 87 -4.83 -5.36 -7.77
C ARG D 87 -3.83 -4.62 -8.68
N ALA D 88 -4.25 -4.24 -9.90
CA ALA D 88 -3.34 -3.52 -10.81
C ALA D 88 -3.21 -2.06 -10.38
N TYR D 89 -4.26 -1.53 -9.75
CA TYR D 89 -4.29 -0.14 -9.30
C TYR D 89 -4.71 -0.05 -7.84
N ASN D 98 -1.86 10.17 -1.68
CA ASN D 98 -3.03 9.33 -1.62
C ASN D 98 -4.28 10.09 -2.08
N GLU D 99 -5.45 9.53 -1.79
CA GLU D 99 -6.77 10.09 -2.11
C GLU D 99 -7.41 9.66 -3.44
N GLY D 100 -6.67 8.94 -4.28
CA GLY D 100 -7.22 8.50 -5.55
C GLY D 100 -8.07 7.24 -5.49
N PHE D 101 -8.67 6.87 -6.62
CA PHE D 101 -9.48 5.66 -6.69
C PHE D 101 -9.81 5.30 -8.14
N VAL D 102 -10.26 4.06 -8.33
CA VAL D 102 -10.70 3.56 -9.63
C VAL D 102 -11.93 2.75 -9.24
N GLU D 103 -13.10 3.30 -9.54
CA GLU D 103 -14.35 2.66 -9.17
C GLU D 103 -15.29 2.46 -10.36
N VAL D 104 -16.00 1.35 -10.32
CA VAL D 104 -16.92 1.01 -11.37
C VAL D 104 -18.36 1.42 -11.08
N LEU D 105 -18.98 2.11 -12.02
CA LEU D 105 -20.36 2.50 -11.85
C LEU D 105 -21.15 1.74 -12.90
N ALA D 106 -22.07 0.89 -12.45
CA ALA D 106 -22.86 0.07 -13.36
C ALA D 106 -24.24 0.63 -13.70
N ALA D 107 -24.58 0.59 -14.98
CA ALA D 107 -25.86 1.08 -15.47
C ALA D 107 -26.98 0.12 -15.12
N GLN D 108 -26.62 -1.14 -14.96
CA GLN D 108 -27.54 -2.23 -14.65
C GLN D 108 -27.12 -2.92 -13.34
N GLN D 109 -28.09 -3.16 -12.47
CA GLN D 109 -27.83 -3.82 -11.20
C GLN D 109 -27.71 -5.31 -11.50
N SER D 110 -27.94 -5.64 -12.77
CA SER D 110 -27.85 -6.98 -13.37
C SER D 110 -29.12 -7.81 -13.61
N PRO D 111 -29.00 -8.95 -14.32
CA PRO D 111 -30.13 -9.86 -14.65
C PRO D 111 -31.30 -9.88 -13.67
N PHE D 117 -27.35 2.20 -21.03
CA PHE D 117 -26.73 3.39 -21.57
C PHE D 117 -27.24 3.68 -22.98
N GLN D 118 -27.92 4.81 -23.12
CA GLN D 118 -28.49 5.24 -24.40
C GLN D 118 -27.38 5.88 -25.23
N GLY D 119 -26.34 6.30 -24.54
CA GLY D 119 -25.23 6.96 -25.20
C GLY D 119 -24.33 7.62 -24.18
N THR D 120 -23.23 8.16 -24.67
CA THR D 120 -22.26 8.78 -23.81
C THR D 120 -22.85 9.77 -22.79
N ALA D 121 -23.72 10.67 -23.27
CA ALA D 121 -24.33 11.68 -22.40
C ALA D 121 -25.28 11.04 -21.40
N ASP D 122 -25.96 9.98 -21.85
CA ASP D 122 -26.89 9.28 -20.98
C ASP D 122 -26.12 8.68 -19.82
N ALA D 123 -25.08 7.92 -20.13
CA ALA D 123 -24.25 7.28 -19.13
C ALA D 123 -23.76 8.26 -18.08
N VAL D 124 -23.25 9.40 -18.53
CA VAL D 124 -22.75 10.40 -17.60
C VAL D 124 -23.87 10.98 -16.76
N ARG D 125 -25.02 11.28 -17.41
CA ARG D 125 -26.16 11.86 -16.71
C ARG D 125 -26.66 10.92 -15.64
N GLN D 126 -26.67 9.62 -15.93
CA GLN D 126 -27.16 8.67 -14.92
C GLN D 126 -26.43 8.79 -13.59
N TYR D 127 -25.14 9.08 -13.61
CA TYR D 127 -24.42 9.22 -12.34
C TYR D 127 -23.96 10.64 -12.04
N LEU D 128 -24.54 11.62 -12.72
CA LEU D 128 -24.17 13.02 -12.52
C LEU D 128 -24.20 13.44 -11.05
N TRP D 129 -25.16 12.91 -10.31
CA TRP D 129 -25.31 13.21 -8.91
C TRP D 129 -24.07 12.78 -8.11
N LEU D 130 -23.41 11.72 -8.55
CA LEU D 130 -22.24 11.24 -7.82
C LEU D 130 -21.00 12.10 -8.13
N PHE D 131 -20.76 12.37 -9.40
CA PHE D 131 -19.61 13.18 -9.80
C PHE D 131 -19.69 14.58 -9.17
N GLU D 132 -20.92 15.08 -9.10
CA GLU D 132 -21.18 16.40 -8.55
C GLU D 132 -20.71 16.49 -7.10
N GLU D 133 -20.70 15.35 -6.43
CA GLU D 133 -20.27 15.31 -5.03
C GLU D 133 -18.75 15.51 -4.84
N HIS D 134 -18.01 15.59 -5.93
CA HIS D 134 -16.56 15.77 -5.86
C HIS D 134 -16.23 17.25 -6.05
N THR D 135 -15.17 17.71 -5.40
CA THR D 135 -14.75 19.11 -5.50
C THR D 135 -13.63 19.16 -6.50
N VAL D 136 -14.02 19.25 -7.77
CA VAL D 136 -13.07 19.25 -8.87
C VAL D 136 -13.37 20.44 -9.80
N LEU D 137 -12.38 20.84 -10.61
CA LEU D 137 -12.62 21.92 -11.57
C LEU D 137 -13.21 21.37 -12.87
N GLU D 138 -12.70 20.21 -13.33
CA GLU D 138 -13.17 19.61 -14.58
C GLU D 138 -13.39 18.11 -14.54
N TYR D 139 -14.10 17.63 -15.54
CA TYR D 139 -14.36 16.22 -15.71
C TYR D 139 -13.62 15.86 -17.01
N LEU D 140 -12.75 14.86 -16.97
CA LEU D 140 -12.05 14.43 -18.19
C LEU D 140 -12.88 13.27 -18.69
N ILE D 141 -13.52 13.43 -19.83
CA ILE D 141 -14.36 12.37 -20.38
C ILE D 141 -13.58 11.57 -21.41
N LEU D 142 -13.47 10.26 -21.19
CA LEU D 142 -12.74 9.37 -22.10
C LEU D 142 -13.67 8.26 -22.54
N ALA D 143 -14.27 8.46 -23.72
CA ALA D 143 -15.21 7.51 -24.25
C ALA D 143 -14.64 6.64 -25.36
N GLY D 144 -15.19 5.44 -25.49
CA GLY D 144 -14.79 4.52 -26.54
C GLY D 144 -13.56 3.69 -26.26
N ASP D 145 -13.17 2.86 -27.23
CA ASP D 145 -11.99 2.04 -27.07
C ASP D 145 -11.00 2.27 -28.20
N HIS D 146 -9.82 2.74 -27.83
CA HIS D 146 -8.79 3.02 -28.81
C HIS D 146 -7.38 2.78 -28.27
N LEU D 147 -6.49 2.31 -29.13
CA LEU D 147 -5.13 2.10 -28.69
C LEU D 147 -4.52 3.47 -28.88
N TYR D 148 -4.06 4.06 -27.78
CA TYR D 148 -3.45 5.38 -27.85
C TYR D 148 -2.88 5.83 -26.52
N ARG D 149 -1.81 6.60 -26.62
CA ARG D 149 -1.15 7.15 -25.48
C ARG D 149 -1.26 8.66 -25.56
N MET D 150 -1.81 9.26 -24.50
CA MET D 150 -1.98 10.71 -24.44
C MET D 150 -1.63 11.24 -23.05
N ASP D 151 -0.97 12.38 -23.01
CA ASP D 151 -0.62 13.01 -21.73
C ASP D 151 -1.68 14.08 -21.53
N TYR D 152 -2.71 13.74 -20.78
CA TYR D 152 -3.84 14.64 -20.54
C TYR D 152 -3.54 15.99 -19.87
N GLU D 153 -2.36 16.16 -19.31
CA GLU D 153 -2.09 17.42 -18.64
C GLU D 153 -2.05 18.65 -19.55
N LYS D 154 -1.37 18.56 -20.69
CA LYS D 154 -1.30 19.71 -21.58
C LYS D 154 -2.70 20.00 -22.13
N PHE D 155 -3.48 18.95 -22.30
CA PHE D 155 -4.86 19.03 -22.78
C PHE D 155 -5.66 19.86 -21.76
N ILE D 156 -5.52 19.54 -20.48
CA ILE D 156 -6.20 20.26 -19.38
C ILE D 156 -5.65 21.68 -19.27
N GLN D 157 -4.32 21.81 -19.37
CA GLN D 157 -3.68 23.10 -19.29
C GLN D 157 -4.29 24.02 -20.34
N ALA D 158 -4.41 23.52 -21.57
CA ALA D 158 -5.01 24.28 -22.65
C ALA D 158 -6.41 24.72 -22.30
N HIS D 159 -7.21 23.77 -21.79
CA HIS D 159 -8.59 24.03 -21.39
C HIS D 159 -8.60 25.24 -20.48
N ARG D 160 -7.71 25.24 -19.50
CA ARG D 160 -7.62 26.31 -18.54
C ARG D 160 -7.10 27.62 -19.13
N GLU D 161 -5.97 27.56 -19.83
CA GLU D 161 -5.38 28.75 -20.44
C GLU D 161 -6.27 29.47 -21.46
N THR D 162 -7.31 28.80 -21.94
CA THR D 162 -8.21 29.39 -22.93
C THR D 162 -9.60 29.69 -22.36
N ASP D 163 -9.75 29.51 -21.05
CA ASP D 163 -11.02 29.75 -20.39
C ASP D 163 -12.11 29.02 -21.17
N ALA D 164 -11.83 27.79 -21.56
CA ALA D 164 -12.83 27.05 -22.31
C ALA D 164 -13.93 26.49 -21.42
N ASP D 165 -15.08 26.22 -22.01
CA ASP D 165 -16.18 25.60 -21.27
C ASP D 165 -16.08 24.11 -21.57
N ILE D 166 -15.61 23.80 -22.77
CA ILE D 166 -15.43 22.43 -23.20
C ILE D 166 -14.23 22.43 -24.13
N THR D 167 -13.33 21.46 -23.95
CA THR D 167 -12.18 21.31 -24.84
C THR D 167 -12.35 19.91 -25.46
N VAL D 168 -12.26 19.88 -26.79
CA VAL D 168 -12.42 18.68 -27.58
C VAL D 168 -11.15 18.30 -28.32
N ALA D 169 -10.66 17.09 -28.07
CA ALA D 169 -9.47 16.60 -28.72
C ALA D 169 -9.81 16.44 -30.21
N ALA D 170 -8.95 16.99 -31.06
CA ALA D 170 -9.19 16.92 -32.49
C ALA D 170 -8.20 16.02 -33.24
N LEU D 171 -8.71 15.09 -34.04
CA LEU D 171 -7.86 14.18 -34.80
C LEU D 171 -7.75 14.68 -36.23
N PRO D 172 -6.53 15.08 -36.66
CA PRO D 172 -6.39 15.56 -38.06
C PRO D 172 -6.65 14.43 -39.07
N MET D 173 -7.30 14.78 -40.18
CA MET D 173 -7.68 13.81 -41.22
C MET D 173 -7.68 14.36 -42.65
N ASP D 174 -7.52 13.48 -43.64
CA ASP D 174 -7.56 13.87 -45.05
C ASP D 174 -9.01 13.75 -45.52
N GLU D 175 -9.32 14.31 -46.69
CA GLU D 175 -10.69 14.30 -47.22
C GLU D 175 -11.33 12.92 -47.38
N LYS D 176 -10.52 11.92 -47.72
CA LYS D 176 -11.04 10.57 -47.93
C LYS D 176 -11.63 9.91 -46.69
N ARG D 177 -10.99 10.10 -45.54
CA ARG D 177 -11.45 9.50 -44.29
C ARG D 177 -12.41 10.40 -43.49
N ALA D 178 -12.31 11.71 -43.68
CA ALA D 178 -13.14 12.65 -42.93
C ALA D 178 -14.65 12.49 -43.09
N THR D 179 -15.08 12.06 -44.28
CA THR D 179 -16.50 11.90 -44.57
C THR D 179 -17.16 10.79 -43.75
N ALA D 180 -16.33 9.95 -43.12
CA ALA D 180 -16.84 8.85 -42.31
C ALA D 180 -16.91 9.19 -40.81
N PHE D 181 -16.49 10.41 -40.46
CA PHE D 181 -16.50 10.84 -39.06
C PHE D 181 -17.33 12.08 -38.80
N GLY D 182 -17.40 12.46 -37.52
CA GLY D 182 -18.10 13.66 -37.13
C GLY D 182 -17.02 14.74 -37.07
N LEU D 183 -17.08 15.68 -38.01
CA LEU D 183 -16.08 16.76 -38.10
C LEU D 183 -16.46 18.01 -37.36
N MET D 184 -15.48 18.88 -37.20
CA MET D 184 -15.69 20.15 -36.52
C MET D 184 -15.00 21.22 -37.34
N LYS D 185 -15.56 22.42 -37.29
CA LYS D 185 -15.01 23.57 -37.99
C LYS D 185 -14.56 24.51 -36.86
N ILE D 186 -13.43 25.20 -37.04
CA ILE D 186 -12.95 26.11 -36.01
C ILE D 186 -12.72 27.55 -36.51
N ASP D 187 -12.61 28.51 -35.59
CA ASP D 187 -12.33 29.86 -36.01
C ASP D 187 -10.81 29.97 -35.95
N GLU D 188 -10.26 31.18 -36.09
CA GLU D 188 -8.81 31.34 -36.11
C GLU D 188 -8.15 31.25 -34.76
N GLU D 189 -8.96 31.16 -33.71
CA GLU D 189 -8.47 31.03 -32.34
C GLU D 189 -8.45 29.54 -31.98
N GLY D 190 -9.01 28.72 -32.86
CA GLY D 190 -9.08 27.31 -32.57
C GLY D 190 -10.40 27.02 -31.89
N ARG D 191 -11.29 28.01 -31.90
CA ARG D 191 -12.60 27.84 -31.30
C ARG D 191 -13.56 27.12 -32.25
N ILE D 192 -14.20 26.08 -31.74
CA ILE D 192 -15.12 25.30 -32.56
C ILE D 192 -16.42 26.08 -32.78
N ILE D 193 -16.76 26.28 -34.04
CA ILE D 193 -17.94 27.04 -34.40
C ILE D 193 -19.03 26.23 -35.09
N GLU D 194 -18.70 25.00 -35.51
CA GLU D 194 -19.70 24.18 -36.19
C GLU D 194 -19.37 22.68 -36.33
N PHE D 195 -20.37 21.84 -36.15
CA PHE D 195 -20.22 20.40 -36.29
C PHE D 195 -20.98 19.89 -37.52
N ALA D 196 -20.57 18.73 -38.04
CA ALA D 196 -21.23 18.10 -39.18
C ALA D 196 -20.95 16.60 -39.06
N GLU D 197 -22.00 15.80 -38.92
CA GLU D 197 -21.79 14.38 -38.79
C GLU D 197 -21.71 13.74 -40.15
N LYS D 198 -20.56 13.12 -40.41
CA LYS D 198 -20.28 12.45 -41.69
C LYS D 198 -20.78 13.19 -42.93
N PRO D 199 -20.42 14.48 -43.09
CA PRO D 199 -20.88 15.23 -44.26
C PRO D 199 -20.24 14.78 -45.57
N GLN D 200 -20.89 15.10 -46.68
CA GLN D 200 -20.36 14.71 -47.99
C GLN D 200 -20.46 15.92 -48.91
N GLY D 201 -19.90 15.79 -50.11
CA GLY D 201 -19.93 16.86 -51.08
C GLY D 201 -19.71 18.29 -50.62
N GLU D 202 -20.67 19.16 -50.92
CA GLU D 202 -20.60 20.58 -50.58
C GLU D 202 -20.42 20.93 -49.11
N GLN D 203 -21.04 20.15 -48.23
CA GLN D 203 -20.92 20.39 -46.80
C GLN D 203 -19.53 19.91 -46.34
N LEU D 204 -19.08 18.79 -46.90
CA LEU D 204 -17.76 18.25 -46.58
C LEU D 204 -16.75 19.37 -46.87
N GLN D 205 -16.74 19.80 -48.13
CA GLN D 205 -15.85 20.86 -48.57
C GLN D 205 -15.96 22.09 -47.72
N ALA D 206 -17.14 22.34 -47.17
CA ALA D 206 -17.30 23.51 -46.32
C ALA D 206 -16.74 23.29 -44.89
N MET D 207 -16.26 22.08 -44.60
CA MET D 207 -15.69 21.79 -43.28
C MET D 207 -14.16 21.85 -43.23
N LYS D 208 -13.52 22.10 -44.39
CA LYS D 208 -12.08 22.22 -44.44
C LYS D 208 -11.70 23.31 -43.46
N VAL D 209 -10.59 23.09 -42.76
CA VAL D 209 -10.07 24.04 -41.77
C VAL D 209 -8.56 24.11 -41.96
N ASP D 210 -7.94 25.07 -41.30
CA ASP D 210 -6.50 25.26 -41.39
C ASP D 210 -5.92 24.63 -40.13
N THR D 211 -5.54 23.35 -40.23
CA THR D 211 -4.98 22.63 -39.08
C THR D 211 -3.69 23.25 -38.53
N THR D 212 -3.18 24.24 -39.25
CA THR D 212 -2.00 24.99 -38.84
C THR D 212 -2.35 25.78 -37.57
N ILE D 213 -3.58 26.26 -37.51
CA ILE D 213 -4.03 27.03 -36.35
C ILE D 213 -3.93 26.18 -35.08
N LEU D 214 -4.16 24.88 -35.20
CA LEU D 214 -4.08 24.00 -34.04
C LEU D 214 -2.66 23.55 -33.76
N GLY D 215 -1.72 24.02 -34.58
CA GLY D 215 -0.33 23.65 -34.36
C GLY D 215 0.32 22.71 -35.36
N LEU D 216 -0.44 22.21 -36.32
CA LEU D 216 0.14 21.29 -37.31
C LEU D 216 1.08 22.05 -38.24
N ASP D 217 2.13 21.37 -38.71
CA ASP D 217 3.06 22.04 -39.61
C ASP D 217 2.37 22.23 -40.95
N ASP D 218 2.80 23.25 -41.69
CA ASP D 218 2.21 23.56 -42.97
C ASP D 218 2.04 22.36 -43.89
N LYS D 219 2.99 21.43 -43.85
CA LYS D 219 2.96 20.24 -44.69
C LYS D 219 1.80 19.31 -44.34
N ARG D 220 1.81 18.82 -43.12
CA ARG D 220 0.78 17.92 -42.66
C ARG D 220 -0.61 18.59 -42.68
N ALA D 221 -0.66 19.89 -42.45
CA ALA D 221 -1.93 20.61 -42.45
C ALA D 221 -2.57 20.59 -43.83
N LYS D 222 -1.75 20.61 -44.87
CA LYS D 222 -2.28 20.60 -46.23
C LYS D 222 -2.67 19.16 -46.63
N GLU D 223 -2.05 18.17 -46.01
CA GLU D 223 -2.37 16.78 -46.27
C GLU D 223 -3.66 16.40 -45.54
N MET D 224 -3.81 16.92 -44.31
CA MET D 224 -4.96 16.65 -43.46
C MET D 224 -5.61 17.97 -43.05
N PRO D 225 -6.55 18.46 -43.87
CA PRO D 225 -7.30 19.71 -43.68
C PRO D 225 -8.63 19.58 -42.95
N PHE D 226 -8.85 18.43 -42.32
CA PHE D 226 -10.08 18.20 -41.59
C PHE D 226 -9.79 17.76 -40.17
N ILE D 227 -10.72 17.98 -39.25
CA ILE D 227 -10.51 17.52 -37.88
C ILE D 227 -11.76 16.85 -37.31
N ALA D 228 -11.56 15.68 -36.71
CA ALA D 228 -12.68 14.94 -36.14
C ALA D 228 -12.60 14.95 -34.63
N SER D 229 -13.74 14.75 -33.97
CA SER D 229 -13.74 14.66 -32.51
C SER D 229 -13.35 13.20 -32.20
N MET D 230 -12.73 12.98 -31.05
CA MET D 230 -12.25 11.65 -30.68
C MET D 230 -12.90 11.02 -29.47
N GLY D 231 -13.95 11.65 -28.94
CA GLY D 231 -14.61 11.11 -27.78
C GLY D 231 -13.80 11.38 -26.52
N ILE D 232 -12.92 12.38 -26.60
CA ILE D 232 -12.10 12.78 -25.48
C ILE D 232 -12.41 14.26 -25.29
N TYR D 233 -12.93 14.58 -24.11
CA TYR D 233 -13.26 15.97 -23.80
C TYR D 233 -12.91 16.37 -22.39
N VAL D 234 -12.71 17.67 -22.20
CA VAL D 234 -12.48 18.23 -20.88
C VAL D 234 -13.69 19.18 -20.75
N ILE D 235 -14.45 19.02 -19.67
CA ILE D 235 -15.63 19.84 -19.46
C ILE D 235 -15.64 20.45 -18.05
N SER D 236 -15.77 21.76 -17.97
CA SER D 236 -15.79 22.43 -16.67
C SER D 236 -16.94 21.84 -15.84
N LYS D 237 -16.71 21.65 -14.55
CA LYS D 237 -17.74 21.02 -13.72
C LYS D 237 -19.12 21.63 -13.82
N ASP D 238 -19.23 22.93 -13.57
CA ASP D 238 -20.53 23.56 -13.62
C ASP D 238 -21.22 23.42 -14.97
N VAL D 239 -20.42 23.57 -16.02
CA VAL D 239 -20.91 23.46 -17.40
C VAL D 239 -21.60 22.12 -17.69
N MET D 240 -21.04 21.04 -17.15
CA MET D 240 -21.58 19.69 -17.35
C MET D 240 -22.98 19.53 -16.77
N LEU D 241 -23.20 20.06 -15.57
CA LEU D 241 -24.53 19.95 -14.98
C LEU D 241 -25.50 20.78 -15.82
N ASN D 242 -25.09 21.99 -16.14
CA ASN D 242 -25.91 22.90 -16.92
C ASN D 242 -26.33 22.25 -18.25
N LEU D 243 -25.38 21.63 -18.94
CA LEU D 243 -25.69 21.02 -20.21
C LEU D 243 -26.56 19.78 -20.12
N LEU D 244 -26.18 18.86 -19.24
CA LEU D 244 -26.89 17.59 -19.11
C LEU D 244 -28.23 17.69 -18.39
N ARG D 245 -28.33 18.63 -17.46
CA ARG D 245 -29.56 18.79 -16.69
C ARG D 245 -30.50 19.84 -17.26
N ASP D 246 -29.98 21.04 -17.45
CA ASP D 246 -30.77 22.17 -17.92
C ASP D 246 -30.89 22.38 -19.43
N LYS D 247 -29.75 22.50 -20.11
CA LYS D 247 -29.75 22.75 -21.55
C LYS D 247 -30.22 21.61 -22.45
N PHE D 248 -29.74 20.39 -22.20
CA PHE D 248 -30.13 19.25 -23.02
C PHE D 248 -30.43 18.04 -22.14
N PRO D 249 -31.45 18.18 -21.29
CA PRO D 249 -31.87 17.13 -20.36
C PRO D 249 -32.25 15.84 -21.05
N GLY D 250 -32.32 15.86 -22.38
CA GLY D 250 -32.69 14.66 -23.11
C GLY D 250 -31.74 14.20 -24.20
N ALA D 251 -30.50 14.67 -24.18
CA ALA D 251 -29.55 14.24 -25.18
C ALA D 251 -28.99 12.86 -24.79
N ASN D 252 -28.57 12.09 -25.79
CA ASN D 252 -27.99 10.78 -25.56
C ASN D 252 -26.47 10.80 -25.77
N ASP D 253 -26.03 11.40 -26.86
CA ASP D 253 -24.62 11.45 -27.19
C ASP D 253 -24.00 12.86 -27.07
N PHE D 254 -22.76 12.92 -26.59
CA PHE D 254 -22.02 14.18 -26.42
C PHE D 254 -21.58 14.71 -27.78
N GLY D 255 -20.89 13.84 -28.50
CA GLY D 255 -20.36 14.21 -29.79
C GLY D 255 -21.31 14.83 -30.77
N SER D 256 -22.47 14.20 -30.92
CA SER D 256 -23.46 14.67 -31.87
C SER D 256 -24.56 15.56 -31.32
N GLU D 257 -24.82 15.51 -30.02
CA GLU D 257 -25.89 16.34 -29.48
C GLU D 257 -25.53 17.40 -28.47
N VAL D 258 -24.95 16.99 -27.35
CA VAL D 258 -24.58 17.93 -26.28
C VAL D 258 -23.54 18.99 -26.61
N ILE D 259 -22.40 18.56 -27.16
CA ILE D 259 -21.33 19.50 -27.46
C ILE D 259 -21.66 20.46 -28.63
N PRO D 260 -22.33 19.95 -29.70
CA PRO D 260 -22.69 20.83 -30.82
C PRO D 260 -23.81 21.74 -30.27
N GLY D 261 -24.54 21.23 -29.29
CA GLY D 261 -25.61 22.01 -28.67
C GLY D 261 -24.98 23.12 -27.86
N ALA D 262 -23.91 22.79 -27.15
CA ALA D 262 -23.19 23.75 -26.32
C ALA D 262 -22.61 24.89 -27.17
N THR D 263 -22.10 24.52 -28.34
CA THR D 263 -21.52 25.49 -29.28
C THR D 263 -22.64 26.40 -29.81
N SER D 264 -23.77 25.79 -30.20
CA SER D 264 -24.90 26.55 -30.71
C SER D 264 -25.38 27.55 -29.65
N LEU D 265 -25.22 27.19 -28.38
CA LEU D 265 -25.63 28.08 -27.29
C LEU D 265 -24.53 29.08 -26.94
N GLY D 266 -23.58 29.28 -27.85
CA GLY D 266 -22.51 30.23 -27.59
C GLY D 266 -21.47 29.93 -26.53
N MET D 267 -21.43 28.73 -25.95
CA MET D 267 -20.41 28.46 -24.93
C MET D 267 -19.04 28.38 -25.60
N ARG D 268 -17.95 28.52 -24.83
CA ARG D 268 -16.62 28.43 -25.40
C ARG D 268 -16.17 26.97 -25.58
N VAL D 269 -16.31 26.44 -26.79
CA VAL D 269 -15.94 25.08 -27.09
C VAL D 269 -14.69 25.28 -27.89
N GLN D 270 -13.59 24.77 -27.35
CA GLN D 270 -12.25 24.89 -27.92
C GLN D 270 -11.71 23.55 -28.42
N ALA D 271 -10.98 23.56 -29.53
CA ALA D 271 -10.40 22.34 -30.07
C ALA D 271 -8.94 22.21 -29.63
N TYR D 272 -8.48 20.97 -29.51
CA TYR D 272 -7.10 20.69 -29.10
C TYR D 272 -6.55 19.53 -29.94
N LEU D 273 -5.51 19.82 -30.70
CA LEU D 273 -4.88 18.88 -31.61
C LEU D 273 -4.26 17.64 -30.99
N TYR D 274 -4.75 16.48 -31.40
CA TYR D 274 -4.17 15.23 -30.93
C TYR D 274 -3.27 14.80 -32.06
N ASP D 275 -1.97 14.78 -31.80
CA ASP D 275 -1.06 14.40 -32.87
C ASP D 275 -0.25 13.13 -32.60
N GLY D 276 -0.91 11.98 -32.60
CA GLY D 276 -0.20 10.73 -32.36
C GLY D 276 -0.90 9.49 -32.89
N TYR D 277 -0.31 8.32 -32.67
CA TYR D 277 -0.94 7.07 -33.11
C TYR D 277 -2.30 7.02 -32.43
N TRP D 278 -3.30 6.47 -33.12
CA TRP D 278 -4.65 6.36 -32.58
C TRP D 278 -5.38 5.37 -33.47
N GLU D 279 -5.76 4.24 -32.90
CA GLU D 279 -6.43 3.21 -33.67
C GLU D 279 -7.64 2.68 -32.98
N ASP D 280 -8.72 2.59 -33.74
CA ASP D 280 -9.97 2.08 -33.23
C ASP D 280 -9.85 0.57 -33.10
N ILE D 281 -10.41 0.04 -32.02
CA ILE D 281 -10.43 -1.39 -31.79
C ILE D 281 -11.82 -1.74 -31.28
N GLY D 282 -12.84 -1.12 -31.89
CA GLY D 282 -14.21 -1.32 -31.48
C GLY D 282 -15.05 -2.33 -32.26
N THR D 283 -14.44 -2.97 -33.26
CA THR D 283 -15.08 -4.01 -34.06
C THR D 283 -14.10 -5.19 -34.08
N ILE D 284 -14.61 -6.41 -34.24
CA ILE D 284 -13.76 -7.58 -34.27
C ILE D 284 -12.57 -7.41 -35.21
N GLU D 285 -12.83 -6.98 -36.46
CA GLU D 285 -11.76 -6.80 -37.42
C GLU D 285 -10.71 -5.78 -37.02
N ALA D 286 -11.14 -4.62 -36.56
CA ALA D 286 -10.18 -3.59 -36.15
C ALA D 286 -9.43 -4.05 -34.90
N PHE D 287 -10.14 -4.68 -33.95
CA PHE D 287 -9.53 -5.18 -32.72
C PHE D 287 -8.41 -6.20 -33.07
N TYR D 288 -8.77 -7.16 -33.93
CA TYR D 288 -7.88 -8.21 -34.42
C TYR D 288 -6.64 -7.59 -35.05
N ASN D 289 -6.86 -6.69 -35.99
CA ASN D 289 -5.74 -6.06 -36.67
C ASN D 289 -4.84 -5.28 -35.72
N ALA D 290 -5.43 -4.57 -34.78
CA ALA D 290 -4.64 -3.77 -33.84
C ALA D 290 -3.80 -4.68 -32.94
N ASN D 291 -4.38 -5.77 -32.45
CA ASN D 291 -3.64 -6.68 -31.62
C ASN D 291 -2.44 -7.25 -32.40
N LEU D 292 -2.68 -7.74 -33.62
CA LEU D 292 -1.58 -8.27 -34.40
C LEU D 292 -0.63 -7.16 -34.82
N GLY D 293 -1.04 -5.91 -34.66
CA GLY D 293 -0.16 -4.82 -35.04
C GLY D 293 1.10 -4.72 -34.18
N ILE D 294 1.09 -5.33 -32.99
CA ILE D 294 2.28 -5.22 -32.14
C ILE D 294 3.41 -6.18 -32.48
N THR D 295 3.22 -6.98 -33.52
CA THR D 295 4.26 -7.90 -33.93
C THR D 295 5.14 -7.19 -34.96
N LYS D 296 4.58 -6.17 -35.59
CA LYS D 296 5.24 -5.38 -36.62
C LYS D 296 6.64 -4.85 -36.27
N LYS D 297 7.57 -5.06 -37.21
CA LYS D 297 8.97 -4.65 -37.07
C LYS D 297 9.27 -3.34 -37.83
N PRO D 298 10.26 -2.56 -37.36
CA PRO D 298 11.17 -2.74 -36.21
C PRO D 298 10.50 -2.51 -34.85
N VAL D 299 9.44 -1.71 -34.84
CA VAL D 299 8.71 -1.41 -33.61
C VAL D 299 7.21 -1.44 -33.92
N PRO D 300 6.38 -1.79 -32.93
CA PRO D 300 4.95 -1.81 -33.19
C PRO D 300 4.47 -0.40 -33.51
N ASP D 301 3.30 -0.31 -34.16
CA ASP D 301 2.72 0.99 -34.49
C ASP D 301 2.49 1.64 -33.13
N PHE D 302 1.99 0.83 -32.18
CA PHE D 302 1.74 1.25 -30.81
C PHE D 302 2.57 0.38 -29.86
N SER D 303 3.13 1.01 -28.84
CA SER D 303 3.97 0.29 -27.90
C SER D 303 3.35 0.33 -26.51
N PHE D 304 3.05 -0.85 -25.95
CA PHE D 304 2.47 -0.89 -24.62
C PHE D 304 3.46 -0.43 -23.58
N TYR D 305 4.71 -0.87 -23.70
CA TYR D 305 5.71 -0.44 -22.75
C TYR D 305 6.26 0.91 -23.18
N ASP D 306 6.69 1.68 -22.19
CA ASP D 306 7.21 3.02 -22.43
C ASP D 306 7.99 3.42 -21.20
N ARG D 307 9.19 3.92 -21.41
CA ARG D 307 10.03 4.36 -20.30
C ARG D 307 9.21 5.17 -19.29
N SER D 308 8.64 6.27 -19.76
CA SER D 308 7.88 7.16 -18.88
C SER D 308 6.41 6.90 -18.62
N ALA D 309 5.65 6.56 -19.65
CA ALA D 309 4.23 6.29 -19.49
C ALA D 309 3.83 4.87 -19.95
N PRO D 310 4.27 3.84 -19.22
CA PRO D 310 3.95 2.45 -19.58
C PRO D 310 2.48 2.13 -19.28
N ILE D 311 1.95 1.14 -19.98
CA ILE D 311 0.59 0.72 -19.73
C ILE D 311 0.73 -0.25 -18.56
N TYR D 312 -0.11 -0.11 -17.56
CA TYR D 312 -0.01 -0.99 -16.40
C TYR D 312 -1.00 -2.13 -16.50
N THR D 313 -0.77 -3.17 -15.73
CA THR D 313 -1.70 -4.29 -15.67
C THR D 313 -1.46 -4.96 -14.32
N GLN D 314 -2.22 -6.01 -14.02
CA GLN D 314 -2.04 -6.70 -12.75
C GLN D 314 -0.72 -7.47 -12.67
N PRO D 315 -0.05 -7.41 -11.51
CA PRO D 315 1.21 -8.13 -11.31
C PRO D 315 0.80 -9.57 -10.93
N ARG D 316 1.20 -10.56 -11.74
CA ARG D 316 0.79 -11.94 -11.50
C ARG D 316 1.87 -12.93 -11.07
N TYR D 317 3.12 -12.50 -11.13
CA TYR D 317 4.22 -13.36 -10.71
C TYR D 317 4.23 -14.68 -11.46
N LEU D 318 3.86 -14.65 -12.72
CA LEU D 318 3.87 -15.84 -13.55
C LEU D 318 5.32 -16.16 -13.91
N PRO D 319 5.62 -17.44 -14.10
CA PRO D 319 6.98 -17.90 -14.46
C PRO D 319 7.40 -17.50 -15.87
N PRO D 320 8.71 -17.57 -16.17
CA PRO D 320 9.20 -17.23 -17.52
C PRO D 320 8.50 -18.22 -18.49
N SER D 321 8.27 -17.84 -19.75
CA SER D 321 7.59 -18.77 -20.66
C SER D 321 8.48 -19.98 -21.01
N LYS D 322 7.87 -21.15 -21.16
CA LYS D 322 8.62 -22.37 -21.48
C LYS D 322 8.35 -22.82 -22.91
N MET D 323 9.40 -23.12 -23.67
CA MET D 323 9.26 -23.60 -25.06
C MET D 323 10.07 -24.90 -25.26
N LEU D 324 9.39 -25.98 -25.62
CA LEU D 324 10.07 -27.27 -25.85
C LEU D 324 10.81 -27.29 -27.16
N ASP D 325 10.09 -26.94 -28.23
CA ASP D 325 10.65 -26.90 -29.58
C ASP D 325 9.76 -25.99 -30.42
N ALA D 326 9.97 -24.68 -30.28
CA ALA D 326 9.11 -23.75 -31.02
C ALA D 326 9.77 -22.86 -32.04
N ASP D 327 9.27 -22.90 -33.28
CA ASP D 327 9.75 -22.05 -34.36
C ASP D 327 8.78 -20.89 -34.41
N VAL D 328 9.23 -19.72 -33.95
CA VAL D 328 8.42 -18.52 -33.84
C VAL D 328 8.85 -17.40 -34.78
N THR D 329 7.93 -16.96 -35.66
CA THR D 329 8.19 -15.88 -36.61
C THR D 329 7.22 -14.71 -36.43
N ASP D 330 7.73 -13.48 -36.43
CA ASP D 330 6.92 -12.26 -36.30
C ASP D 330 5.80 -12.38 -35.25
N SER D 331 6.12 -12.88 -34.07
CA SER D 331 5.11 -13.06 -33.04
C SER D 331 5.55 -12.55 -31.70
N VAL D 332 4.59 -12.38 -30.79
CA VAL D 332 4.93 -11.94 -29.45
C VAL D 332 4.34 -12.96 -28.50
N ILE D 333 5.10 -13.21 -27.44
CA ILE D 333 4.77 -14.19 -26.41
C ILE D 333 4.60 -13.48 -25.08
N GLY D 334 3.48 -13.75 -24.43
CA GLY D 334 3.19 -13.15 -23.15
C GLY D 334 3.86 -13.87 -22.01
N GLU D 335 3.36 -13.60 -20.79
CA GLU D 335 3.91 -14.15 -19.56
C GLU D 335 3.45 -15.58 -19.25
N GLY D 336 4.38 -16.40 -18.79
CA GLY D 336 4.02 -17.74 -18.36
C GLY D 336 3.38 -18.70 -19.35
N CYS D 337 3.77 -18.65 -20.62
CA CYS D 337 3.21 -19.59 -21.59
C CYS D 337 3.89 -20.94 -21.42
N VAL D 338 3.18 -21.98 -21.80
CA VAL D 338 3.74 -23.32 -21.69
C VAL D 338 3.49 -23.93 -23.06
N ILE D 339 4.55 -23.85 -23.86
CA ILE D 339 4.60 -24.25 -25.26
C ILE D 339 5.49 -25.46 -25.57
N LYS D 340 4.95 -26.42 -26.33
CA LYS D 340 5.67 -27.64 -26.69
C LYS D 340 6.35 -27.49 -28.04
N ASN D 341 6.30 -28.53 -28.88
CA ASN D 341 6.92 -28.40 -30.21
C ASN D 341 5.83 -27.83 -31.11
N CYS D 342 6.13 -26.73 -31.80
CA CYS D 342 5.12 -26.09 -32.62
C CYS D 342 5.69 -25.01 -33.52
N LYS D 343 4.82 -24.41 -34.31
CA LYS D 343 5.14 -23.32 -35.21
C LYS D 343 4.18 -22.17 -34.92
N ILE D 344 4.73 -21.00 -34.59
CA ILE D 344 3.93 -19.83 -34.27
C ILE D 344 4.34 -18.72 -35.23
N HIS D 345 3.41 -18.34 -36.10
CA HIS D 345 3.68 -17.32 -37.10
C HIS D 345 2.70 -16.14 -37.04
N HIS D 346 3.25 -14.93 -37.08
CA HIS D 346 2.47 -13.69 -37.05
C HIS D 346 1.31 -13.80 -36.05
N SER D 347 1.61 -14.22 -34.82
CA SER D 347 0.56 -14.32 -33.82
C SER D 347 0.93 -13.63 -32.48
N VAL D 348 -0.08 -13.54 -31.61
CA VAL D 348 0.04 -12.94 -30.29
C VAL D 348 -0.42 -14.02 -29.32
N VAL D 349 0.50 -14.49 -28.49
CA VAL D 349 0.21 -15.54 -27.57
C VAL D 349 0.04 -15.00 -26.14
N GLY D 350 -1.21 -15.02 -25.66
CA GLY D 350 -1.56 -14.50 -24.35
C GLY D 350 -1.03 -15.24 -23.13
N LEU D 351 -1.09 -14.57 -21.98
CA LEU D 351 -0.58 -15.13 -20.73
C LEU D 351 -1.15 -16.51 -20.39
N ARG D 352 -0.29 -17.38 -19.85
CA ARG D 352 -0.66 -18.74 -19.50
C ARG D 352 -1.10 -19.63 -20.69
N SER D 353 -0.85 -19.24 -21.93
CA SER D 353 -1.23 -20.10 -23.07
C SER D 353 -0.50 -21.48 -23.02
N CYS D 354 -1.24 -22.60 -22.99
CA CYS D 354 -0.58 -23.99 -23.10
C CYS D 354 -0.73 -24.37 -24.61
N ILE D 355 0.33 -24.77 -25.30
CA ILE D 355 0.18 -25.13 -26.74
C ILE D 355 0.79 -26.53 -26.91
N SER D 356 -0.05 -27.47 -27.27
CA SER D 356 0.35 -28.86 -27.40
C SER D 356 1.21 -29.24 -28.59
N GLU D 357 1.68 -30.47 -28.54
CA GLU D 357 2.56 -31.03 -29.56
C GLU D 357 2.04 -30.93 -31.00
N GLY D 358 2.91 -30.48 -31.89
CA GLY D 358 2.54 -30.37 -33.31
C GLY D 358 1.57 -29.29 -33.76
N ALA D 359 1.22 -28.37 -32.88
CA ALA D 359 0.29 -27.32 -33.26
C ALA D 359 0.93 -26.32 -34.20
N ILE D 360 0.11 -25.70 -35.05
CA ILE D 360 0.58 -24.70 -36.00
C ILE D 360 -0.36 -23.51 -35.83
N ILE D 361 0.20 -22.37 -35.44
CA ILE D 361 -0.59 -21.15 -35.20
C ILE D 361 -0.18 -20.06 -36.19
N GLU D 362 -1.15 -19.48 -36.89
CA GLU D 362 -0.83 -18.44 -37.86
C GLU D 362 -1.82 -17.31 -37.85
N ASP D 363 -1.31 -16.09 -37.96
CA ASP D 363 -2.15 -14.91 -37.96
C ASP D 363 -3.25 -14.94 -36.91
N SER D 364 -2.92 -15.39 -35.71
CA SER D 364 -3.94 -15.51 -34.69
C SER D 364 -3.66 -14.83 -33.36
N LEU D 365 -4.72 -14.56 -32.63
CA LEU D 365 -4.65 -13.94 -31.31
C LEU D 365 -5.09 -14.99 -30.29
N LEU D 366 -4.13 -15.47 -29.51
CA LEU D 366 -4.41 -16.47 -28.48
C LEU D 366 -4.47 -15.66 -27.20
N MET D 367 -5.65 -15.55 -26.61
CA MET D 367 -5.80 -14.76 -25.39
C MET D 367 -5.31 -15.39 -24.11
N GLY D 368 -4.90 -16.65 -24.20
CA GLY D 368 -4.38 -17.35 -23.04
C GLY D 368 -5.40 -17.93 -22.07
N ALA D 369 -5.01 -17.99 -20.79
CA ALA D 369 -5.88 -18.57 -19.80
C ALA D 369 -5.80 -17.81 -18.49
N ASP D 370 -6.77 -18.03 -17.61
CA ASP D 370 -6.82 -17.35 -16.30
C ASP D 370 -6.20 -18.22 -15.19
N TYR D 371 -5.75 -19.42 -15.57
CA TYR D 371 -5.16 -20.37 -14.63
C TYR D 371 -4.51 -21.52 -15.40
N TYR D 372 -3.73 -22.34 -14.70
CA TYR D 372 -3.07 -23.50 -15.30
C TYR D 372 -3.76 -24.80 -14.87
N GLU D 373 -3.80 -25.79 -15.75
CA GLU D 373 -4.35 -27.11 -15.41
C GLU D 373 -3.11 -27.99 -15.23
N THR D 374 -3.03 -28.67 -14.09
CA THR D 374 -1.90 -29.54 -13.81
C THR D 374 -2.13 -30.90 -14.44
N ASP D 375 -1.08 -31.72 -14.51
CA ASP D 375 -1.22 -33.06 -15.09
C ASP D 375 -2.30 -33.85 -14.36
N ALA D 376 -2.38 -33.67 -13.04
CA ALA D 376 -3.39 -34.35 -12.24
C ALA D 376 -4.75 -33.98 -12.83
N ASP D 377 -4.88 -32.70 -13.19
CA ASP D 377 -6.10 -32.16 -13.77
C ASP D 377 -6.28 -32.67 -15.21
N ARG D 378 -5.20 -32.64 -16.00
CA ARG D 378 -5.21 -33.08 -17.40
C ARG D 378 -5.65 -34.54 -17.55
N LYS D 379 -5.10 -35.42 -16.72
CA LYS D 379 -5.43 -36.86 -16.80
C LYS D 379 -6.91 -37.13 -16.53
N LEU D 380 -7.43 -36.51 -15.48
CA LEU D 380 -8.82 -36.67 -15.09
C LEU D 380 -9.77 -36.31 -16.24
N LEU D 381 -9.45 -35.23 -16.94
CA LEU D 381 -10.25 -34.75 -18.06
C LEU D 381 -10.28 -35.79 -19.18
N ALA D 382 -9.09 -36.27 -19.54
CA ALA D 382 -8.94 -37.27 -20.60
C ALA D 382 -9.70 -38.53 -20.20
N ALA D 383 -9.54 -38.92 -18.93
CA ALA D 383 -10.23 -40.10 -18.41
C ALA D 383 -11.71 -39.93 -18.70
N LYS D 384 -12.17 -38.68 -18.64
CA LYS D 384 -13.57 -38.33 -18.87
C LYS D 384 -13.88 -38.08 -20.35
N GLY D 385 -12.85 -38.10 -21.19
CA GLY D 385 -13.03 -37.85 -22.60
C GLY D 385 -13.11 -36.36 -22.92
N SER D 386 -12.98 -35.53 -21.87
CA SER D 386 -13.02 -34.08 -22.01
C SER D 386 -11.72 -33.60 -22.62
N VAL D 387 -11.68 -32.33 -22.99
CA VAL D 387 -10.49 -31.73 -23.59
C VAL D 387 -9.85 -30.70 -22.65
N PRO D 388 -8.51 -30.72 -22.50
CA PRO D 388 -7.95 -29.71 -21.60
C PRO D 388 -7.77 -28.31 -22.20
N ILE D 389 -7.57 -27.34 -21.32
CA ILE D 389 -7.37 -25.96 -21.74
C ILE D 389 -6.14 -25.89 -22.64
N GLY D 390 -6.25 -25.09 -23.71
CA GLY D 390 -5.15 -24.92 -24.64
C GLY D 390 -5.39 -25.40 -26.07
N ILE D 391 -4.37 -25.23 -26.90
CA ILE D 391 -4.40 -25.64 -28.29
C ILE D 391 -3.99 -27.11 -28.26
N GLY D 392 -4.89 -27.99 -28.71
CA GLY D 392 -4.61 -29.42 -28.69
C GLY D 392 -3.54 -29.87 -29.65
N LYS D 393 -3.23 -31.16 -29.62
CA LYS D 393 -2.19 -31.71 -30.49
C LYS D 393 -2.51 -31.61 -31.99
N ASN D 394 -1.45 -31.35 -32.75
CA ASN D 394 -1.54 -31.16 -34.19
C ASN D 394 -2.70 -30.28 -34.69
N CYS D 395 -3.03 -29.22 -33.95
CA CYS D 395 -4.10 -28.32 -34.40
C CYS D 395 -3.48 -27.34 -35.38
N HIS D 396 -4.32 -26.74 -36.19
CA HIS D 396 -3.87 -25.75 -37.13
C HIS D 396 -4.85 -24.60 -36.90
N ILE D 397 -4.36 -23.53 -36.27
CA ILE D 397 -5.19 -22.37 -36.00
C ILE D 397 -4.78 -21.28 -36.94
N LYS D 398 -5.73 -20.72 -37.67
CA LYS D 398 -5.37 -19.65 -38.58
C LYS D 398 -6.44 -18.57 -38.60
N ARG D 399 -5.97 -17.32 -38.63
CA ARG D 399 -6.84 -16.16 -38.66
C ARG D 399 -7.99 -16.31 -37.69
N ALA D 400 -7.62 -16.57 -36.43
CA ALA D 400 -8.58 -16.78 -35.35
C ALA D 400 -8.25 -16.02 -34.04
N ILE D 401 -9.28 -15.80 -33.23
CA ILE D 401 -9.13 -15.19 -31.92
C ILE D 401 -9.65 -16.32 -31.04
N ILE D 402 -8.79 -16.82 -30.15
CA ILE D 402 -9.13 -17.88 -29.21
C ILE D 402 -9.28 -17.19 -27.86
N ASP D 403 -10.50 -17.06 -27.36
CA ASP D 403 -10.66 -16.38 -26.10
C ASP D 403 -10.15 -17.24 -24.92
N LYS D 404 -10.17 -16.66 -23.73
CA LYS D 404 -9.66 -17.29 -22.49
C LYS D 404 -10.20 -18.69 -22.14
N ASN D 405 -9.30 -19.55 -21.67
CA ASN D 405 -9.64 -20.90 -21.21
C ASN D 405 -10.29 -21.85 -22.21
N ALA D 406 -10.15 -21.55 -23.50
CA ALA D 406 -10.72 -22.39 -24.53
C ALA D 406 -10.10 -23.77 -24.48
N ARG D 407 -10.91 -24.78 -24.71
CA ARG D 407 -10.43 -26.16 -24.72
C ARG D 407 -10.48 -26.65 -26.17
N ILE D 408 -9.35 -26.62 -26.85
CA ILE D 408 -9.35 -27.06 -28.23
C ILE D 408 -8.84 -28.50 -28.29
N GLY D 409 -9.70 -29.42 -28.76
CA GLY D 409 -9.31 -30.82 -28.85
C GLY D 409 -8.22 -31.05 -29.87
N ASP D 410 -7.61 -32.23 -29.82
CA ASP D 410 -6.54 -32.55 -30.78
C ASP D 410 -7.06 -32.59 -32.22
N ASN D 411 -6.17 -32.27 -33.15
CA ASN D 411 -6.47 -32.28 -34.58
C ASN D 411 -7.47 -31.26 -35.13
N VAL D 412 -7.91 -30.31 -34.29
CA VAL D 412 -8.86 -29.31 -34.76
C VAL D 412 -8.21 -28.44 -35.84
N LYS D 413 -8.97 -28.07 -36.87
CA LYS D 413 -8.43 -27.23 -37.94
C LYS D 413 -9.30 -26.00 -38.08
N ILE D 414 -8.82 -24.86 -37.59
CA ILE D 414 -9.59 -23.64 -37.72
C ILE D 414 -8.96 -22.95 -38.92
N ILE D 415 -9.46 -23.27 -40.10
CA ILE D 415 -8.94 -22.75 -41.36
C ILE D 415 -9.94 -21.95 -42.23
N ASN D 416 -11.23 -22.25 -42.11
CA ASN D 416 -12.25 -21.57 -42.90
C ASN D 416 -11.87 -21.51 -44.39
N LYS D 417 -11.69 -22.68 -45.01
CA LYS D 417 -11.29 -22.70 -46.43
C LYS D 417 -12.24 -21.98 -47.39
N ASP D 418 -13.54 -22.04 -47.11
CA ASP D 418 -14.52 -21.38 -47.98
C ASP D 418 -14.65 -19.90 -47.65
N ASN D 419 -13.71 -19.39 -46.87
CA ASN D 419 -13.68 -17.98 -46.47
C ASN D 419 -15.04 -17.37 -46.06
N VAL D 420 -15.82 -18.12 -45.29
CA VAL D 420 -17.10 -17.59 -44.83
C VAL D 420 -16.87 -16.34 -44.00
N GLN D 421 -17.54 -15.25 -44.33
CA GLN D 421 -17.36 -14.01 -43.57
C GLN D 421 -18.14 -13.96 -42.28
N GLU D 422 -19.38 -14.44 -42.30
CA GLU D 422 -20.22 -14.40 -41.11
C GLU D 422 -20.86 -15.75 -40.74
N ALA D 423 -21.00 -16.02 -39.45
CA ALA D 423 -21.60 -17.27 -39.05
C ALA D 423 -21.78 -17.26 -37.56
N ALA D 424 -23.00 -17.55 -37.10
CA ALA D 424 -23.22 -17.56 -35.67
C ALA D 424 -23.30 -18.99 -35.14
N ARG D 425 -22.16 -19.55 -34.74
CA ARG D 425 -22.12 -20.92 -34.23
C ARG D 425 -21.93 -21.03 -32.70
N GLU D 426 -22.57 -20.16 -31.94
CA GLU D 426 -22.45 -20.15 -30.48
C GLU D 426 -22.60 -21.51 -29.82
N THR D 427 -23.68 -22.21 -30.16
CA THR D 427 -23.94 -23.53 -29.62
C THR D 427 -22.73 -24.41 -29.85
N ASP D 428 -21.98 -24.10 -30.90
CA ASP D 428 -20.79 -24.86 -31.23
C ASP D 428 -19.49 -24.22 -30.74
N GLY D 429 -19.62 -23.20 -29.90
CA GLY D 429 -18.46 -22.54 -29.31
C GLY D 429 -17.76 -21.48 -30.14
N TYR D 430 -18.29 -21.09 -31.27
CA TYR D 430 -17.59 -20.08 -32.05
C TYR D 430 -18.47 -19.12 -32.80
N PHE D 431 -17.81 -18.14 -33.38
CA PHE D 431 -18.49 -17.09 -34.11
C PHE D 431 -17.53 -16.60 -35.20
N ILE D 432 -18.04 -16.38 -36.41
CA ILE D 432 -17.22 -15.86 -37.48
C ILE D 432 -17.73 -14.48 -37.88
N LYS D 433 -16.85 -13.48 -37.82
CA LYS D 433 -17.24 -12.13 -38.23
C LYS D 433 -16.08 -11.63 -39.06
N SER D 434 -16.39 -11.08 -40.23
CA SER D 434 -15.41 -10.57 -41.16
C SER D 434 -14.37 -11.61 -41.59
N GLY D 435 -14.77 -12.89 -41.60
CA GLY D 435 -13.86 -13.95 -42.00
C GLY D 435 -12.90 -14.38 -40.89
N ILE D 436 -13.05 -13.79 -39.70
CA ILE D 436 -12.21 -14.11 -38.55
C ILE D 436 -12.96 -15.01 -37.62
N VAL D 437 -12.43 -16.21 -37.39
CA VAL D 437 -13.10 -17.10 -36.47
C VAL D 437 -12.75 -16.76 -35.01
N THR D 438 -13.77 -16.60 -34.17
CA THR D 438 -13.59 -16.30 -32.74
C THR D 438 -14.19 -17.38 -31.86
N VAL D 439 -13.32 -18.07 -31.12
CA VAL D 439 -13.71 -19.12 -30.20
C VAL D 439 -14.03 -18.48 -28.87
N ILE D 440 -15.26 -18.70 -28.42
CA ILE D 440 -15.76 -18.16 -27.19
C ILE D 440 -14.99 -18.63 -25.98
N LYS D 441 -14.97 -17.77 -24.95
CA LYS D 441 -14.28 -18.04 -23.70
C LYS D 441 -14.87 -19.29 -23.03
N ASP D 442 -14.00 -20.24 -22.63
CA ASP D 442 -14.40 -21.49 -21.98
C ASP D 442 -15.03 -22.50 -22.92
N ALA D 443 -15.14 -22.15 -24.19
CA ALA D 443 -15.75 -23.05 -25.18
C ALA D 443 -14.93 -24.33 -25.36
N LEU D 444 -15.63 -25.41 -25.71
CA LEU D 444 -14.97 -26.67 -25.97
C LEU D 444 -15.15 -26.94 -27.44
N ILE D 445 -14.04 -27.08 -28.16
CA ILE D 445 -14.08 -27.39 -29.57
C ILE D 445 -13.59 -28.84 -29.64
N PRO D 446 -14.52 -29.83 -29.70
CA PRO D 446 -14.21 -31.27 -29.77
C PRO D 446 -13.15 -31.63 -30.81
N SER D 447 -12.33 -32.64 -30.50
CA SER D 447 -11.28 -33.04 -31.44
C SER D 447 -11.83 -33.39 -32.84
N GLY D 448 -10.97 -33.21 -33.85
CA GLY D 448 -11.37 -33.53 -35.21
C GLY D 448 -12.12 -32.44 -35.94
N ILE D 449 -12.79 -31.58 -35.19
CA ILE D 449 -13.55 -30.51 -35.79
C ILE D 449 -12.77 -29.66 -36.76
N ILE D 450 -13.45 -29.26 -37.84
CA ILE D 450 -12.92 -28.43 -38.91
C ILE D 450 -13.80 -27.22 -39.15
N ILE D 451 -13.29 -26.03 -38.87
CA ILE D 451 -14.02 -24.78 -39.07
C ILE D 451 -13.43 -24.09 -40.29
#